data_3H5A
#
_entry.id   3H5A
#
_cell.length_a   144.649
_cell.length_b   145.035
_cell.length_c   158.688
_cell.angle_alpha   90.000
_cell.angle_beta   90.000
_cell.angle_gamma   90.000
#
_symmetry.space_group_name_H-M   'P 21 21 21'
#
loop_
_entity.id
_entity.type
_entity.pdbx_description
1 polymer 'MccB protein'
2 non-polymer 'ZINC ION'
#
_entity_poly.entity_id   1
_entity_poly.type   'polypeptide(L)'
_entity_poly.pdbx_seq_one_letter_code
;MDYILGRYVKIARYGSGGLVGGGGKEQYVENLVLWENIIKTAYCFITPSSYTAALETANIPEKDFSNCFRFLKENFFIIP
GEYNNSTENNRYSRNFLHYQSYGANPVLVQDKLKNAKVVILGCGGIGNHVSVILATSGIGEIILIDNDQIENTNLTRQVL
FSEDDVGKNKTEVIKRELLKRNSEISVSEIALNINDYTDLHKVPEADIWVVSADHPFNLINWVNKYCVRANQPYINAGYV
NDIAVFGPLYVPGKTGCYECQKVVADLYGSEKENIDHKIKLINSRFKPATFAPVNNVAAALCAADVIKFIGKYSEPLSLN
KRIGIWSDEIKIHSQNMGRSPVCSVCGNRMLEHHHHHH
;
_entity_poly.pdbx_strand_id   A,B,C,D
#
# COMPACT_ATOMS: atom_id res chain seq x y z
N MET A 1 19.57 29.63 -42.29
CA MET A 1 19.48 28.32 -41.59
C MET A 1 19.28 27.20 -42.62
N ASP A 2 20.38 26.53 -42.94
CA ASP A 2 20.37 25.39 -43.84
C ASP A 2 20.16 24.10 -43.05
N TYR A 3 19.39 23.20 -43.63
CA TYR A 3 19.16 21.91 -43.00
C TYR A 3 19.78 20.79 -43.81
N ILE A 4 20.17 19.71 -43.13
CA ILE A 4 20.79 18.56 -43.80
C ILE A 4 20.24 17.24 -43.27
N LEU A 5 20.13 16.23 -44.13
CA LEU A 5 19.67 14.93 -43.67
C LEU A 5 20.74 14.25 -42.81
N GLY A 6 20.32 13.72 -41.67
CA GLY A 6 21.22 13.05 -40.75
C GLY A 6 21.78 11.85 -41.45
N ARG A 7 23.04 11.57 -41.25
CA ARG A 7 23.67 10.48 -41.96
C ARG A 7 23.26 9.11 -41.36
N TYR A 8 22.49 9.16 -40.29
CA TYR A 8 22.03 8.00 -39.52
C TYR A 8 20.58 7.60 -39.85
N VAL A 9 19.97 8.25 -40.84
CA VAL A 9 18.58 7.93 -41.19
C VAL A 9 18.46 6.82 -42.24
N LYS A 10 17.59 5.85 -41.94
CA LYS A 10 17.36 4.68 -42.78
C LYS A 10 15.89 4.65 -43.08
N ILE A 11 15.56 4.09 -44.24
CA ILE A 11 14.19 4.03 -44.68
C ILE A 11 13.81 2.61 -45.06
N ALA A 12 12.56 2.25 -44.78
CA ALA A 12 12.05 0.95 -45.21
C ALA A 12 10.52 0.89 -45.41
N ARG A 13 10.13 0.08 -46.39
CA ARG A 13 8.74 -0.27 -46.66
C ARG A 13 8.27 -1.27 -45.58
N TYR A 14 7.14 -0.95 -44.94
CA TYR A 14 6.66 -1.74 -43.78
C TYR A 14 5.26 -1.30 -43.30
N GLY A 15 4.35 -2.27 -43.15
CA GLY A 15 2.97 -2.01 -42.73
C GLY A 15 2.10 -1.36 -43.79
N SER A 16 1.26 -0.41 -43.38
CA SER A 16 0.46 0.38 -44.30
C SER A 16 1.23 1.60 -44.82
N GLY A 17 2.09 2.16 -43.96
CA GLY A 17 3.02 3.21 -44.39
C GLY A 17 4.46 2.74 -44.52
N GLY A 18 5.35 3.37 -43.75
CA GLY A 18 6.75 2.97 -43.72
C GLY A 18 7.52 3.45 -42.50
N LEU A 19 8.77 3.03 -42.44
CA LEU A 19 9.66 3.40 -41.36
C LEU A 19 10.71 4.41 -41.78
N VAL A 20 10.91 5.38 -40.92
CA VAL A 20 11.91 6.43 -41.05
C VAL A 20 12.68 6.46 -39.74
N GLY A 21 13.98 6.18 -39.76
CA GLY A 21 14.75 6.41 -38.58
C GLY A 21 15.78 5.38 -38.14
N GLY A 22 15.33 4.16 -37.85
CA GLY A 22 16.21 3.14 -37.24
C GLY A 22 16.78 3.48 -35.85
N GLY A 23 16.62 2.56 -34.90
CA GLY A 23 17.02 2.81 -33.52
C GLY A 23 15.85 3.27 -32.67
N GLY A 24 16.13 3.78 -31.47
CA GLY A 24 15.10 4.26 -30.56
C GLY A 24 14.30 5.45 -31.08
N LYS A 25 14.90 6.19 -32.01
CA LYS A 25 14.26 7.35 -32.61
C LYS A 25 13.48 7.01 -33.90
N GLU A 26 13.23 5.71 -34.09
CA GLU A 26 12.50 5.21 -35.25
C GLU A 26 11.01 5.60 -35.21
N GLN A 27 10.49 6.03 -36.35
CA GLN A 27 9.10 6.44 -36.49
C GLN A 27 8.35 5.54 -37.43
N TYR A 28 7.11 5.24 -37.09
CA TYR A 28 6.24 4.50 -37.98
C TYR A 28 5.14 5.41 -38.54
N VAL A 29 5.14 5.58 -39.85
CA VAL A 29 4.15 6.43 -40.47
C VAL A 29 3.19 5.61 -41.32
N GLU A 30 1.89 5.85 -41.11
CA GLU A 30 0.82 4.98 -41.61
C GLU A 30 0.34 5.27 -43.04
N ASN A 31 -0.02 6.53 -43.27
CA ASN A 31 -0.43 6.97 -44.60
C ASN A 31 0.72 6.87 -45.62
N LEU A 32 0.68 5.85 -46.48
CA LEU A 32 1.74 5.63 -47.47
C LEU A 32 1.93 6.84 -48.43
N VAL A 33 0.88 7.63 -48.59
CA VAL A 33 0.96 8.91 -49.32
C VAL A 33 1.97 9.83 -48.64
N LEU A 34 1.76 10.07 -47.34
CA LEU A 34 2.64 10.86 -46.49
C LEU A 34 4.06 10.28 -46.38
N TRP A 35 4.18 8.95 -46.31
CA TRP A 35 5.48 8.31 -46.25
C TRP A 35 6.33 8.74 -47.43
N GLU A 36 5.90 8.39 -48.64
CA GLU A 36 6.65 8.72 -49.86
C GLU A 36 6.92 10.21 -49.92
N ASN A 37 5.96 11.00 -49.48
CA ASN A 37 6.19 12.43 -49.45
C ASN A 37 7.35 12.79 -48.56
N ILE A 38 7.37 12.23 -47.35
CA ILE A 38 8.53 12.38 -46.45
C ILE A 38 9.86 11.99 -47.12
N ILE A 39 9.91 10.84 -47.79
CA ILE A 39 11.16 10.44 -48.43
C ILE A 39 11.49 11.43 -49.55
N LYS A 40 10.49 11.84 -50.32
CA LYS A 40 10.70 12.81 -51.40
C LYS A 40 11.41 14.02 -50.83
N THR A 41 10.83 14.61 -49.80
CA THR A 41 11.42 15.80 -49.24
C THR A 41 12.76 15.56 -48.53
N ALA A 42 12.95 14.38 -47.94
CA ALA A 42 14.24 14.03 -47.33
C ALA A 42 15.36 14.09 -48.36
N TYR A 43 15.12 13.52 -49.54
CA TYR A 43 16.04 13.56 -50.67
C TYR A 43 16.52 14.97 -50.97
N CYS A 44 15.59 15.91 -50.99
CA CYS A 44 15.87 17.32 -51.18
C CYS A 44 16.87 17.92 -50.18
N PHE A 45 16.98 17.31 -49.00
CA PHE A 45 17.86 17.83 -47.96
C PHE A 45 19.19 17.09 -47.76
N ILE A 46 19.53 16.20 -48.69
CA ILE A 46 20.77 15.44 -48.62
C ILE A 46 21.94 16.39 -48.66
N THR A 47 21.72 17.50 -49.33
CA THR A 47 22.66 18.58 -49.51
C THR A 47 22.26 19.68 -48.52
N PRO A 48 23.23 20.29 -47.81
CA PRO A 48 22.78 21.28 -46.81
C PRO A 48 22.06 22.46 -47.48
N SER A 49 20.78 22.62 -47.22
CA SER A 49 19.96 23.56 -47.99
C SER A 49 18.94 24.26 -47.12
N SER A 50 18.74 25.56 -47.38
CA SER A 50 17.66 26.32 -46.74
C SER A 50 16.30 25.76 -47.17
N TYR A 51 15.26 26.01 -46.37
CA TYR A 51 13.92 25.54 -46.69
C TYR A 51 13.48 25.85 -48.14
N THR A 52 13.67 27.10 -48.57
CA THR A 52 13.19 27.50 -49.89
C THR A 52 14.07 26.89 -50.99
N ALA A 53 15.39 26.84 -50.78
CA ALA A 53 16.29 26.24 -51.77
C ALA A 53 15.98 24.74 -52.01
N ALA A 54 15.69 24.02 -50.94
CA ALA A 54 15.28 22.63 -51.08
C ALA A 54 13.96 22.51 -51.87
N LEU A 55 13.00 23.38 -51.55
CA LEU A 55 11.68 23.43 -52.21
C LEU A 55 11.71 23.51 -53.74
N GLU A 56 12.56 24.38 -54.30
CA GLU A 56 12.77 24.45 -55.75
C GLU A 56 13.02 23.09 -56.37
N THR A 57 13.75 22.24 -55.66
CA THR A 57 14.14 20.93 -56.14
C THR A 57 12.99 19.92 -56.05
N ALA A 58 11.98 20.29 -55.25
CA ALA A 58 10.87 19.38 -54.95
C ALA A 58 9.78 19.40 -56.00
N ASN A 59 9.27 18.21 -56.31
CA ASN A 59 8.14 18.11 -57.22
C ASN A 59 6.83 17.72 -56.56
N ILE A 60 6.50 18.39 -55.45
CA ILE A 60 5.27 18.11 -54.71
C ILE A 60 4.59 19.38 -54.21
N PRO A 61 3.29 19.28 -53.92
CA PRO A 61 2.53 20.43 -53.43
C PRO A 61 3.25 21.18 -52.32
N GLU A 62 3.55 22.44 -52.58
CA GLU A 62 4.17 23.32 -51.61
C GLU A 62 3.65 23.15 -50.16
N LYS A 63 2.37 22.90 -49.97
CA LYS A 63 1.83 22.71 -48.62
C LYS A 63 2.33 21.39 -47.98
N ASP A 64 2.36 20.31 -48.77
CA ASP A 64 2.80 18.99 -48.31
C ASP A 64 4.26 18.95 -47.91
N PHE A 65 5.08 19.72 -48.62
CA PHE A 65 6.48 19.85 -48.30
C PHE A 65 6.64 20.40 -46.88
N SER A 66 5.70 21.27 -46.46
CA SER A 66 5.78 21.92 -45.16
C SER A 66 5.54 20.96 -43.99
N ASN A 67 4.69 19.96 -44.20
CA ASN A 67 4.41 18.93 -43.19
C ASN A 67 5.58 17.99 -42.98
N CYS A 68 6.06 17.44 -44.08
CA CYS A 68 7.25 16.60 -44.10
C CYS A 68 8.43 17.32 -43.49
N PHE A 69 8.65 18.56 -43.90
CA PHE A 69 9.72 19.33 -43.34
C PHE A 69 9.63 19.33 -41.83
N ARG A 70 8.46 19.70 -41.30
CA ARG A 70 8.20 19.77 -39.85
C ARG A 70 8.35 18.41 -39.14
N PHE A 71 7.97 17.33 -39.81
CA PHE A 71 8.19 15.98 -39.33
C PHE A 71 9.69 15.69 -39.18
N LEU A 72 10.40 15.67 -40.32
CA LEU A 72 11.84 15.47 -40.37
C LEU A 72 12.60 16.42 -39.46
N LYS A 73 12.06 17.60 -39.22
CA LYS A 73 12.72 18.54 -38.31
C LYS A 73 12.55 18.15 -36.83
N GLU A 74 11.30 17.96 -36.41
CA GLU A 74 10.96 17.62 -35.03
C GLU A 74 11.61 16.32 -34.60
N ASN A 75 11.65 15.34 -35.51
CA ASN A 75 12.28 14.05 -35.21
C ASN A 75 13.80 13.98 -35.32
N PHE A 76 14.40 15.06 -35.79
CA PHE A 76 15.85 15.19 -35.94
C PHE A 76 16.43 14.34 -37.09
N PHE A 77 15.59 14.05 -38.07
CA PHE A 77 16.03 13.43 -39.29
C PHE A 77 16.75 14.43 -40.19
N ILE A 78 16.29 15.68 -40.14
CA ILE A 78 17.08 16.74 -40.70
C ILE A 78 17.48 17.60 -39.54
N ILE A 79 18.70 18.12 -39.63
CA ILE A 79 19.33 18.88 -38.56
C ILE A 79 19.96 20.14 -39.17
N PRO A 80 20.13 21.21 -38.36
CA PRO A 80 20.88 22.35 -38.86
C PRO A 80 22.23 21.95 -39.45
N GLY A 81 22.60 22.57 -40.56
CA GLY A 81 23.87 22.32 -41.22
C GLY A 81 25.07 22.65 -40.34
N GLU A 82 24.90 23.60 -39.43
CA GLU A 82 25.99 24.01 -38.52
C GLU A 82 26.51 22.81 -37.74
N TYR A 83 25.63 21.86 -37.44
CA TYR A 83 25.92 20.68 -36.65
C TYR A 83 26.89 19.67 -37.28
N ASN A 84 27.41 19.97 -38.47
CA ASN A 84 28.34 19.07 -39.17
C ASN A 84 29.83 19.45 -39.18
N ASN A 85 30.16 20.62 -38.64
CA ASN A 85 31.57 21.03 -38.49
C ASN A 85 32.25 20.28 -37.35
N SER A 86 33.22 19.43 -37.67
CA SER A 86 33.96 18.68 -36.64
C SER A 86 35.49 18.78 -36.86
N THR A 87 36.14 17.63 -37.13
CA THR A 87 37.57 17.58 -37.54
C THR A 87 37.84 16.28 -38.31
N GLU A 88 39.08 16.13 -38.79
CA GLU A 88 39.50 14.99 -39.59
C GLU A 88 39.93 13.76 -38.76
N ASN A 90 38.31 13.58 -35.63
CA ASN A 90 37.83 14.16 -34.38
C ASN A 90 38.11 13.32 -33.11
N ARG A 91 37.98 12.00 -33.22
CA ARG A 91 38.12 11.07 -32.07
C ARG A 91 36.77 10.79 -31.40
N TYR A 92 35.95 11.84 -31.27
CA TYR A 92 34.60 11.67 -30.78
C TYR A 92 33.60 11.72 -31.94
N SER A 93 34.06 11.40 -33.16
CA SER A 93 33.18 11.44 -34.34
C SER A 93 32.09 10.36 -34.26
N ARG A 94 32.42 9.21 -33.68
CA ARG A 94 31.46 8.12 -33.54
C ARG A 94 30.28 8.59 -32.68
N ASN A 95 30.61 9.31 -31.61
CA ASN A 95 29.59 9.78 -30.70
C ASN A 95 28.76 10.90 -31.27
N PHE A 96 29.30 11.57 -32.26
CA PHE A 96 28.68 12.77 -32.79
C PHE A 96 27.35 12.54 -33.50
N LEU A 97 27.21 11.42 -34.21
CA LEU A 97 25.96 11.11 -34.89
C LEU A 97 24.87 10.82 -33.88
N HIS A 98 25.23 10.11 -32.83
CA HIS A 98 24.34 9.88 -31.70
C HIS A 98 23.75 11.19 -31.12
N TYR A 99 24.60 12.18 -30.82
CA TYR A 99 24.11 13.47 -30.33
C TYR A 99 23.26 14.17 -31.38
N GLN A 100 23.66 14.09 -32.66
CA GLN A 100 22.86 14.71 -33.73
C GLN A 100 21.44 14.14 -33.70
N SER A 101 21.36 12.82 -33.63
CA SER A 101 20.11 12.12 -33.78
C SER A 101 19.13 12.41 -32.64
N TYR A 102 19.66 12.97 -31.54
CA TYR A 102 18.83 13.39 -30.41
C TYR A 102 18.57 14.87 -30.45
N GLY A 103 19.12 15.55 -31.44
CA GLY A 103 18.81 16.93 -31.69
C GLY A 103 19.72 17.93 -31.02
N ALA A 104 20.93 17.54 -30.66
CA ALA A 104 21.84 18.48 -30.04
C ALA A 104 22.97 18.83 -30.97
N ASN A 105 23.58 19.99 -30.76
CA ASN A 105 24.80 20.32 -31.46
C ASN A 105 25.95 19.49 -30.89
N PRO A 106 26.50 18.58 -31.70
CA PRO A 106 27.49 17.67 -31.14
C PRO A 106 28.60 18.41 -30.44
N VAL A 107 28.86 19.64 -30.89
CA VAL A 107 29.99 20.39 -30.40
C VAL A 107 29.65 21.06 -29.07
N LEU A 108 28.45 21.62 -28.97
CA LEU A 108 27.95 22.04 -27.69
C LEU A 108 28.17 20.94 -26.65
N VAL A 109 27.61 19.77 -26.92
CA VAL A 109 27.72 18.61 -26.04
C VAL A 109 29.15 18.27 -25.60
N GLN A 110 30.08 18.07 -26.54
CA GLN A 110 31.48 17.82 -26.14
C GLN A 110 32.05 18.92 -25.24
N ASP A 111 31.78 20.19 -25.56
CA ASP A 111 32.34 21.27 -24.76
C ASP A 111 31.88 21.09 -23.30
N LYS A 112 30.57 20.88 -23.08
CA LYS A 112 30.04 20.60 -21.75
C LYS A 112 30.74 19.43 -21.07
N LEU A 113 31.04 18.37 -21.81
CA LEU A 113 31.72 17.25 -21.23
C LEU A 113 33.13 17.62 -20.81
N LYS A 114 33.84 18.42 -21.62
CA LYS A 114 35.22 18.80 -21.30
C LYS A 114 35.21 19.74 -20.11
N ASN A 115 34.10 20.45 -19.94
CA ASN A 115 33.98 21.43 -18.86
C ASN A 115 33.33 20.90 -17.59
N ALA A 116 33.14 19.59 -17.52
CA ALA A 116 32.50 18.98 -16.35
C ALA A 116 33.49 18.30 -15.40
N LYS A 117 33.05 18.20 -14.15
CA LYS A 117 33.83 17.66 -13.05
C LYS A 117 32.92 16.57 -12.48
N VAL A 118 33.42 15.34 -12.38
CA VAL A 118 32.61 14.21 -11.92
C VAL A 118 33.34 13.48 -10.82
N VAL A 119 32.65 13.23 -9.71
CA VAL A 119 33.20 12.53 -8.56
C VAL A 119 32.84 11.05 -8.64
N ILE A 120 33.80 10.16 -8.52
CA ILE A 120 33.48 8.73 -8.42
C ILE A 120 33.59 8.38 -6.94
N LEU A 121 32.46 8.33 -6.25
CA LEU A 121 32.48 8.05 -4.83
C LEU A 121 32.51 6.55 -4.54
N GLY A 122 33.71 5.98 -4.44
CA GLY A 122 33.82 4.53 -4.33
C GLY A 122 34.26 3.97 -5.66
N CYS A 123 35.43 3.32 -5.66
CA CYS A 123 36.04 2.84 -6.88
C CYS A 123 36.11 1.31 -6.90
N GLY A 124 35.02 0.66 -6.51
CA GLY A 124 34.88 -0.78 -6.74
C GLY A 124 34.70 -1.08 -8.23
N GLY A 125 34.20 -2.27 -8.55
CA GLY A 125 33.87 -2.62 -9.92
C GLY A 125 33.02 -1.59 -10.67
N ILE A 126 31.90 -1.16 -10.08
CA ILE A 126 31.03 -0.20 -10.77
C ILE A 126 31.76 1.12 -11.02
N GLY A 127 32.28 1.75 -9.97
CA GLY A 127 32.99 3.01 -10.11
C GLY A 127 34.10 2.96 -11.13
N ASN A 128 34.94 1.94 -10.99
CA ASN A 128 35.98 1.61 -11.95
C ASN A 128 35.55 1.79 -13.41
N HIS A 129 34.62 0.91 -13.77
CA HIS A 129 34.07 0.85 -15.10
C HIS A 129 33.41 2.14 -15.57
N VAL A 130 32.69 2.83 -14.68
CA VAL A 130 32.04 4.09 -15.02
C VAL A 130 33.08 5.14 -15.39
N SER A 131 34.14 5.23 -14.61
CA SER A 131 35.16 6.21 -14.88
C SER A 131 35.82 5.99 -16.26
N VAL A 132 36.09 4.73 -16.61
CA VAL A 132 36.66 4.46 -17.93
C VAL A 132 35.76 4.98 -19.03
N ILE A 133 34.48 4.65 -18.93
CA ILE A 133 33.53 5.06 -19.94
C ILE A 133 33.48 6.58 -20.02
N LEU A 134 33.42 7.24 -18.86
CA LEU A 134 33.31 8.70 -18.81
C LEU A 134 34.56 9.35 -19.35
N ALA A 135 35.72 8.77 -19.03
CA ALA A 135 37.01 9.26 -19.52
C ALA A 135 37.10 9.17 -21.03
N THR A 136 36.86 7.98 -21.55
CA THR A 136 36.94 7.77 -22.99
C THR A 136 35.84 8.53 -23.73
N SER A 137 34.91 9.16 -23.03
CA SER A 137 33.91 9.94 -23.75
C SER A 137 34.13 11.46 -23.73
N GLY A 138 35.13 11.89 -22.97
CA GLY A 138 35.50 13.30 -22.96
C GLY A 138 35.25 14.09 -21.69
N ILE A 139 34.89 13.42 -20.59
CA ILE A 139 34.69 14.14 -19.34
C ILE A 139 36.02 14.75 -18.90
N GLY A 140 36.03 16.09 -18.84
CA GLY A 140 37.21 16.90 -18.51
C GLY A 140 37.95 16.59 -17.22
N GLU A 141 37.22 16.57 -16.10
CA GLU A 141 37.83 16.31 -14.80
C GLU A 141 37.17 15.14 -14.07
N ILE A 142 37.97 14.26 -13.47
CA ILE A 142 37.41 13.13 -12.74
C ILE A 142 38.05 13.05 -11.37
N ILE A 143 37.23 12.94 -10.32
CA ILE A 143 37.78 12.87 -8.96
C ILE A 143 37.51 11.52 -8.33
N LEU A 144 38.56 10.73 -8.16
CA LEU A 144 38.44 9.36 -7.67
C LEU A 144 38.58 9.32 -6.17
N ILE A 145 37.52 8.90 -5.47
CA ILE A 145 37.56 8.82 -4.02
C ILE A 145 37.48 7.40 -3.54
N ASP A 146 38.55 6.97 -2.87
CA ASP A 146 38.65 5.62 -2.31
C ASP A 146 39.91 5.49 -1.46
N ASN A 147 39.89 4.55 -0.51
CA ASN A 147 41.06 4.30 0.33
C ASN A 147 41.48 2.84 0.42
N ASP A 148 41.07 2.04 -0.57
CA ASP A 148 41.43 0.62 -0.61
C ASP A 148 42.63 0.31 -1.51
N GLN A 149 43.21 -0.87 -1.29
CA GLN A 149 44.25 -1.39 -2.14
C GLN A 149 43.67 -2.52 -3.00
N ILE A 150 44.24 -2.72 -4.18
CA ILE A 150 43.82 -3.81 -5.05
C ILE A 150 44.20 -5.15 -4.46
N GLU A 151 43.20 -6.00 -4.27
CA GLU A 151 43.45 -7.34 -3.78
C GLU A 151 43.43 -8.32 -4.96
N ASN A 152 44.00 -9.48 -4.68
CA ASN A 152 43.79 -10.75 -5.38
C ASN A 152 42.43 -10.94 -6.15
N THR A 153 41.33 -10.93 -5.40
CA THR A 153 39.98 -11.25 -5.93
C THR A 153 39.30 -10.11 -6.71
N ASN A 154 39.88 -8.91 -6.68
CA ASN A 154 39.31 -7.75 -7.37
C ASN A 154 39.39 -7.88 -8.87
N LEU A 155 40.34 -8.69 -9.32
CA LEU A 155 40.66 -8.79 -10.73
C LEU A 155 39.54 -9.40 -11.54
N THR A 156 38.59 -10.04 -10.88
CA THR A 156 37.45 -10.63 -11.57
C THR A 156 36.37 -9.63 -11.94
N ARG A 157 36.43 -8.44 -11.35
CA ARG A 157 35.34 -7.50 -11.45
C ARG A 157 35.78 -6.19 -12.06
N GLN A 158 37.02 -5.82 -11.80
CA GLN A 158 37.46 -4.47 -12.04
C GLN A 158 38.44 -4.52 -13.19
N VAL A 159 37.83 -4.42 -14.37
CA VAL A 159 38.42 -4.68 -15.69
C VAL A 159 39.60 -3.79 -16.16
N LEU A 160 40.20 -3.02 -15.23
CA LEU A 160 41.38 -2.19 -15.50
C LEU A 160 42.67 -2.68 -14.84
N PHE A 161 42.58 -3.65 -13.93
CA PHE A 161 43.71 -3.98 -13.09
C PHE A 161 44.50 -5.15 -13.64
N SER A 162 45.82 -5.10 -13.51
CA SER A 162 46.65 -6.21 -13.97
C SER A 162 47.01 -7.01 -12.76
N GLU A 163 47.62 -8.17 -12.95
CA GLU A 163 48.14 -8.94 -11.82
C GLU A 163 49.25 -8.22 -11.07
N ASP A 164 49.91 -7.28 -11.73
CA ASP A 164 51.06 -6.55 -11.17
C ASP A 164 50.63 -5.32 -10.33
N ASP A 165 49.32 -5.20 -10.13
CA ASP A 165 48.72 -4.05 -9.45
C ASP A 165 48.22 -4.41 -8.06
N VAL A 166 48.05 -5.70 -7.78
CA VAL A 166 47.68 -6.12 -6.43
C VAL A 166 48.64 -5.51 -5.41
N GLY A 167 48.09 -4.96 -4.32
CA GLY A 167 48.88 -4.22 -3.35
C GLY A 167 48.81 -2.70 -3.48
N LYS A 168 48.70 -2.17 -4.70
CA LYS A 168 48.66 -0.72 -4.91
C LYS A 168 47.30 -0.09 -4.61
N ASN A 169 47.26 1.23 -4.46
CA ASN A 169 45.98 1.89 -4.22
C ASN A 169 45.14 1.84 -5.49
N LYS A 170 43.84 1.56 -5.32
CA LYS A 170 42.89 1.63 -6.41
C LYS A 170 42.91 2.94 -7.18
N THR A 171 42.83 4.07 -6.50
CA THR A 171 42.78 5.34 -7.22
C THR A 171 44.07 5.56 -7.98
N GLU A 172 45.16 5.04 -7.45
CA GLU A 172 46.47 5.20 -8.09
C GLU A 172 46.48 4.61 -9.50
N VAL A 173 46.10 3.32 -9.57
CA VAL A 173 46.08 2.55 -10.79
C VAL A 173 45.06 3.08 -11.79
N ILE A 174 43.85 3.40 -11.30
CA ILE A 174 42.78 3.90 -12.16
C ILE A 174 43.25 5.18 -12.80
N LYS A 175 43.92 6.03 -12.01
CA LYS A 175 44.43 7.30 -12.49
C LYS A 175 45.47 7.11 -13.59
N ARG A 176 46.34 6.12 -13.46
CA ARG A 176 47.32 5.91 -14.53
C ARG A 176 46.60 5.37 -15.76
N GLU A 177 45.70 4.41 -15.56
CA GLU A 177 44.98 3.81 -16.67
C GLU A 177 44.08 4.79 -17.42
N LEU A 178 43.51 5.78 -16.71
CA LEU A 178 42.67 6.76 -17.38
C LEU A 178 43.51 7.77 -18.16
N LEU A 179 44.78 7.93 -17.76
CA LEU A 179 45.63 8.89 -18.44
C LEU A 179 46.19 8.33 -19.72
N LYS A 180 46.42 7.02 -19.72
CA LYS A 180 46.82 6.29 -20.95
C LYS A 180 45.73 6.40 -22.02
N ARG A 181 44.48 6.41 -21.57
CA ARG A 181 43.33 6.39 -22.46
C ARG A 181 42.97 7.78 -22.95
N ASN A 182 43.30 8.78 -22.14
CA ASN A 182 43.04 10.17 -22.53
C ASN A 182 43.84 11.13 -21.67
N SER A 183 44.89 11.69 -22.25
CA SER A 183 45.79 12.54 -21.51
C SER A 183 45.37 14.00 -21.61
N GLU A 184 44.23 14.26 -22.22
CA GLU A 184 43.69 15.62 -22.31
C GLU A 184 42.77 15.91 -21.12
N ILE A 185 42.80 15.05 -20.10
CA ILE A 185 41.89 15.20 -18.97
C ILE A 185 42.64 15.21 -17.67
N SER A 186 42.03 15.77 -16.62
CA SER A 186 42.68 15.71 -15.33
C SER A 186 41.89 14.91 -14.34
N VAL A 187 42.64 14.28 -13.43
CA VAL A 187 42.14 13.32 -12.49
C VAL A 187 42.80 13.55 -11.13
N SER A 188 41.99 13.68 -10.08
CA SER A 188 42.51 13.75 -8.72
C SER A 188 42.14 12.53 -7.91
N GLU A 189 42.89 12.32 -6.83
CA GLU A 189 42.62 11.25 -5.88
C GLU A 189 42.37 11.82 -4.48
N ILE A 190 41.56 11.11 -3.71
CA ILE A 190 41.28 11.49 -2.34
C ILE A 190 41.22 10.19 -1.57
N ALA A 191 42.10 10.05 -0.59
CA ALA A 191 42.28 8.80 0.10
C ALA A 191 41.26 8.76 1.21
N LEU A 192 40.06 8.30 0.89
CA LEU A 192 38.96 8.44 1.82
C LEU A 192 37.85 7.43 1.57
N ASN A 193 37.52 6.64 2.59
CA ASN A 193 36.30 5.83 2.57
C ASN A 193 35.24 6.41 3.48
N ILE A 194 34.00 6.37 3.03
CA ILE A 194 32.95 6.92 3.83
C ILE A 194 32.51 5.94 4.90
N ASN A 195 33.01 6.12 6.12
CA ASN A 195 32.64 5.21 7.19
C ASN A 195 31.51 5.75 8.05
N ASP A 196 31.47 7.07 8.20
CA ASP A 196 30.41 7.75 8.95
C ASP A 196 29.76 8.76 8.03
N TYR A 197 28.47 9.00 8.25
CA TYR A 197 27.76 10.00 7.47
C TYR A 197 28.56 11.29 7.31
N THR A 198 29.26 11.70 8.36
CA THR A 198 29.89 13.03 8.37
C THR A 198 31.08 13.14 7.43
N ASP A 199 31.59 12.01 6.94
CA ASP A 199 32.73 12.02 6.01
C ASP A 199 32.35 12.65 4.69
N LEU A 200 31.05 12.79 4.46
CA LEU A 200 30.53 13.35 3.23
C LEU A 200 30.86 14.83 3.08
N HIS A 201 31.06 15.52 4.21
CA HIS A 201 31.52 16.91 4.20
C HIS A 201 32.86 17.05 3.46
N LYS A 202 33.65 15.98 3.46
CA LYS A 202 34.96 16.03 2.81
C LYS A 202 34.94 15.77 1.29
N VAL A 203 33.78 15.42 0.74
CA VAL A 203 33.71 15.13 -0.68
C VAL A 203 33.48 16.46 -1.38
N PRO A 204 34.31 16.76 -2.40
CA PRO A 204 34.17 18.05 -3.10
C PRO A 204 32.88 18.16 -3.89
N GLU A 205 32.59 19.38 -4.31
CA GLU A 205 31.40 19.69 -5.08
C GLU A 205 31.73 19.41 -6.53
N ALA A 206 30.73 18.94 -7.28
CA ALA A 206 30.90 18.57 -8.69
C ALA A 206 29.58 18.65 -9.44
N ASP A 207 29.64 18.51 -10.75
CA ASP A 207 28.43 18.50 -11.58
C ASP A 207 27.53 17.36 -11.18
N ILE A 208 28.12 16.24 -10.75
CA ILE A 208 27.39 15.06 -10.31
C ILE A 208 28.32 14.11 -9.55
N TRP A 209 27.78 13.39 -8.57
CA TRP A 209 28.50 12.33 -7.87
C TRP A 209 28.01 10.97 -8.39
N VAL A 210 28.95 10.07 -8.68
CA VAL A 210 28.60 8.70 -9.01
C VAL A 210 28.81 7.88 -7.76
N VAL A 211 27.73 7.36 -7.21
CA VAL A 211 27.79 6.74 -5.92
C VAL A 211 27.55 5.26 -6.08
N SER A 212 28.62 4.49 -5.99
CA SER A 212 28.57 3.12 -6.41
C SER A 212 29.05 2.14 -5.39
N ALA A 213 29.82 2.59 -4.41
CA ALA A 213 30.29 1.72 -3.34
C ALA A 213 29.07 1.06 -2.68
N ASP A 214 29.25 -0.20 -2.31
CA ASP A 214 28.18 -1.09 -1.88
C ASP A 214 28.07 -1.33 -0.35
N HIS A 215 29.13 -0.91 0.37
CA HIS A 215 29.27 -1.01 1.83
C HIS A 215 29.38 0.41 2.45
N PRO A 216 28.57 0.73 3.50
CA PRO A 216 27.48 -0.09 4.06
C PRO A 216 26.24 -0.06 3.19
N PHE A 217 25.41 -1.11 3.29
CA PHE A 217 24.08 -1.18 2.64
C PHE A 217 23.40 0.19 2.65
N ASN A 218 23.72 1.02 3.65
CA ASN A 218 23.03 2.30 3.84
C ASN A 218 23.83 3.53 3.44
N LEU A 219 24.86 3.33 2.63
CA LEU A 219 25.59 4.46 2.06
C LEU A 219 24.63 5.40 1.34
N ILE A 220 23.75 4.83 0.53
CA ILE A 220 22.84 5.62 -0.27
C ILE A 220 21.94 6.52 0.60
N ASN A 221 21.49 6.03 1.74
CA ASN A 221 20.70 6.86 2.64
C ASN A 221 21.42 8.13 3.05
N TRP A 222 22.68 7.96 3.48
CA TRP A 222 23.57 9.03 3.84
C TRP A 222 23.73 10.00 2.69
N VAL A 223 24.20 9.46 1.58
CA VAL A 223 24.49 10.24 0.39
C VAL A 223 23.27 11.02 -0.06
N ASN A 224 22.10 10.42 0.09
CA ASN A 224 20.84 11.07 -0.29
C ASN A 224 20.52 12.26 0.58
N LYS A 225 20.62 12.08 1.89
CA LYS A 225 20.37 13.16 2.86
C LYS A 225 21.35 14.30 2.57
N TYR A 226 22.62 13.96 2.55
CA TYR A 226 23.64 14.93 2.37
C TYR A 226 23.47 15.70 1.07
N CYS A 227 23.12 15.00 0.01
CA CYS A 227 23.04 15.64 -1.29
C CYS A 227 21.84 16.53 -1.40
N VAL A 228 20.72 16.10 -0.81
CA VAL A 228 19.53 16.94 -0.70
C VAL A 228 19.90 18.26 0.01
N ARG A 229 20.59 18.14 1.13
CA ARG A 229 20.91 19.27 1.96
C ARG A 229 21.96 20.17 1.32
N ALA A 230 22.92 19.56 0.61
CA ALA A 230 24.04 20.29 0.03
C ALA A 230 23.76 20.70 -1.40
N ASN A 231 22.55 20.48 -1.87
CA ASN A 231 22.19 20.85 -3.25
C ASN A 231 23.09 20.19 -4.33
N GLN A 232 23.26 18.87 -4.22
CA GLN A 232 24.27 18.17 -5.02
C GLN A 232 23.71 17.02 -5.88
N PRO A 233 23.73 17.17 -7.21
CA PRO A 233 23.23 16.01 -7.96
C PRO A 233 24.09 14.76 -7.75
N TYR A 234 23.46 13.61 -7.75
CA TYR A 234 24.17 12.33 -7.67
C TYR A 234 23.40 11.27 -8.45
N ILE A 235 24.05 10.16 -8.72
CA ILE A 235 23.39 9.02 -9.31
C ILE A 235 23.96 7.79 -8.66
N ASN A 236 23.11 6.81 -8.48
CA ASN A 236 23.45 5.67 -7.68
C ASN A 236 23.42 4.41 -8.55
N ALA A 237 24.27 3.44 -8.23
CA ALA A 237 24.42 2.25 -9.02
C ALA A 237 24.98 1.18 -8.11
N GLY A 238 24.62 -0.07 -8.35
CA GLY A 238 25.06 -1.19 -7.51
C GLY A 238 24.39 -2.48 -7.95
N TYR A 239 24.43 -3.47 -7.07
CA TYR A 239 23.86 -4.76 -7.38
C TYR A 239 23.23 -5.41 -6.15
N VAL A 240 22.18 -6.20 -6.34
CA VAL A 240 21.71 -7.05 -5.25
C VAL A 240 21.86 -8.51 -5.70
N ASN A 241 22.85 -9.17 -5.14
CA ASN A 241 23.33 -10.45 -5.70
C ASN A 241 23.41 -10.38 -7.23
N ASP A 242 22.56 -11.09 -7.96
CA ASP A 242 22.71 -11.16 -9.43
C ASP A 242 21.86 -10.14 -10.18
N ILE A 243 21.29 -9.16 -9.47
CA ILE A 243 20.46 -8.15 -10.09
C ILE A 243 21.28 -6.86 -10.13
N ALA A 244 21.34 -6.23 -11.29
CA ALA A 244 22.08 -4.99 -11.44
C ALA A 244 21.12 -3.83 -11.29
N VAL A 245 21.45 -2.93 -10.38
CA VAL A 245 20.61 -1.82 -10.04
C VAL A 245 21.31 -0.54 -10.46
N PHE A 246 20.55 0.40 -11.02
CA PHE A 246 21.03 1.78 -11.12
C PHE A 246 19.84 2.75 -11.04
N GLY A 247 20.15 3.98 -10.60
CA GLY A 247 19.16 5.02 -10.42
C GLY A 247 18.93 5.09 -8.95
N PRO A 248 18.31 6.16 -8.45
CA PRO A 248 17.86 7.38 -9.08
C PRO A 248 19.01 8.28 -9.47
N LEU A 249 18.78 9.15 -10.43
CA LEU A 249 19.65 10.26 -10.63
C LEU A 249 18.91 11.43 -10.00
N TYR A 250 19.43 11.93 -8.87
CA TYR A 250 18.82 13.04 -8.13
C TYR A 250 19.27 14.43 -8.64
N VAL A 251 18.32 15.25 -9.10
CA VAL A 251 18.58 16.62 -9.54
C VAL A 251 17.83 17.59 -8.63
N PRO A 252 18.55 18.36 -7.79
CA PRO A 252 18.02 19.22 -6.74
C PRO A 252 16.69 19.92 -7.01
N GLY A 253 16.66 20.84 -7.95
CA GLY A 253 15.36 21.48 -8.17
C GLY A 253 14.24 20.49 -8.55
N LYS A 254 14.59 19.53 -9.40
CA LYS A 254 13.67 19.05 -10.40
C LYS A 254 13.37 17.56 -10.35
N THR A 255 13.50 16.93 -9.20
CA THR A 255 13.42 15.47 -9.18
C THR A 255 13.10 14.92 -7.79
N GLY A 256 12.74 13.64 -7.73
CA GLY A 256 12.58 12.96 -6.45
C GLY A 256 13.90 12.52 -5.88
N CYS A 257 13.91 12.22 -4.59
CA CYS A 257 15.12 11.76 -3.93
C CYS A 257 14.94 10.31 -3.54
N TYR A 258 15.98 9.71 -3.00
CA TYR A 258 15.91 8.31 -2.66
C TYR A 258 14.76 7.97 -1.68
N GLU A 259 14.26 8.95 -0.96
CA GLU A 259 13.28 8.67 0.06
C GLU A 259 11.88 9.15 -0.28
N CYS A 260 11.73 9.82 -1.41
CA CYS A 260 10.43 10.29 -1.86
C CYS A 260 9.31 9.23 -1.84
N GLN A 261 9.66 7.94 -1.87
CA GLN A 261 8.66 6.87 -1.77
C GLN A 261 9.21 5.72 -0.89
N LYS A 262 8.75 4.49 -1.09
CA LYS A 262 9.17 3.36 -0.24
C LYS A 262 10.03 2.24 -0.90
N VAL A 263 10.86 1.62 -0.02
CA VAL A 263 11.71 0.45 -0.27
C VAL A 263 12.17 0.07 1.16
N VAL A 264 12.09 -1.23 1.52
CA VAL A 264 12.69 -1.76 2.78
C VAL A 264 12.24 -1.11 4.14
N ALA A 265 12.20 0.24 4.19
CA ALA A 265 11.86 1.07 5.39
C ALA A 265 12.92 0.95 6.49
N ASP A 266 13.95 0.15 6.18
CA ASP A 266 14.99 -0.34 7.10
C ASP A 266 14.87 -1.87 7.32
N LEU A 267 16.01 -2.50 7.57
CA LEU A 267 16.02 -3.87 8.06
C LEU A 267 15.21 -3.88 9.35
N TYR A 268 14.55 -4.99 9.62
CA TYR A 268 14.14 -5.28 10.98
C TYR A 268 14.65 -6.66 11.35
N GLY A 269 15.02 -6.80 12.62
CA GLY A 269 15.37 -8.10 13.20
C GLY A 269 14.15 -8.58 13.94
N SER A 270 14.31 -9.61 14.75
CA SER A 270 13.18 -10.15 15.46
C SER A 270 12.95 -9.44 16.77
N GLU A 271 11.70 -9.48 17.22
CA GLU A 271 11.31 -8.97 18.52
C GLU A 271 11.46 -10.04 19.59
N LYS A 272 11.71 -11.28 19.17
CA LYS A 272 12.13 -12.29 20.12
C LYS A 272 13.66 -12.38 20.15
N GLU A 273 14.23 -12.33 21.35
CA GLU A 273 15.67 -12.21 21.49
C GLU A 273 16.41 -13.41 20.99
N ASN A 274 15.90 -14.59 21.30
CA ASN A 274 16.59 -15.81 20.94
C ASN A 274 16.60 -16.05 19.42
N ILE A 275 15.71 -15.36 18.73
CA ILE A 275 15.71 -15.38 17.29
C ILE A 275 16.51 -14.23 16.69
N ASP A 276 16.44 -13.05 17.30
CA ASP A 276 17.30 -11.97 16.88
C ASP A 276 18.78 -12.40 16.86
N HIS A 277 19.26 -13.08 17.91
CA HIS A 277 20.67 -13.48 17.97
C HIS A 277 21.02 -14.39 16.78
N LYS A 278 20.13 -15.34 16.50
CA LYS A 278 20.25 -16.14 15.32
C LYS A 278 20.31 -15.29 14.02
N ILE A 279 19.31 -14.45 13.75
CA ILE A 279 19.43 -13.66 12.53
C ILE A 279 20.68 -12.76 12.57
N LYS A 280 21.03 -12.25 13.74
CA LYS A 280 22.22 -11.37 13.84
C LYS A 280 23.48 -12.08 13.36
N LEU A 281 23.62 -13.36 13.73
CA LEU A 281 24.80 -14.11 13.37
C LEU A 281 24.81 -14.44 11.87
N ILE A 282 23.70 -14.99 11.38
CA ILE A 282 23.57 -15.28 9.97
C ILE A 282 23.90 -14.06 9.11
N ASN A 283 23.40 -12.88 9.47
CA ASN A 283 23.70 -11.69 8.67
C ASN A 283 25.12 -11.18 8.78
N SER A 284 25.83 -11.52 9.83
CA SER A 284 27.20 -11.03 9.97
C SER A 284 28.16 -11.80 9.07
N ARG A 285 27.75 -12.99 8.68
CA ARG A 285 28.51 -13.90 7.85
C ARG A 285 28.30 -13.62 6.38
N PHE A 286 27.50 -12.61 6.07
CA PHE A 286 27.03 -12.40 4.70
C PHE A 286 28.09 -11.87 3.76
N LYS A 287 28.21 -12.52 2.61
CA LYS A 287 28.99 -12.03 1.48
C LYS A 287 28.11 -12.12 0.26
N PRO A 288 28.10 -11.06 -0.58
CA PRO A 288 27.26 -11.09 -1.79
C PRO A 288 27.74 -12.09 -2.85
N ALA A 289 26.76 -12.70 -3.52
CA ALA A 289 26.99 -13.58 -4.66
C ALA A 289 26.95 -12.74 -5.93
N THR A 290 28.11 -12.27 -6.36
CA THR A 290 28.14 -11.35 -7.50
C THR A 290 28.63 -11.98 -8.80
N PHE A 291 28.20 -11.35 -9.88
CA PHE A 291 28.48 -11.81 -11.22
C PHE A 291 28.95 -10.59 -12.03
N ALA A 292 30.25 -10.51 -12.31
CA ALA A 292 30.84 -9.40 -13.10
C ALA A 292 30.04 -8.89 -14.32
N PRO A 293 29.50 -9.79 -15.16
CA PRO A 293 28.70 -9.24 -16.25
C PRO A 293 27.58 -8.29 -15.80
N VAL A 294 27.05 -8.51 -14.59
CA VAL A 294 26.05 -7.61 -14.00
C VAL A 294 26.58 -6.21 -13.62
N ASN A 295 27.63 -6.17 -12.78
CA ASN A 295 28.48 -4.99 -12.63
C ASN A 295 28.55 -4.10 -13.87
N ASN A 296 28.95 -4.69 -14.99
CA ASN A 296 29.14 -3.99 -16.24
C ASN A 296 27.89 -3.32 -16.74
N VAL A 297 26.76 -4.02 -16.65
CA VAL A 297 25.48 -3.49 -17.15
C VAL A 297 25.07 -2.25 -16.35
N ALA A 298 25.10 -2.36 -15.03
CA ALA A 298 24.80 -1.24 -14.14
C ALA A 298 25.73 -0.08 -14.42
N ALA A 299 27.03 -0.38 -14.44
CA ALA A 299 28.04 0.62 -14.70
C ALA A 299 27.84 1.34 -16.03
N ALA A 300 27.50 0.60 -17.09
CA ALA A 300 27.35 1.21 -18.41
C ALA A 300 26.14 2.08 -18.51
N LEU A 301 25.00 1.58 -18.07
CA LEU A 301 23.78 2.40 -18.07
C LEU A 301 23.95 3.62 -17.16
N CYS A 302 24.67 3.44 -16.07
CA CYS A 302 24.95 4.56 -15.19
C CYS A 302 25.74 5.66 -15.90
N ALA A 303 26.81 5.27 -16.58
CA ALA A 303 27.64 6.21 -17.29
C ALA A 303 26.81 6.90 -18.34
N ALA A 304 25.95 6.13 -18.99
CA ALA A 304 25.12 6.64 -20.07
C ALA A 304 24.29 7.78 -19.55
N ASP A 305 23.72 7.61 -18.36
CA ASP A 305 22.87 8.63 -17.77
C ASP A 305 23.64 9.89 -17.36
N VAL A 306 24.88 9.69 -16.87
CA VAL A 306 25.77 10.79 -16.56
C VAL A 306 26.13 11.58 -17.83
N ILE A 307 26.33 10.89 -18.95
CA ILE A 307 26.67 11.57 -20.19
C ILE A 307 25.51 12.44 -20.62
N LYS A 308 24.29 11.91 -20.53
CA LYS A 308 23.10 12.70 -20.88
C LYS A 308 22.85 13.86 -19.92
N PHE A 309 23.07 13.62 -18.62
CA PHE A 309 22.81 14.67 -17.64
C PHE A 309 23.67 15.90 -17.89
N ILE A 310 24.96 15.66 -18.01
CA ILE A 310 25.93 16.70 -18.25
C ILE A 310 25.79 17.36 -19.63
N GLY A 311 25.71 16.56 -20.69
CA GLY A 311 25.54 17.09 -22.04
C GLY A 311 24.18 17.69 -22.36
N LYS A 312 23.25 17.61 -21.40
CA LYS A 312 21.91 18.23 -21.53
C LYS A 312 21.22 17.96 -22.85
N TYR A 313 21.47 16.81 -23.48
CA TYR A 313 20.86 16.53 -24.79
C TYR A 313 19.68 15.54 -24.80
N SER A 314 19.47 14.80 -23.74
CA SER A 314 18.37 13.85 -23.72
C SER A 314 17.98 13.57 -22.27
N GLU A 315 16.76 13.12 -22.02
CA GLU A 315 16.37 12.82 -20.65
C GLU A 315 17.10 11.59 -20.07
N PRO A 316 17.83 11.77 -18.96
CA PRO A 316 18.41 10.52 -18.41
C PRO A 316 17.34 9.51 -17.97
N LEU A 317 17.65 8.24 -18.17
CA LEU A 317 16.73 7.16 -17.94
C LEU A 317 16.35 6.99 -16.50
N SER A 318 17.25 7.32 -15.58
CA SER A 318 16.99 7.05 -14.16
C SER A 318 16.52 8.25 -13.32
N LEU A 319 16.05 9.32 -13.97
CA LEU A 319 15.26 10.31 -13.24
C LEU A 319 14.08 9.62 -12.55
N ASN A 320 13.84 9.94 -11.29
CA ASN A 320 12.62 9.49 -10.64
C ASN A 320 12.43 7.95 -10.66
N LYS A 321 13.53 7.21 -10.81
CA LYS A 321 13.46 5.76 -11.01
C LYS A 321 14.64 5.01 -10.42
N ARG A 322 14.35 3.94 -9.69
CA ARG A 322 15.34 2.94 -9.34
C ARG A 322 15.09 1.71 -10.21
N ILE A 323 16.12 1.31 -10.96
CA ILE A 323 15.99 0.33 -12.04
C ILE A 323 16.74 -0.97 -11.77
N GLY A 324 16.05 -2.09 -11.89
CA GLY A 324 16.66 -3.41 -11.69
C GLY A 324 16.73 -4.14 -13.00
N ILE A 325 17.90 -4.69 -13.32
CA ILE A 325 18.10 -5.52 -14.51
C ILE A 325 18.54 -6.90 -14.08
N TRP A 326 17.68 -7.87 -14.34
CA TRP A 326 17.85 -9.25 -13.88
C TRP A 326 18.86 -9.93 -14.78
N SER A 327 19.60 -10.89 -14.25
CA SER A 327 20.55 -11.58 -15.12
C SER A 327 20.18 -13.07 -15.39
N ASP A 328 19.41 -13.70 -14.51
CA ASP A 328 18.90 -15.03 -14.82
C ASP A 328 17.57 -15.02 -15.53
N GLU A 329 17.17 -13.86 -16.03
CA GLU A 329 16.01 -13.79 -16.93
C GLU A 329 15.87 -12.43 -17.59
N ILE A 330 15.05 -12.38 -18.63
CA ILE A 330 14.84 -11.15 -19.36
C ILE A 330 13.76 -10.41 -18.59
N LYS A 331 14.21 -9.48 -17.74
CA LYS A 331 13.35 -8.76 -16.80
C LYS A 331 13.96 -7.44 -16.40
N ILE A 332 13.24 -6.35 -16.62
CA ILE A 332 13.64 -5.05 -16.10
C ILE A 332 12.48 -4.43 -15.31
N HIS A 333 12.70 -4.12 -14.04
CA HIS A 333 11.69 -3.40 -13.26
C HIS A 333 12.13 -1.99 -12.93
N SER A 334 11.21 -1.04 -12.87
CA SER A 334 11.54 0.25 -12.27
C SER A 334 10.61 0.60 -11.12
N GLN A 335 11.19 0.99 -9.98
CA GLN A 335 10.42 1.56 -8.87
C GLN A 335 10.34 3.06 -9.00
N ASN A 336 9.14 3.58 -8.78
CA ASN A 336 8.89 4.99 -8.92
C ASN A 336 9.43 5.75 -7.75
N MET A 337 10.30 6.71 -8.02
CA MET A 337 10.86 7.56 -6.99
C MET A 337 10.67 9.02 -7.38
N GLY A 338 9.48 9.32 -7.91
CA GLY A 338 9.12 10.67 -8.33
C GLY A 338 8.88 11.53 -7.11
N ARG A 339 8.98 12.84 -7.31
CA ARG A 339 9.03 13.77 -6.19
C ARG A 339 7.77 13.71 -5.32
N SER A 340 7.95 13.66 -4.00
CA SER A 340 6.84 13.78 -3.03
C SER A 340 6.92 15.14 -2.29
N PRO A 341 5.81 15.93 -2.31
CA PRO A 341 5.74 17.20 -1.57
C PRO A 341 5.91 16.98 -0.06
N VAL A 342 5.66 15.72 0.34
CA VAL A 342 5.49 15.32 1.72
C VAL A 342 6.69 14.50 2.25
N CYS A 343 7.62 14.23 1.35
CA CYS A 343 8.87 13.57 1.68
C CYS A 343 9.55 14.13 2.94
N SER A 344 9.99 13.24 3.82
CA SER A 344 10.62 13.69 5.05
C SER A 344 12.12 14.03 4.91
N VAL A 345 12.65 13.99 3.69
CA VAL A 345 14.01 14.49 3.45
C VAL A 345 14.03 15.79 2.61
N CYS A 346 13.27 15.85 1.52
CA CYS A 346 13.33 17.01 0.63
C CYS A 346 12.01 17.79 0.47
N GLY A 347 11.00 17.42 1.28
CA GLY A 347 9.69 18.05 1.23
C GLY A 347 9.45 19.04 2.36
N ASN A 348 8.61 20.04 2.11
CA ASN A 348 8.31 21.05 3.13
C ASN A 348 6.84 21.05 3.58
N ARG A 349 6.18 19.89 3.61
CA ARG A 349 4.70 19.83 3.79
C ARG A 349 4.19 18.50 4.37
N MET A 350 3.06 18.53 5.08
CA MET A 350 2.48 17.33 5.75
C MET A 350 1.26 16.73 5.01
N LEU A 351 1.01 15.42 5.17
CA LEU A 351 -0.17 14.75 4.57
C LEU A 351 -1.40 14.67 5.51
N GLU A 352 -2.50 15.31 5.11
CA GLU A 352 -3.74 15.38 5.91
C GLU A 352 -5.02 14.90 5.19
N HIS A 353 -5.95 14.31 5.95
CA HIS A 353 -7.32 14.06 5.49
C HIS A 353 -8.13 15.34 5.42
N HIS A 354 -9.11 15.39 4.50
CA HIS A 354 -10.04 16.53 4.41
C HIS A 354 -10.77 16.62 5.75
N HIS A 355 -10.85 17.82 6.30
CA HIS A 355 -11.73 18.04 7.42
C HIS A 355 -12.96 18.78 6.90
N HIS A 356 -14.12 18.12 6.95
CA HIS A 356 -15.36 18.74 6.47
C HIS A 356 -16.16 19.37 7.61
N HIS A 357 -16.19 20.70 7.61
CA HIS A 357 -16.91 21.48 8.62
C HIS A 357 -18.44 21.35 8.42
N HIS A 358 -19.04 20.41 9.16
CA HIS A 358 -20.40 19.88 8.91
C HIS A 358 -20.34 18.65 7.97
N MET B 1 26.99 -36.92 4.53
CA MET B 1 26.54 -35.84 3.61
C MET B 1 26.32 -34.59 4.46
N ASP B 2 27.38 -33.80 4.62
CA ASP B 2 27.30 -32.51 5.29
C ASP B 2 26.74 -31.46 4.37
N TYR B 3 25.79 -30.69 4.88
CA TYR B 3 25.31 -29.48 4.23
C TYR B 3 25.82 -28.23 4.98
N ILE B 4 25.82 -27.09 4.31
CA ILE B 4 26.34 -25.86 4.88
C ILE B 4 25.57 -24.65 4.34
N LEU B 5 25.43 -23.64 5.18
CA LEU B 5 24.70 -22.44 4.82
C LEU B 5 25.55 -21.57 3.90
N GLY B 6 24.97 -21.11 2.81
CA GLY B 6 25.68 -20.27 1.85
C GLY B 6 25.94 -18.89 2.41
N ARG B 7 27.09 -18.29 2.16
CA ARG B 7 27.36 -16.98 2.74
C ARG B 7 26.58 -15.86 2.08
N TYR B 8 25.82 -16.20 1.04
CA TYR B 8 25.03 -15.21 0.28
C TYR B 8 23.58 -15.16 0.78
N VAL B 9 23.33 -15.80 1.92
CA VAL B 9 22.00 -15.87 2.53
C VAL B 9 21.82 -14.71 3.52
N LYS B 10 20.76 -13.93 3.34
CA LYS B 10 20.38 -12.84 4.21
C LYS B 10 18.97 -13.00 4.73
N ILE B 11 18.70 -12.43 5.90
CA ILE B 11 17.41 -12.57 6.56
C ILE B 11 17.01 -11.21 7.10
N ALA B 12 15.73 -10.89 6.97
CA ALA B 12 15.13 -9.66 7.50
C ALA B 12 13.67 -9.88 7.90
N ARG B 13 13.27 -9.33 9.05
CA ARG B 13 11.86 -9.36 9.46
C ARG B 13 11.09 -8.43 8.55
N TYR B 14 9.98 -8.92 8.00
CA TYR B 14 9.17 -8.07 7.15
C TYR B 14 7.73 -8.56 7.12
N GLY B 15 6.81 -7.63 7.37
CA GLY B 15 5.38 -7.86 7.14
C GLY B 15 4.85 -8.91 8.08
N SER B 16 3.99 -9.80 7.58
CA SER B 16 3.42 -10.86 8.42
C SER B 16 4.49 -11.84 8.89
N GLY B 17 5.69 -11.77 8.28
CA GLY B 17 6.79 -12.71 8.58
C GLY B 17 8.18 -12.17 8.26
N GLY B 18 8.81 -12.69 7.21
CA GLY B 18 10.08 -12.14 6.76
C GLY B 18 10.64 -12.65 5.46
N LEU B 19 11.82 -12.13 5.10
CA LEU B 19 12.54 -12.46 3.87
C LEU B 19 13.73 -13.40 4.12
N VAL B 20 14.01 -14.26 3.15
CA VAL B 20 15.16 -15.14 3.17
C VAL B 20 15.82 -15.07 1.78
N GLY B 21 17.11 -14.71 1.71
CA GLY B 21 17.86 -14.87 0.47
C GLY B 21 18.48 -13.65 -0.19
N GLY B 22 17.66 -12.67 -0.59
CA GLY B 22 18.17 -11.46 -1.27
C GLY B 22 18.69 -11.67 -2.69
N GLY B 23 18.26 -10.85 -3.64
CA GLY B 23 18.63 -11.04 -5.06
C GLY B 23 17.58 -11.75 -5.91
N GLY B 24 18.01 -12.25 -7.07
CA GLY B 24 17.13 -13.02 -7.96
C GLY B 24 16.37 -14.11 -7.22
N LYS B 25 16.99 -14.67 -6.18
CA LYS B 25 16.46 -15.82 -5.43
C LYS B 25 15.83 -15.50 -4.01
N GLU B 26 15.47 -14.23 -3.78
CA GLU B 26 14.84 -13.79 -2.53
C GLU B 26 13.44 -14.40 -2.31
N GLN B 27 13.03 -14.65 -1.07
CA GLN B 27 11.72 -15.25 -0.77
C GLN B 27 11.10 -14.57 0.41
N TYR B 28 9.81 -14.32 0.31
CA TYR B 28 9.01 -13.81 1.42
C TYR B 28 8.20 -14.98 1.99
N VAL B 29 8.32 -15.16 3.30
CA VAL B 29 7.64 -16.22 4.03
C VAL B 29 6.55 -15.52 4.86
N GLU B 30 5.29 -15.75 4.52
CA GLU B 30 4.19 -14.98 5.11
C GLU B 30 3.86 -15.40 6.55
N ASN B 31 4.00 -16.68 6.82
CA ASN B 31 3.79 -17.21 8.15
C ASN B 31 5.04 -17.02 9.06
N LEU B 32 4.91 -16.10 10.01
CA LEU B 32 5.93 -15.85 11.01
C LEU B 32 6.51 -17.12 11.62
N VAL B 33 5.66 -18.05 12.00
CA VAL B 33 6.15 -19.24 12.69
C VAL B 33 7.10 -20.03 11.81
N LEU B 34 6.77 -20.14 10.51
CA LEU B 34 7.60 -20.88 9.56
C LEU B 34 8.93 -20.18 9.27
N TRP B 35 8.90 -18.85 9.14
CA TRP B 35 10.09 -18.04 9.00
C TRP B 35 11.03 -18.26 10.17
N GLU B 36 10.51 -18.06 11.37
CA GLU B 36 11.24 -18.34 12.60
C GLU B 36 11.81 -19.75 12.54
N ASN B 37 10.99 -20.70 12.12
CA ASN B 37 11.44 -22.05 12.04
C ASN B 37 12.56 -22.23 11.03
N ILE B 38 12.49 -21.53 9.89
CA ILE B 38 13.53 -21.60 8.85
C ILE B 38 14.92 -21.13 9.32
N ILE B 39 14.96 -19.97 9.98
CA ILE B 39 16.20 -19.49 10.56
C ILE B 39 16.69 -20.38 11.70
N LYS B 40 15.78 -20.90 12.53
CA LYS B 40 16.20 -21.85 13.57
C LYS B 40 16.97 -22.99 12.94
N THR B 41 16.47 -23.47 11.79
CA THR B 41 17.14 -24.60 11.14
C THR B 41 18.38 -24.18 10.32
N ALA B 42 18.29 -23.04 9.63
CA ALA B 42 19.45 -22.46 8.94
C ALA B 42 20.65 -22.31 9.86
N TYR B 43 20.37 -22.10 11.14
CA TYR B 43 21.38 -21.84 12.16
C TYR B 43 22.20 -23.09 12.44
N CYS B 44 21.59 -24.25 12.31
CA CYS B 44 22.33 -25.50 12.44
C CYS B 44 23.45 -25.65 11.41
N PHE B 45 23.30 -24.97 10.28
CA PHE B 45 24.20 -25.22 9.15
C PHE B 45 25.29 -24.19 8.92
N ILE B 46 25.42 -23.20 9.80
CA ILE B 46 26.51 -22.25 9.67
C ILE B 46 27.85 -23.01 9.70
N THR B 47 27.95 -23.98 10.60
CA THR B 47 28.99 -25.00 10.55
C THR B 47 28.39 -26.24 9.90
N PRO B 48 29.17 -26.95 9.08
CA PRO B 48 28.65 -28.13 8.37
C PRO B 48 28.01 -29.16 9.28
N SER B 49 26.97 -29.81 8.75
CA SER B 49 26.20 -30.77 9.49
C SER B 49 25.39 -31.66 8.54
N SER B 50 25.28 -32.93 8.90
CA SER B 50 24.34 -33.86 8.28
C SER B 50 22.90 -33.43 8.60
N TYR B 51 21.93 -34.01 7.90
CA TYR B 51 20.53 -33.74 8.18
C TYR B 51 20.20 -34.24 9.57
N THR B 52 20.73 -35.41 9.91
CA THR B 52 20.46 -36.06 11.20
C THR B 52 20.92 -35.21 12.37
N ALA B 53 22.19 -34.84 12.36
CA ALA B 53 22.76 -34.06 13.46
C ALA B 53 22.06 -32.71 13.61
N ALA B 54 21.67 -32.11 12.49
CA ALA B 54 20.96 -30.84 12.51
C ALA B 54 19.58 -30.98 13.13
N LEU B 55 18.94 -32.13 12.89
CA LEU B 55 17.63 -32.41 13.49
C LEU B 55 17.67 -32.45 15.01
N GLU B 56 18.64 -33.18 15.56
CA GLU B 56 18.88 -33.18 17.01
C GLU B 56 19.07 -31.76 17.53
N THR B 57 20.04 -31.06 16.96
CA THR B 57 20.43 -29.75 17.41
C THR B 57 19.26 -28.79 17.47
N ALA B 58 18.53 -28.63 16.36
CA ALA B 58 17.36 -27.75 16.37
C ALA B 58 16.34 -28.37 17.30
N ASN B 59 15.62 -27.55 18.04
CA ASN B 59 14.62 -28.11 18.93
C ASN B 59 13.21 -27.78 18.46
N ILE B 60 12.89 -28.29 17.28
CA ILE B 60 11.58 -28.15 16.67
C ILE B 60 11.19 -29.52 16.14
N PRO B 61 9.90 -29.84 16.10
CA PRO B 61 9.57 -31.24 15.76
C PRO B 61 9.98 -31.62 14.35
N GLU B 62 10.31 -32.90 14.16
CA GLU B 62 10.63 -33.50 12.83
C GLU B 62 9.80 -33.00 11.67
N LYS B 63 8.48 -33.01 11.82
CA LYS B 63 7.61 -32.53 10.75
C LYS B 63 8.08 -31.16 10.23
N ASP B 64 8.17 -30.17 11.10
CA ASP B 64 8.54 -28.80 10.72
C ASP B 64 9.97 -28.70 10.19
N PHE B 65 10.90 -29.39 10.85
CA PHE B 65 12.28 -29.37 10.43
C PHE B 65 12.40 -29.82 8.98
N SER B 66 11.65 -30.86 8.61
CA SER B 66 11.72 -31.44 7.28
C SER B 66 11.33 -30.44 6.18
N ASN B 67 10.34 -29.61 6.44
CA ASN B 67 9.95 -28.57 5.49
C ASN B 67 11.03 -27.53 5.32
N CYS B 68 11.53 -27.04 6.45
CA CYS B 68 12.51 -25.99 6.48
C CYS B 68 13.79 -26.42 5.77
N PHE B 69 14.24 -27.64 6.04
CA PHE B 69 15.38 -28.20 5.33
C PHE B 69 15.16 -28.19 3.82
N ARG B 70 14.08 -28.81 3.35
CA ARG B 70 13.77 -28.81 1.93
C ARG B 70 13.74 -27.41 1.34
N PHE B 71 13.10 -26.49 2.05
CA PHE B 71 13.03 -25.10 1.62
C PHE B 71 14.44 -24.53 1.42
N LEU B 72 15.33 -24.81 2.38
CA LEU B 72 16.69 -24.30 2.30
C LEU B 72 17.50 -25.01 1.21
N LYS B 73 17.29 -26.31 1.06
CA LYS B 73 17.94 -27.09 0.00
C LYS B 73 17.45 -26.74 -1.42
N GLU B 74 16.14 -26.67 -1.59
CA GLU B 74 15.56 -26.37 -2.91
C GLU B 74 16.05 -25.08 -3.52
N ASN B 75 16.24 -24.05 -2.69
CA ASN B 75 16.72 -22.76 -3.16
C ASN B 75 18.23 -22.61 -3.08
N PHE B 76 18.96 -23.66 -2.69
CA PHE B 76 20.41 -23.61 -2.59
C PHE B 76 20.89 -22.60 -1.55
N PHE B 77 20.08 -22.41 -0.51
CA PHE B 77 20.49 -21.58 0.61
C PHE B 77 21.47 -22.35 1.48
N ILE B 78 21.16 -23.63 1.68
CA ILE B 78 22.14 -24.61 2.15
C ILE B 78 22.57 -25.47 0.95
N ILE B 79 23.82 -25.90 0.97
CA ILE B 79 24.46 -26.57 -0.16
C ILE B 79 25.37 -27.65 0.42
N PRO B 80 25.67 -28.71 -0.37
CA PRO B 80 26.63 -29.70 0.13
C PRO B 80 27.89 -29.05 0.67
N GLY B 81 28.42 -29.54 1.80
CA GLY B 81 29.66 -29.03 2.39
C GLY B 81 30.85 -29.14 1.45
N GLU B 82 30.81 -30.13 0.56
CA GLU B 82 31.87 -30.37 -0.42
C GLU B 82 32.12 -29.14 -1.29
N TYR B 83 31.04 -28.42 -1.62
CA TYR B 83 31.06 -27.28 -2.54
C TYR B 83 31.78 -26.07 -1.96
N ASN B 84 32.48 -26.24 -0.86
CA ASN B 84 32.95 -25.07 -0.15
C ASN B 84 34.43 -24.98 0.17
N ASN B 85 35.04 -26.06 0.69
CA ASN B 85 36.43 -26.04 1.30
C ASN B 85 37.16 -24.67 1.40
N THR B 87 40.94 -20.19 -1.43
CA THR B 87 41.18 -21.39 -0.64
C THR B 87 41.94 -22.49 -1.44
N GLU B 88 43.28 -22.54 -1.32
CA GLU B 88 44.09 -21.73 -0.37
C GLU B 88 43.82 -20.20 -0.41
N ASN B 89 44.21 -19.51 -1.49
CA ASN B 89 43.84 -18.10 -1.67
C ASN B 89 43.32 -17.91 -3.09
N ASN B 90 42.00 -18.00 -3.26
CA ASN B 90 41.42 -18.14 -4.61
C ASN B 90 40.91 -16.86 -5.25
N ARG B 91 41.43 -16.62 -6.45
CA ARG B 91 41.12 -15.47 -7.27
C ARG B 91 39.64 -15.40 -7.68
N TYR B 92 39.03 -16.56 -7.86
CA TYR B 92 37.70 -16.64 -8.43
C TYR B 92 36.60 -16.74 -7.39
N SER B 93 36.99 -16.72 -6.12
CA SER B 93 36.11 -17.10 -5.00
C SER B 93 34.86 -16.23 -4.80
N ARG B 94 34.80 -15.06 -5.46
CA ARG B 94 33.58 -14.26 -5.44
C ARG B 94 32.55 -14.87 -6.36
N ASN B 95 33.00 -15.27 -7.56
CA ASN B 95 32.15 -15.99 -8.52
C ASN B 95 31.66 -17.31 -7.97
N PHE B 96 32.49 -17.93 -7.13
CA PHE B 96 32.15 -19.17 -6.48
C PHE B 96 30.86 -19.10 -5.70
N LEU B 97 30.62 -17.98 -5.05
CA LEU B 97 29.35 -17.74 -4.37
C LEU B 97 28.21 -17.69 -5.38
N HIS B 98 28.45 -16.99 -6.47
CA HIS B 98 27.46 -16.92 -7.52
C HIS B 98 27.11 -18.31 -8.05
N TYR B 99 28.10 -19.14 -8.35
CA TYR B 99 27.78 -20.49 -8.81
C TYR B 99 27.04 -21.29 -7.74
N GLN B 100 27.48 -21.16 -6.48
CA GLN B 100 26.87 -21.89 -5.39
C GLN B 100 25.41 -21.56 -5.32
N SER B 101 25.13 -20.28 -5.37
CA SER B 101 23.75 -19.83 -5.29
C SER B 101 22.89 -20.43 -6.41
N TYR B 102 23.49 -20.82 -7.54
CA TYR B 102 22.70 -21.46 -8.59
C TYR B 102 22.53 -22.96 -8.47
N GLY B 103 23.16 -23.55 -7.46
CA GLY B 103 23.02 -24.95 -7.15
C GLY B 103 24.15 -25.77 -7.72
N ALA B 104 25.20 -25.12 -8.19
CA ALA B 104 26.29 -25.84 -8.84
C ALA B 104 27.45 -26.08 -7.90
N ASN B 105 28.46 -26.78 -8.39
CA ASN B 105 29.69 -27.02 -7.65
C ASN B 105 30.72 -26.12 -8.28
N PRO B 106 31.05 -25.02 -7.59
CA PRO B 106 31.92 -24.02 -8.20
C PRO B 106 33.23 -24.58 -8.77
N VAL B 107 33.77 -25.66 -8.18
CA VAL B 107 35.00 -26.23 -8.69
C VAL B 107 34.77 -26.80 -10.09
N LEU B 108 33.67 -27.51 -10.29
CA LEU B 108 33.36 -28.08 -11.59
C LEU B 108 33.09 -26.99 -12.61
N VAL B 109 32.46 -25.89 -12.19
CA VAL B 109 32.20 -24.79 -13.12
C VAL B 109 33.53 -24.18 -13.57
N GLN B 110 34.46 -23.97 -12.64
CA GLN B 110 35.76 -23.35 -12.95
C GLN B 110 36.53 -24.19 -13.93
N ASP B 111 36.57 -25.49 -13.64
CA ASP B 111 37.18 -26.48 -14.51
C ASP B 111 36.63 -26.41 -15.89
N LYS B 112 35.31 -26.45 -16.02
CA LYS B 112 34.72 -26.36 -17.34
C LYS B 112 35.15 -25.09 -18.06
N LEU B 113 35.30 -24.00 -17.32
CA LEU B 113 35.77 -22.75 -17.91
C LEU B 113 37.23 -22.87 -18.35
N LYS B 114 38.08 -23.34 -17.44
CA LYS B 114 39.50 -23.54 -17.70
C LYS B 114 39.81 -24.43 -18.91
N ASN B 115 39.00 -25.48 -19.12
CA ASN B 115 39.25 -26.43 -20.21
C ASN B 115 38.46 -26.12 -21.46
N ALA B 116 38.00 -24.87 -21.57
CA ALA B 116 37.27 -24.45 -22.75
C ALA B 116 38.10 -23.51 -23.59
N LYS B 117 37.56 -23.17 -24.75
CA LYS B 117 38.29 -22.51 -25.80
C LYS B 117 37.25 -21.72 -26.53
N VAL B 118 37.44 -20.40 -26.58
CA VAL B 118 36.42 -19.55 -27.17
C VAL B 118 37.06 -18.78 -28.29
N VAL B 119 36.32 -18.63 -29.37
CA VAL B 119 36.80 -17.91 -30.53
C VAL B 119 36.08 -16.61 -30.50
N ILE B 120 36.82 -15.51 -30.55
CA ILE B 120 36.17 -14.21 -30.73
C ILE B 120 36.32 -13.88 -32.19
N LEU B 121 35.21 -13.85 -32.90
CA LEU B 121 35.22 -13.62 -34.32
C LEU B 121 34.88 -12.18 -34.58
N GLY B 122 35.88 -11.32 -34.46
CA GLY B 122 35.71 -9.89 -34.72
C GLY B 122 35.97 -9.12 -33.45
N CYS B 123 37.20 -8.64 -33.31
CA CYS B 123 37.66 -7.99 -32.10
C CYS B 123 37.50 -6.49 -32.15
N GLY B 124 36.34 -6.02 -32.62
CA GLY B 124 36.09 -4.59 -32.65
C GLY B 124 35.02 -4.11 -31.69
N GLY B 125 35.38 -3.91 -30.41
CA GLY B 125 34.47 -3.25 -29.47
C GLY B 125 33.70 -4.22 -28.59
N ILE B 126 32.59 -4.75 -29.13
CA ILE B 126 31.84 -5.77 -28.43
C ILE B 126 32.73 -6.99 -28.17
N GLY B 127 33.35 -7.52 -29.21
CA GLY B 127 34.25 -8.67 -29.01
C GLY B 127 35.39 -8.35 -28.06
N ASN B 128 36.00 -7.19 -28.32
CA ASN B 128 36.99 -6.57 -27.43
C ASN B 128 36.58 -6.77 -25.98
N HIS B 129 35.40 -6.24 -25.66
CA HIS B 129 34.88 -6.28 -24.33
C HIS B 129 34.57 -7.68 -23.80
N VAL B 130 34.00 -8.52 -24.67
CA VAL B 130 33.59 -9.87 -24.26
C VAL B 130 34.82 -10.64 -23.84
N SER B 131 35.90 -10.43 -24.57
CA SER B 131 37.11 -11.18 -24.30
C SER B 131 37.67 -10.91 -22.90
N VAL B 132 37.72 -9.64 -22.51
CA VAL B 132 38.19 -9.27 -21.15
C VAL B 132 37.38 -9.95 -20.09
N ILE B 133 36.06 -9.80 -20.21
CA ILE B 133 35.15 -10.40 -19.28
C ILE B 133 35.44 -11.89 -19.16
N LEU B 134 35.63 -12.57 -20.31
CA LEU B 134 35.87 -14.00 -20.30
C LEU B 134 37.26 -14.34 -19.78
N ALA B 135 38.23 -13.54 -20.18
CA ALA B 135 39.59 -13.74 -19.70
C ALA B 135 39.60 -13.63 -18.19
N THR B 136 38.93 -12.59 -17.72
CA THR B 136 38.81 -12.24 -16.32
C THR B 136 38.12 -13.31 -15.46
N SER B 137 37.19 -14.07 -16.03
CA SER B 137 36.50 -15.14 -15.31
C SER B 137 37.18 -16.50 -15.41
N GLY B 138 38.25 -16.57 -16.20
CA GLY B 138 39.08 -17.78 -16.28
C GLY B 138 38.81 -18.78 -17.40
N ILE B 139 38.18 -18.32 -18.49
CA ILE B 139 38.15 -19.07 -19.75
C ILE B 139 39.60 -19.37 -20.13
N GLY B 140 39.93 -20.66 -20.26
CA GLY B 140 41.31 -21.14 -20.39
C GLY B 140 42.06 -20.78 -21.67
N GLU B 141 41.33 -20.53 -22.76
CA GLU B 141 41.93 -20.24 -24.06
C GLU B 141 41.01 -19.45 -24.96
N ILE B 142 41.51 -18.34 -25.48
CA ILE B 142 40.76 -17.48 -26.39
C ILE B 142 41.55 -17.35 -27.67
N ILE B 143 40.84 -17.30 -28.79
CA ILE B 143 41.45 -17.11 -30.09
C ILE B 143 40.84 -15.85 -30.70
N LEU B 144 41.70 -14.87 -30.94
CA LEU B 144 41.26 -13.58 -31.44
C LEU B 144 41.38 -13.56 -32.95
N ILE B 145 40.34 -13.09 -33.62
CA ILE B 145 40.27 -13.16 -35.06
C ILE B 145 39.86 -11.83 -35.66
N ASP B 146 40.88 -11.09 -36.09
CA ASP B 146 40.68 -9.80 -36.74
C ASP B 146 41.95 -9.44 -37.51
N ASN B 147 41.75 -8.66 -38.57
CA ASN B 147 42.85 -8.11 -39.36
C ASN B 147 42.76 -6.59 -39.51
N ASP B 148 42.33 -5.92 -38.44
CA ASP B 148 42.19 -4.48 -38.48
C ASP B 148 43.22 -3.80 -37.59
N GLN B 149 43.46 -2.52 -37.91
CA GLN B 149 44.39 -1.69 -37.15
C GLN B 149 43.62 -0.78 -36.19
N ILE B 150 44.20 -0.53 -35.01
CA ILE B 150 43.58 0.40 -34.06
C ILE B 150 43.63 1.84 -34.61
N GLU B 151 42.45 2.36 -34.93
CA GLU B 151 42.32 3.73 -35.36
C GLU B 151 42.07 4.62 -34.14
N ASN B 152 42.41 5.90 -34.27
CA ASN B 152 42.24 6.86 -33.16
C ASN B 152 40.79 6.98 -32.72
N THR B 153 39.88 6.87 -33.68
CA THR B 153 38.45 6.99 -33.42
C THR B 153 37.84 5.83 -32.60
N ASN B 154 38.45 4.64 -32.69
CA ASN B 154 38.01 3.49 -31.90
C ASN B 154 38.15 3.62 -30.39
N LEU B 155 38.90 4.63 -29.93
CA LEU B 155 39.21 4.73 -28.51
C LEU B 155 37.97 5.01 -27.65
N THR B 156 36.96 5.59 -28.30
CA THR B 156 35.65 5.82 -27.73
C THR B 156 34.89 4.54 -27.30
N ARG B 157 34.94 3.48 -28.10
CA ARG B 157 34.16 2.27 -27.83
C ARG B 157 34.97 1.12 -27.20
N GLN B 158 36.28 1.10 -27.44
CA GLN B 158 37.09 -0.09 -27.20
C GLN B 158 37.97 0.07 -25.95
N VAL B 159 37.28 0.04 -24.80
CA VAL B 159 37.83 0.14 -23.43
C VAL B 159 39.28 -0.33 -23.10
N LEU B 160 39.84 -1.28 -23.85
CA LEU B 160 41.21 -1.77 -23.53
C LEU B 160 42.39 -0.94 -24.08
N PHE B 161 42.11 0.04 -24.92
CA PHE B 161 43.16 0.69 -25.72
C PHE B 161 43.67 2.03 -25.20
N SER B 162 44.99 2.16 -25.06
CA SER B 162 45.66 3.46 -24.81
C SER B 162 45.79 4.28 -26.08
N GLU B 163 45.85 5.62 -25.94
CA GLU B 163 46.10 6.51 -27.09
C GLU B 163 47.35 6.04 -27.80
N ASP B 164 48.27 5.55 -27.00
CA ASP B 164 49.52 5.01 -27.44
C ASP B 164 49.37 3.94 -28.53
N ASP B 165 48.27 3.20 -28.47
CA ASP B 165 48.09 2.00 -29.26
C ASP B 165 47.58 2.22 -30.68
N VAL B 166 47.09 3.42 -31.00
CA VAL B 166 46.64 3.70 -32.36
C VAL B 166 47.75 3.36 -33.34
N GLY B 167 47.46 2.53 -34.33
CA GLY B 167 48.50 2.04 -35.25
C GLY B 167 48.63 0.54 -35.19
N LYS B 168 48.77 -0.03 -33.99
CA LYS B 168 48.97 -1.48 -33.84
C LYS B 168 47.73 -2.33 -34.20
N ASN B 169 47.95 -3.63 -34.28
CA ASN B 169 46.90 -4.58 -34.59
C ASN B 169 46.00 -4.80 -33.40
N LYS B 170 44.68 -4.61 -33.61
CA LYS B 170 43.68 -4.90 -32.58
C LYS B 170 44.02 -6.20 -31.85
N THR B 171 44.04 -7.28 -32.59
CA THR B 171 44.38 -8.60 -32.05
C THR B 171 45.60 -8.56 -31.12
N GLU B 172 46.62 -7.81 -31.49
CA GLU B 172 47.93 -7.90 -30.82
C GLU B 172 47.94 -7.23 -29.46
N VAL B 173 47.27 -6.08 -29.39
CA VAL B 173 47.13 -5.31 -28.17
C VAL B 173 46.31 -6.11 -27.16
N ILE B 174 45.13 -6.56 -27.59
CA ILE B 174 44.19 -7.20 -26.67
C ILE B 174 44.76 -8.49 -26.10
N LYS B 175 45.63 -9.12 -26.87
CA LYS B 175 46.41 -10.26 -26.40
C LYS B 175 47.35 -9.90 -25.24
N ARG B 176 48.02 -8.75 -25.31
CA ARG B 176 48.94 -8.42 -24.20
C ARG B 176 48.15 -8.01 -22.98
N GLU B 177 47.07 -7.27 -23.21
CA GLU B 177 46.17 -6.85 -22.16
C GLU B 177 45.52 -8.03 -21.43
N LEU B 178 45.12 -9.08 -22.17
CA LEU B 178 44.58 -10.28 -21.55
C LEU B 178 45.62 -11.06 -20.77
N LEU B 179 46.88 -10.99 -21.19
CA LEU B 179 47.92 -11.71 -20.46
C LEU B 179 48.32 -11.00 -19.17
N LYS B 180 48.22 -9.67 -19.20
CA LYS B 180 48.49 -8.81 -18.05
C LYS B 180 47.49 -9.13 -16.98
N ARG B 181 46.23 -9.21 -17.41
CA ARG B 181 45.13 -9.54 -16.53
C ARG B 181 45.16 -11.00 -16.08
N ASN B 182 45.51 -11.92 -16.98
CA ASN B 182 45.58 -13.33 -16.62
C ASN B 182 46.71 -14.14 -17.26
N SER B 183 47.86 -14.22 -16.59
CA SER B 183 49.02 -14.95 -17.14
C SER B 183 48.78 -16.46 -17.20
N GLU B 184 47.67 -16.90 -16.61
CA GLU B 184 47.30 -18.30 -16.59
C GLU B 184 46.89 -18.80 -17.98
N ILE B 185 46.18 -17.96 -18.73
CA ILE B 185 45.50 -18.40 -19.95
C ILE B 185 46.32 -18.26 -21.22
N SER B 186 46.04 -19.10 -22.22
CA SER B 186 46.68 -18.99 -23.53
C SER B 186 45.78 -18.36 -24.58
N VAL B 187 46.38 -17.50 -25.40
CA VAL B 187 45.66 -16.66 -26.35
C VAL B 187 46.32 -16.71 -27.74
N SER B 188 45.50 -16.79 -28.79
CA SER B 188 46.02 -16.93 -30.13
C SER B 188 45.41 -15.90 -31.05
N GLU B 189 46.16 -15.51 -32.07
CA GLU B 189 45.68 -14.54 -33.02
C GLU B 189 45.59 -15.13 -34.42
N ILE B 190 44.68 -14.61 -35.22
CA ILE B 190 44.51 -15.03 -36.60
C ILE B 190 44.18 -13.79 -37.40
N ALA B 191 45.10 -13.39 -38.27
CA ALA B 191 45.00 -12.11 -38.93
C ALA B 191 44.00 -12.24 -40.07
N LEU B 192 42.71 -12.11 -39.77
CA LEU B 192 41.71 -12.53 -40.74
C LEU B 192 40.42 -11.79 -40.55
N ASN B 193 39.91 -11.22 -41.62
CA ASN B 193 38.54 -10.75 -41.64
C ASN B 193 37.77 -11.73 -42.49
N ILE B 194 36.46 -11.84 -42.28
CA ILE B 194 35.68 -12.77 -43.06
C ILE B 194 35.00 -12.04 -44.18
N ASN B 195 35.54 -12.29 -45.38
CA ASN B 195 35.22 -11.55 -46.60
C ASN B 195 34.30 -12.26 -47.58
N ASP B 196 34.34 -13.59 -47.57
CA ASP B 196 33.28 -14.41 -48.18
C ASP B 196 33.17 -15.77 -47.48
N TYR B 197 32.05 -16.46 -47.71
CA TYR B 197 31.73 -17.67 -46.95
C TYR B 197 32.97 -18.50 -46.63
N THR B 198 33.75 -18.77 -47.67
CA THR B 198 34.87 -19.71 -47.60
C THR B 198 35.91 -19.44 -46.51
N ASP B 199 35.97 -18.20 -46.03
CA ASP B 199 36.95 -17.80 -45.02
C ASP B 199 36.80 -18.59 -43.71
N LEU B 200 35.55 -18.92 -43.38
CA LEU B 200 35.22 -19.63 -42.15
C LEU B 200 35.93 -20.98 -41.98
N HIS B 201 36.47 -21.51 -43.07
CA HIS B 201 37.19 -22.78 -42.98
C HIS B 201 38.49 -22.59 -42.26
N LYS B 202 38.88 -21.34 -42.10
CA LYS B 202 40.12 -20.99 -41.42
C LYS B 202 39.98 -20.90 -39.89
N VAL B 203 38.74 -20.70 -39.45
CA VAL B 203 38.41 -20.54 -38.03
C VAL B 203 38.29 -21.88 -37.31
N PRO B 204 39.10 -22.11 -36.25
CA PRO B 204 39.12 -23.44 -35.63
C PRO B 204 37.90 -23.81 -34.77
N GLU B 205 37.69 -25.13 -34.60
CA GLU B 205 36.71 -25.68 -33.68
C GLU B 205 36.96 -25.14 -32.26
N ALA B 206 35.85 -24.80 -31.58
CA ALA B 206 35.86 -24.24 -30.22
C ALA B 206 34.56 -24.55 -29.51
N ASP B 207 34.59 -24.63 -28.18
CA ASP B 207 33.35 -24.78 -27.38
C ASP B 207 32.25 -23.81 -27.80
N ILE B 208 32.60 -22.57 -28.16
CA ILE B 208 31.63 -21.61 -28.75
C ILE B 208 32.32 -20.53 -29.57
N TRP B 209 31.60 -19.87 -30.46
CA TRP B 209 32.11 -18.74 -31.23
C TRP B 209 31.31 -17.50 -30.88
N VAL B 210 31.99 -16.40 -30.60
CA VAL B 210 31.33 -15.11 -30.35
C VAL B 210 31.38 -14.28 -31.61
N VAL B 211 30.24 -13.98 -32.20
CA VAL B 211 30.21 -13.36 -33.51
C VAL B 211 29.73 -11.93 -33.42
N SER B 212 30.66 -11.00 -33.39
CA SER B 212 30.35 -9.59 -33.11
C SER B 212 30.42 -8.68 -34.32
N ALA B 213 31.47 -8.83 -35.15
CA ALA B 213 31.77 -7.89 -36.26
C ALA B 213 30.56 -7.22 -36.88
N ASP B 214 30.61 -5.89 -36.97
CA ASP B 214 29.50 -5.09 -37.52
C ASP B 214 29.40 -5.02 -39.06
N HIS B 215 30.19 -5.85 -39.77
CA HIS B 215 30.19 -5.94 -41.25
C HIS B 215 31.04 -7.14 -41.69
N PRO B 216 30.72 -7.78 -42.86
CA PRO B 216 29.57 -7.56 -43.78
C PRO B 216 28.21 -7.87 -43.16
N PHE B 217 27.19 -7.09 -43.56
CA PHE B 217 25.83 -7.22 -43.01
C PHE B 217 25.37 -8.67 -42.77
N ASN B 218 25.70 -9.56 -43.72
CA ASN B 218 25.26 -10.95 -43.64
C ASN B 218 26.36 -11.93 -43.17
N LEU B 219 27.22 -11.46 -42.27
CA LEU B 219 28.18 -12.33 -41.60
C LEU B 219 27.46 -13.45 -40.85
N ILE B 220 26.40 -13.07 -40.13
CA ILE B 220 25.59 -14.01 -39.35
C ILE B 220 25.12 -15.18 -40.20
N ASN B 221 24.60 -14.86 -41.38
CA ASN B 221 24.14 -15.85 -42.34
C ASN B 221 25.19 -16.90 -42.69
N TRP B 222 26.42 -16.48 -42.99
CA TRP B 222 27.47 -17.45 -43.32
C TRP B 222 27.87 -18.29 -42.11
N VAL B 223 27.93 -17.63 -40.95
CA VAL B 223 28.30 -18.28 -39.68
C VAL B 223 27.24 -19.33 -39.34
N ASN B 224 26.00 -19.03 -39.69
CA ASN B 224 24.89 -19.92 -39.44
C ASN B 224 24.99 -21.16 -40.30
N LYS B 225 24.89 -20.96 -41.62
CA LYS B 225 25.20 -21.99 -42.61
C LYS B 225 26.37 -22.84 -42.10
N TYR B 226 27.51 -22.22 -41.83
CA TYR B 226 28.68 -23.01 -41.48
C TYR B 226 28.48 -23.85 -40.22
N CYS B 227 27.95 -23.23 -39.18
CA CYS B 227 27.97 -23.80 -37.82
C CYS B 227 26.92 -24.85 -37.65
N VAL B 228 25.78 -24.67 -38.34
CA VAL B 228 24.76 -25.72 -38.43
C VAL B 228 25.40 -26.99 -38.98
N ARG B 229 26.06 -26.86 -40.13
CA ARG B 229 26.69 -28.02 -40.76
C ARG B 229 28.00 -28.44 -40.13
N ALA B 230 28.66 -27.55 -39.40
CA ALA B 230 29.89 -27.93 -38.68
C ALA B 230 29.60 -28.38 -37.24
N ASN B 231 28.33 -28.30 -36.84
CA ASN B 231 27.96 -28.55 -35.45
C ASN B 231 28.66 -27.64 -34.43
N GLN B 232 28.82 -26.37 -34.79
CA GLN B 232 29.55 -25.39 -33.98
C GLN B 232 28.56 -24.46 -33.24
N PRO B 233 28.57 -24.47 -31.89
CA PRO B 233 27.71 -23.52 -31.19
C PRO B 233 28.26 -22.10 -31.32
N TYR B 234 27.35 -21.13 -31.47
CA TYR B 234 27.75 -19.73 -31.59
C TYR B 234 26.74 -18.71 -31.01
N ILE B 235 27.24 -17.54 -30.67
CA ILE B 235 26.39 -16.44 -30.18
C ILE B 235 26.68 -15.15 -30.93
N ASN B 236 25.61 -14.53 -31.42
CA ASN B 236 25.64 -13.29 -32.17
C ASN B 236 25.45 -12.13 -31.18
N ALA B 237 25.88 -10.93 -31.57
CA ALA B 237 25.94 -9.77 -30.68
C ALA B 237 26.27 -8.55 -31.52
N GLY B 238 25.67 -7.41 -31.22
CA GLY B 238 25.88 -6.23 -32.04
C GLY B 238 24.93 -5.16 -31.61
N TYR B 239 24.60 -4.25 -32.52
CA TYR B 239 23.78 -3.07 -32.18
C TYR B 239 22.99 -2.62 -33.39
N VAL B 240 21.94 -1.85 -33.17
CA VAL B 240 21.26 -1.20 -34.27
C VAL B 240 21.17 0.25 -33.86
N ASN B 241 22.19 1.02 -34.23
CA ASN B 241 22.27 2.39 -33.77
C ASN B 241 22.26 2.44 -32.23
N ASP B 242 21.14 2.98 -31.77
CA ASP B 242 20.78 3.17 -30.39
C ASP B 242 20.71 1.92 -29.52
N ILE B 243 20.42 0.76 -30.12
CA ILE B 243 19.96 -0.43 -29.40
C ILE B 243 21.00 -1.56 -29.35
N ALA B 244 21.32 -2.05 -28.18
CA ALA B 244 22.22 -3.17 -28.07
C ALA B 244 21.42 -4.45 -28.34
N VAL B 245 22.06 -5.41 -29.00
CA VAL B 245 21.41 -6.63 -29.45
C VAL B 245 22.28 -7.83 -29.09
N PHE B 246 21.73 -8.84 -28.45
CA PHE B 246 22.50 -10.08 -28.27
C PHE B 246 21.65 -11.34 -28.47
N GLY B 247 22.32 -12.47 -28.70
CA GLY B 247 21.64 -13.68 -29.12
C GLY B 247 21.20 -13.62 -30.59
N PRO B 248 20.73 -14.77 -31.13
CA PRO B 248 20.51 -16.04 -30.46
C PRO B 248 21.80 -16.73 -30.17
N LEU B 249 21.78 -17.62 -29.20
CA LEU B 249 22.85 -18.56 -28.98
C LEU B 249 22.37 -19.86 -29.63
N TYR B 250 23.15 -20.35 -30.60
CA TYR B 250 22.82 -21.56 -31.35
C TYR B 250 23.46 -22.79 -30.73
N VAL B 251 22.65 -23.79 -30.40
CA VAL B 251 23.17 -25.10 -29.98
C VAL B 251 22.63 -26.21 -30.91
N PRO B 252 23.54 -26.97 -31.58
CA PRO B 252 23.18 -27.98 -32.59
C PRO B 252 22.22 -29.02 -32.02
N GLY B 253 21.08 -29.19 -32.68
CA GLY B 253 20.07 -30.14 -32.23
C GLY B 253 19.13 -29.50 -31.23
N LYS B 254 19.69 -28.94 -30.17
CA LYS B 254 18.89 -28.35 -29.09
C LYS B 254 18.00 -27.15 -29.49
N THR B 255 18.50 -26.22 -30.31
CA THR B 255 17.82 -24.92 -30.45
C THR B 255 17.44 -24.58 -31.88
N GLY B 256 16.86 -23.39 -32.06
CA GLY B 256 16.62 -22.84 -33.39
C GLY B 256 17.92 -22.31 -33.96
N CYS B 257 17.96 -22.13 -35.28
CA CYS B 257 19.13 -21.56 -35.94
C CYS B 257 18.71 -20.17 -36.41
N TYR B 258 19.64 -19.40 -36.97
CA TYR B 258 19.35 -17.98 -37.26
C TYR B 258 18.33 -17.83 -38.37
N GLU B 259 18.12 -18.92 -39.12
CA GLU B 259 17.21 -18.93 -40.25
C GLU B 259 15.74 -19.25 -39.88
N CYS B 260 15.56 -20.26 -39.01
CA CYS B 260 14.24 -20.77 -38.62
C CYS B 260 13.02 -19.83 -38.61
N GLN B 261 13.19 -18.60 -38.13
CA GLN B 261 12.01 -17.73 -37.94
C GLN B 261 11.85 -16.66 -38.98
N LYS B 262 12.74 -16.65 -39.98
CA LYS B 262 12.67 -15.70 -41.07
C LYS B 262 11.41 -15.92 -41.90
N VAL B 263 11.00 -14.88 -42.63
CA VAL B 263 9.70 -14.86 -43.30
C VAL B 263 9.82 -14.22 -44.69
N VAL B 264 8.86 -14.54 -45.58
CA VAL B 264 8.98 -14.25 -47.01
C VAL B 264 9.13 -12.78 -47.41
N ALA B 265 8.62 -11.84 -46.61
CA ALA B 265 8.88 -10.40 -46.85
C ALA B 265 8.30 -9.85 -48.16
N ASP B 266 6.96 -9.77 -48.22
CA ASP B 266 6.22 -9.32 -49.43
C ASP B 266 6.63 -7.92 -49.93
N LEU B 267 6.63 -6.95 -49.02
CA LEU B 267 7.11 -5.58 -49.30
C LEU B 267 8.63 -5.55 -49.54
N TYR B 268 9.06 -6.07 -50.71
CA TYR B 268 10.48 -6.25 -51.07
C TYR B 268 11.30 -4.95 -50.96
N GLY B 269 11.03 -3.99 -51.85
CA GLY B 269 11.60 -2.65 -51.77
C GLY B 269 10.47 -1.62 -51.74
N SER B 270 10.12 -1.10 -52.91
CA SER B 270 8.96 -0.21 -53.09
C SER B 270 8.30 -0.36 -54.48
N GLU B 271 7.05 0.08 -54.55
CA GLU B 271 6.24 0.01 -55.78
C GLU B 271 6.77 0.96 -56.89
N LYS B 272 6.59 2.26 -56.67
CA LYS B 272 6.90 3.30 -57.66
C LYS B 272 8.41 3.47 -57.85
N GLU B 273 8.89 3.04 -59.02
CA GLU B 273 10.32 2.99 -59.39
C GLU B 273 11.09 4.30 -59.13
N ASN B 274 10.43 5.43 -59.41
CA ASN B 274 11.02 6.74 -59.17
C ASN B 274 11.44 6.94 -57.71
N ILE B 275 10.59 6.56 -56.76
CA ILE B 275 10.97 6.63 -55.34
C ILE B 275 11.83 5.45 -54.84
N ASP B 276 11.69 4.28 -55.45
CA ASP B 276 12.48 3.13 -55.02
C ASP B 276 13.98 3.41 -55.07
N HIS B 277 14.44 4.08 -56.12
CA HIS B 277 15.87 4.34 -56.24
C HIS B 277 16.30 5.48 -55.29
N LYS B 278 15.33 6.25 -54.82
CA LYS B 278 15.59 7.27 -53.82
C LYS B 278 15.76 6.69 -52.43
N ILE B 279 14.94 5.70 -52.07
CA ILE B 279 15.17 5.00 -50.82
C ILE B 279 16.55 4.33 -50.84
N LYS B 280 16.86 3.60 -51.91
CA LYS B 280 18.16 2.95 -52.08
C LYS B 280 19.32 3.91 -51.91
N LEU B 281 19.17 5.13 -52.45
CA LEU B 281 20.24 6.11 -52.37
C LEU B 281 20.43 6.60 -50.95
N ILE B 282 19.33 6.97 -50.29
CA ILE B 282 19.39 7.40 -48.91
C ILE B 282 20.03 6.31 -48.01
N ASN B 283 19.60 5.06 -48.19
CA ASN B 283 20.15 3.97 -47.39
C ASN B 283 21.59 3.72 -47.73
N SER B 284 22.03 4.15 -48.91
CA SER B 284 23.40 3.82 -49.32
C SER B 284 24.36 4.71 -48.54
N ARG B 285 23.81 5.82 -48.04
CA ARG B 285 24.58 6.83 -47.34
C ARG B 285 24.62 6.62 -45.84
N PHE B 286 23.94 5.56 -45.38
CA PHE B 286 23.77 5.26 -43.97
C PHE B 286 25.05 5.02 -43.18
N LYS B 287 25.17 5.69 -42.04
CA LYS B 287 26.25 5.50 -41.11
C LYS B 287 25.65 5.41 -39.72
N PRO B 288 25.99 4.35 -38.94
CA PRO B 288 25.24 4.13 -37.70
C PRO B 288 25.56 5.13 -36.59
N ALA B 289 24.52 5.63 -35.94
CA ALA B 289 24.66 6.50 -34.78
C ALA B 289 24.76 5.65 -33.52
N THR B 290 25.97 5.24 -33.18
CA THR B 290 26.18 4.36 -32.03
C THR B 290 26.58 5.11 -30.77
N PHE B 291 26.48 4.41 -29.65
CA PHE B 291 26.61 4.98 -28.32
C PHE B 291 27.41 4.00 -27.46
N ALA B 292 28.62 4.40 -27.07
CA ALA B 292 29.58 3.54 -26.33
C ALA B 292 28.99 2.64 -25.23
N PRO B 293 28.21 3.21 -24.28
CA PRO B 293 27.66 2.37 -23.21
C PRO B 293 26.81 1.20 -23.72
N VAL B 294 26.30 1.31 -24.93
CA VAL B 294 25.53 0.25 -25.56
C VAL B 294 26.40 -0.94 -25.94
N ASN B 295 27.53 -0.68 -26.60
CA ASN B 295 28.54 -1.70 -26.75
C ASN B 295 28.72 -2.51 -25.48
N ASN B 296 28.80 -1.82 -24.34
CA ASN B 296 29.11 -2.48 -23.07
C ASN B 296 27.99 -3.35 -22.59
N VAL B 297 26.77 -2.85 -22.69
CA VAL B 297 25.61 -3.63 -22.26
C VAL B 297 25.51 -4.98 -23.04
N ALA B 298 25.50 -4.89 -24.38
CA ALA B 298 25.49 -6.05 -25.26
C ALA B 298 26.63 -6.98 -24.92
N ALA B 299 27.86 -6.47 -24.91
CA ALA B 299 29.02 -7.30 -24.70
C ALA B 299 28.90 -8.08 -23.42
N ALA B 300 28.42 -7.40 -22.37
CA ALA B 300 28.36 -7.99 -21.02
C ALA B 300 27.34 -9.12 -20.90
N LEU B 301 26.16 -8.91 -21.47
CA LEU B 301 25.12 -9.94 -21.43
C LEU B 301 25.52 -11.12 -22.31
N CYS B 302 26.11 -10.80 -23.45
CA CYS B 302 26.63 -11.81 -24.33
C CYS B 302 27.71 -12.63 -23.61
N ALA B 303 28.62 -11.97 -22.87
CA ALA B 303 29.65 -12.71 -22.12
C ALA B 303 29.03 -13.57 -21.03
N ALA B 304 27.91 -13.11 -20.47
CA ALA B 304 27.23 -13.83 -19.43
C ALA B 304 26.65 -15.13 -19.94
N ASP B 305 26.01 -15.05 -21.10
CA ASP B 305 25.51 -16.23 -21.76
C ASP B 305 26.60 -17.26 -22.09
N VAL B 306 27.77 -16.79 -22.51
CA VAL B 306 28.89 -17.68 -22.78
C VAL B 306 29.32 -18.45 -21.53
N ILE B 307 29.49 -17.75 -20.40
CA ILE B 307 29.89 -18.39 -19.14
C ILE B 307 28.86 -19.42 -18.66
N LYS B 308 27.58 -19.12 -18.86
CA LYS B 308 26.52 -20.03 -18.48
C LYS B 308 26.50 -21.25 -19.39
N PHE B 309 26.61 -21.00 -20.70
CA PHE B 309 26.74 -22.08 -21.68
C PHE B 309 27.91 -23.01 -21.36
N ILE B 310 29.11 -22.47 -21.23
CA ILE B 310 30.25 -23.34 -20.93
C ILE B 310 30.21 -23.95 -19.54
N GLY B 311 29.68 -23.18 -18.58
CA GLY B 311 29.73 -23.56 -17.17
C GLY B 311 28.66 -24.56 -16.81
N LYS B 312 27.60 -24.55 -17.61
CA LYS B 312 26.48 -25.50 -17.50
C LYS B 312 25.71 -25.38 -16.17
N TYR B 313 25.67 -24.18 -15.59
CA TYR B 313 25.05 -24.01 -14.28
C TYR B 313 23.67 -23.37 -14.27
N SER B 314 23.34 -22.56 -15.29
CA SER B 314 21.96 -22.16 -15.54
C SER B 314 21.76 -21.91 -17.04
N GLU B 315 20.51 -21.76 -17.47
CA GLU B 315 20.20 -21.52 -18.87
C GLU B 315 20.66 -20.15 -19.37
N PRO B 316 21.35 -20.10 -20.53
CA PRO B 316 21.50 -18.78 -21.16
C PRO B 316 20.17 -18.15 -21.58
N LEU B 317 20.07 -16.84 -21.44
CA LEU B 317 18.88 -16.10 -21.85
C LEU B 317 18.72 -16.12 -23.35
N SER B 318 19.84 -16.24 -24.05
CA SER B 318 19.89 -16.18 -25.49
C SER B 318 19.20 -17.34 -26.24
N LEU B 319 19.18 -18.55 -25.66
CA LEU B 319 18.55 -19.71 -26.29
C LEU B 319 17.23 -19.31 -26.95
N ASN B 320 17.15 -19.47 -28.27
CA ASN B 320 15.90 -19.31 -29.01
C ASN B 320 15.37 -17.89 -29.02
N LYS B 321 16.24 -16.95 -28.69
CA LYS B 321 15.84 -15.56 -28.54
C LYS B 321 16.89 -14.61 -29.07
N ARG B 322 16.42 -13.59 -29.79
CA ARG B 322 17.25 -12.42 -30.01
C ARG B 322 16.78 -11.25 -29.15
N ILE B 323 17.69 -10.71 -28.35
CA ILE B 323 17.33 -9.74 -27.33
C ILE B 323 17.84 -8.35 -27.67
N GLY B 324 16.98 -7.36 -27.53
CA GLY B 324 17.37 -5.95 -27.71
C GLY B 324 17.13 -5.13 -26.45
N ILE B 325 18.17 -4.44 -25.99
CA ILE B 325 18.08 -3.48 -24.85
C ILE B 325 18.13 -2.03 -25.32
N TRP B 326 17.06 -1.28 -25.12
CA TRP B 326 17.06 0.13 -25.50
C TRP B 326 17.93 1.00 -24.62
N SER B 327 18.26 2.19 -25.11
CA SER B 327 19.08 3.10 -24.34
C SER B 327 18.44 4.47 -24.11
N ASP B 328 17.57 4.94 -25.01
CA ASP B 328 16.86 6.20 -24.79
C ASP B 328 15.51 6.00 -24.10
N GLU B 329 15.31 4.79 -23.63
CA GLU B 329 14.07 4.38 -23.04
C GLU B 329 14.45 3.11 -22.31
N ILE B 330 13.75 2.83 -21.22
CA ILE B 330 14.07 1.61 -20.52
C ILE B 330 13.13 0.53 -21.00
N LYS B 331 13.69 -0.53 -21.55
CA LYS B 331 12.95 -1.42 -22.41
C LYS B 331 13.86 -2.54 -22.87
N ILE B 332 13.35 -3.76 -22.76
CA ILE B 332 14.08 -4.92 -23.23
C ILE B 332 13.08 -5.79 -23.98
N HIS B 333 13.34 -6.04 -25.26
CA HIS B 333 12.44 -6.77 -26.18
C HIS B 333 13.13 -8.06 -26.50
N SER B 334 12.35 -9.13 -26.57
CA SER B 334 12.84 -10.44 -26.96
C SER B 334 12.15 -10.87 -28.25
N GLN B 335 12.91 -11.52 -29.13
CA GLN B 335 12.36 -12.04 -30.40
C GLN B 335 12.59 -13.53 -30.54
N ASN B 336 11.56 -14.25 -30.98
CA ASN B 336 11.62 -15.70 -31.19
C ASN B 336 12.60 -16.16 -32.30
N MET B 337 13.44 -17.13 -31.95
CA MET B 337 14.35 -17.77 -32.89
C MET B 337 14.48 -19.25 -32.54
N GLY B 338 13.40 -19.84 -32.05
CA GLY B 338 13.36 -21.30 -31.77
C GLY B 338 13.24 -22.10 -33.05
N ARG B 339 13.38 -23.42 -32.97
CA ARG B 339 13.38 -24.27 -34.17
C ARG B 339 12.11 -24.19 -35.07
N SER B 340 12.32 -24.19 -36.38
CA SER B 340 11.25 -24.40 -37.33
C SER B 340 11.45 -25.75 -38.06
N PRO B 341 10.39 -26.58 -38.14
CA PRO B 341 10.58 -27.92 -38.72
C PRO B 341 10.85 -27.82 -40.24
N VAL B 342 10.35 -26.76 -40.86
CA VAL B 342 10.34 -26.58 -42.31
C VAL B 342 11.46 -25.63 -42.80
N CYS B 343 12.54 -25.56 -42.04
CA CYS B 343 13.60 -24.57 -42.24
C CYS B 343 14.69 -25.11 -43.14
N SER B 344 15.02 -24.34 -44.17
CA SER B 344 16.01 -24.76 -45.16
C SER B 344 17.36 -25.14 -44.61
N VAL B 345 17.81 -24.44 -43.58
CA VAL B 345 19.19 -24.58 -43.16
C VAL B 345 19.37 -25.77 -42.23
N CYS B 346 18.49 -25.93 -41.23
CA CYS B 346 18.67 -27.00 -40.24
C CYS B 346 17.54 -28.03 -40.20
N GLY B 347 16.55 -27.83 -41.07
CA GLY B 347 15.51 -28.83 -41.28
C GLY B 347 16.08 -29.97 -42.10
N ASN B 348 15.20 -30.90 -42.47
CA ASN B 348 15.59 -32.03 -43.31
C ASN B 348 15.92 -31.72 -44.78
N ARG B 349 16.36 -32.72 -45.53
CA ARG B 349 16.12 -32.75 -46.98
C ARG B 349 14.64 -33.21 -47.18
N MET B 350 14.17 -34.42 -46.80
CA MET B 350 14.91 -35.68 -46.53
C MET B 350 13.79 -36.65 -46.25
N LEU B 351 13.60 -37.63 -47.13
CA LEU B 351 12.57 -38.63 -46.89
C LEU B 351 13.06 -40.04 -47.23
N GLU B 352 12.51 -41.02 -46.53
CA GLU B 352 12.86 -42.42 -46.71
C GLU B 352 11.64 -43.16 -47.24
N HIS B 353 11.84 -43.99 -48.25
CA HIS B 353 10.69 -44.62 -48.90
C HIS B 353 10.72 -46.16 -48.84
N HIS B 354 11.69 -46.69 -48.10
CA HIS B 354 11.90 -48.13 -47.96
C HIS B 354 11.29 -48.69 -46.68
N HIS B 355 10.78 -49.91 -46.76
CA HIS B 355 10.38 -50.68 -45.56
C HIS B 355 10.45 -52.22 -45.77
N HIS B 356 10.72 -52.96 -44.69
CA HIS B 356 10.68 -54.42 -44.69
C HIS B 356 9.50 -54.91 -43.86
N HIS B 357 8.65 -55.74 -44.45
CA HIS B 357 7.59 -56.39 -43.69
C HIS B 357 8.16 -57.67 -43.09
N HIS B 358 8.29 -57.69 -41.76
CA HIS B 358 9.04 -58.75 -41.04
C HIS B 358 8.14 -59.92 -40.63
N MET C 1 -14.41 39.66 37.68
CA MET C 1 -14.74 38.38 36.98
C MET C 1 -13.59 37.92 36.09
N ASP C 2 -12.91 36.86 36.55
CA ASP C 2 -11.76 36.31 35.84
C ASP C 2 -12.19 35.26 34.84
N TYR C 3 -11.61 35.34 33.64
CA TYR C 3 -11.88 34.37 32.61
C TYR C 3 -10.63 33.58 32.28
N ILE C 4 -10.81 32.38 31.72
CA ILE C 4 -9.70 31.48 31.39
C ILE C 4 -10.00 30.70 30.12
N LEU C 5 -8.97 30.37 29.34
CA LEU C 5 -9.15 29.59 28.14
C LEU C 5 -9.38 28.11 28.48
N GLY C 6 -10.37 27.51 27.83
CA GLY C 6 -10.72 26.11 28.06
C GLY C 6 -9.59 25.23 27.61
N ARG C 7 -9.33 24.15 28.31
CA ARG C 7 -8.22 23.29 27.92
C ARG C 7 -8.60 22.42 26.71
N TYR C 8 -9.84 22.55 26.25
CA TYR C 8 -10.38 21.76 25.14
C TYR C 8 -10.37 22.52 23.83
N VAL C 9 -9.96 23.78 23.86
CA VAL C 9 -9.95 24.60 22.65
C VAL C 9 -8.72 24.34 21.78
N LYS C 10 -8.96 24.03 20.51
CA LYS C 10 -7.92 23.76 19.52
C LYS C 10 -7.99 24.80 18.42
N ILE C 11 -6.85 25.03 17.77
CA ILE C 11 -6.80 26.00 16.69
C ILE C 11 -6.12 25.43 15.46
N ALA C 12 -6.65 25.75 14.28
CA ALA C 12 -5.96 25.46 13.01
C ALA C 12 -6.38 26.40 11.85
N ARG C 13 -5.46 26.60 10.91
CA ARG C 13 -5.71 27.36 9.68
C ARG C 13 -6.48 26.51 8.68
N TYR C 14 -7.47 27.11 8.02
CA TYR C 14 -8.43 26.38 7.18
C TYR C 14 -9.44 27.33 6.54
N GLY C 15 -9.58 27.25 5.21
CA GLY C 15 -10.44 28.14 4.45
C GLY C 15 -9.84 29.54 4.29
N SER C 16 -10.71 30.55 4.22
CA SER C 16 -10.26 31.94 4.15
C SER C 16 -9.93 32.54 5.54
N GLY C 17 -10.09 31.71 6.57
CA GLY C 17 -9.71 32.08 7.94
C GLY C 17 -9.20 30.88 8.74
N GLY C 18 -9.93 30.54 9.80
CA GLY C 18 -9.57 29.37 10.58
C GLY C 18 -10.64 28.78 11.49
N LEU C 19 -10.25 27.71 12.17
CA LEU C 19 -11.10 26.97 13.09
C LEU C 19 -10.69 27.22 14.53
N VAL C 20 -11.70 27.38 15.39
CA VAL C 20 -11.53 27.54 16.83
C VAL C 20 -12.41 26.51 17.54
N GLY C 21 -11.83 25.76 18.48
CA GLY C 21 -12.55 24.71 19.20
C GLY C 21 -12.50 23.43 18.38
N GLY C 22 -13.03 22.36 18.95
CA GLY C 22 -13.04 21.07 18.26
C GLY C 22 -14.32 20.31 18.51
N GLY C 23 -14.70 19.45 17.56
CA GLY C 23 -15.93 18.67 17.70
C GLY C 23 -17.19 19.51 17.56
N GLY C 24 -18.27 19.07 18.19
CA GLY C 24 -19.56 19.75 18.10
C GLY C 24 -19.56 21.27 18.19
N LYS C 25 -18.83 21.81 19.16
CA LYS C 25 -18.83 23.24 19.43
C LYS C 25 -17.76 24.01 18.60
N GLU C 26 -17.30 23.40 17.51
CA GLU C 26 -16.30 24.00 16.63
C GLU C 26 -16.87 25.15 15.80
N GLN C 27 -16.10 26.25 15.70
CA GLN C 27 -16.49 27.46 14.96
C GLN C 27 -15.58 27.73 13.78
N TYR C 28 -16.19 28.13 12.68
CA TYR C 28 -15.45 28.47 11.48
C TYR C 28 -15.50 29.97 11.19
N VAL C 29 -14.33 30.59 11.02
CA VAL C 29 -14.30 32.03 10.87
C VAL C 29 -13.72 32.48 9.51
N GLU C 30 -14.51 33.34 8.84
CA GLU C 30 -14.22 33.88 7.49
C GLU C 30 -12.99 34.75 7.43
N ASN C 31 -13.08 35.89 8.11
CA ASN C 31 -12.07 36.93 8.06
C ASN C 31 -10.72 36.50 8.67
N LEU C 32 -9.71 36.23 7.84
CA LEU C 32 -8.41 35.78 8.36
C LEU C 32 -7.84 36.74 9.42
N VAL C 33 -8.08 38.04 9.24
CA VAL C 33 -7.57 39.06 10.18
C VAL C 33 -8.24 38.99 11.54
N LEU C 34 -9.55 38.69 11.55
CA LEU C 34 -10.30 38.39 12.77
C LEU C 34 -9.78 37.12 13.47
N TRP C 35 -9.57 36.06 12.70
CA TRP C 35 -9.02 34.82 13.20
C TRP C 35 -7.70 35.03 13.97
N GLU C 36 -6.81 35.84 13.41
CA GLU C 36 -5.56 36.21 14.08
C GLU C 36 -5.90 36.85 15.41
N ASN C 37 -6.86 37.75 15.38
CA ASN C 37 -7.18 38.54 16.54
C ASN C 37 -7.78 37.72 17.65
N ILE C 38 -8.60 36.75 17.26
CA ILE C 38 -9.12 35.79 18.21
C ILE C 38 -7.98 35.00 18.86
N ILE C 39 -7.05 34.48 18.07
CA ILE C 39 -5.88 33.80 18.62
C ILE C 39 -5.15 34.69 19.60
N LYS C 40 -4.95 35.95 19.21
CA LYS C 40 -4.24 36.94 20.01
C LYS C 40 -4.95 37.13 21.35
N THR C 41 -6.26 37.33 21.29
CA THR C 41 -7.05 37.49 22.49
C THR C 41 -6.99 36.23 23.36
N ALA C 42 -7.16 35.08 22.74
CA ALA C 42 -7.21 33.80 23.43
C ALA C 42 -5.97 33.65 24.28
N TYR C 43 -4.81 33.94 23.69
CA TYR C 43 -3.51 33.84 24.35
C TYR C 43 -3.49 34.58 25.68
N CYS C 44 -4.04 35.78 25.68
CA CYS C 44 -4.15 36.62 26.87
C CYS C 44 -4.94 36.00 28.02
N PHE C 45 -5.85 35.09 27.68
CA PHE C 45 -6.68 34.46 28.67
C PHE C 45 -6.24 33.08 29.08
N ILE C 46 -4.99 32.76 28.79
CA ILE C 46 -4.46 31.45 29.11
C ILE C 46 -4.35 31.33 30.60
N THR C 47 -4.08 32.45 31.27
CA THR C 47 -4.07 32.47 32.72
C THR C 47 -5.34 33.15 33.19
N PRO C 48 -5.92 32.70 34.31
CA PRO C 48 -7.23 33.28 34.69
C PRO C 48 -7.07 34.78 34.99
N SER C 49 -7.62 35.61 34.12
CA SER C 49 -7.54 37.05 34.34
C SER C 49 -8.75 37.82 33.88
N SER C 50 -8.99 38.96 34.53
CA SER C 50 -10.14 39.83 34.26
C SER C 50 -10.05 40.48 32.87
N TYR C 51 -11.18 40.96 32.36
CA TYR C 51 -11.21 41.61 31.06
C TYR C 51 -10.11 42.68 30.92
N THR C 52 -10.01 43.55 31.91
CA THR C 52 -9.05 44.65 31.88
C THR C 52 -7.61 44.15 31.95
N ALA C 53 -7.34 43.21 32.86
CA ALA C 53 -5.98 42.67 33.04
C ALA C 53 -5.46 41.92 31.80
N ALA C 54 -6.33 41.19 31.11
CA ALA C 54 -5.94 40.54 29.88
C ALA C 54 -5.65 41.56 28.78
N LEU C 55 -6.56 42.54 28.63
CA LEU C 55 -6.42 43.62 27.64
C LEU C 55 -5.08 44.34 27.75
N GLU C 56 -4.67 44.61 28.98
CA GLU C 56 -3.43 45.31 29.27
C GLU C 56 -2.18 44.62 28.74
N THR C 57 -2.30 43.41 28.21
CA THR C 57 -1.12 42.70 27.68
C THR C 57 -1.30 42.38 26.19
N ALA C 58 -2.40 42.88 25.65
CA ALA C 58 -2.71 42.74 24.23
C ALA C 58 -2.07 43.85 23.40
N ASN C 59 -1.70 43.50 22.18
CA ASN C 59 -1.18 44.49 21.23
C ASN C 59 -2.23 45.12 20.33
N ILE C 60 -3.24 44.34 19.99
CA ILE C 60 -4.32 44.81 19.13
C ILE C 60 -5.13 45.95 19.77
N PRO C 61 -5.84 46.73 18.95
CA PRO C 61 -6.58 47.86 19.50
C PRO C 61 -7.75 47.43 20.34
N GLU C 62 -7.91 48.07 21.49
CA GLU C 62 -9.03 47.86 22.40
C GLU C 62 -10.36 47.45 21.75
N LYS C 63 -10.67 48.02 20.59
CA LYS C 63 -11.96 47.76 19.94
C LYS C 63 -12.16 46.29 19.52
N ASP C 64 -11.19 45.76 18.78
CA ASP C 64 -11.18 44.36 18.30
C ASP C 64 -11.12 43.35 19.46
N PHE C 65 -10.45 43.75 20.53
CA PHE C 65 -10.38 42.95 21.73
C PHE C 65 -11.79 42.69 22.27
N SER C 66 -12.65 43.70 22.25
CA SER C 66 -14.02 43.54 22.72
C SER C 66 -14.85 42.53 21.90
N ASN C 67 -14.56 42.48 20.59
CA ASN C 67 -15.22 41.57 19.65
C ASN C 67 -14.85 40.12 19.86
N CYS C 68 -13.54 39.88 19.86
CA CYS C 68 -12.97 38.57 20.16
C CYS C 68 -13.43 38.07 21.53
N PHE C 69 -13.33 38.90 22.56
CA PHE C 69 -13.81 38.53 23.88
C PHE C 69 -15.22 37.97 23.82
N ARG C 70 -16.18 38.79 23.37
CA ARG C 70 -17.60 38.38 23.22
C ARG C 70 -17.76 37.06 22.45
N PHE C 71 -17.01 36.92 21.36
CA PHE C 71 -16.97 35.69 20.59
C PHE C 71 -16.55 34.50 21.45
N LEU C 72 -15.31 34.55 21.94
CA LEU C 72 -14.75 33.51 22.78
C LEU C 72 -15.62 33.23 23.99
N LYS C 73 -16.24 34.29 24.52
CA LYS C 73 -17.08 34.13 25.69
C LYS C 73 -18.37 33.35 25.37
N GLU C 74 -19.09 33.79 24.34
CA GLU C 74 -20.38 33.20 23.95
C GLU C 74 -20.26 31.77 23.48
N ASN C 75 -19.19 31.46 22.73
CA ASN C 75 -18.88 30.09 22.31
C ASN C 75 -18.33 29.14 23.37
N PHE C 76 -18.05 29.67 24.55
CA PHE C 76 -17.51 28.93 25.67
C PHE C 76 -16.04 28.50 25.51
N PHE C 77 -15.29 29.27 24.73
CA PHE C 77 -13.85 29.05 24.60
C PHE C 77 -13.09 29.65 25.76
N ILE C 78 -13.54 30.81 26.22
CA ILE C 78 -13.10 31.26 27.53
C ILE C 78 -14.28 31.15 28.44
N ILE C 79 -14.01 30.82 29.70
CA ILE C 79 -15.03 30.50 30.67
C ILE C 79 -14.66 31.15 32.01
N PRO C 80 -15.66 31.41 32.85
CA PRO C 80 -15.39 31.86 34.22
C PRO C 80 -14.30 31.06 34.92
N GLY C 81 -13.38 31.76 35.59
CA GLY C 81 -12.31 31.13 36.33
C GLY C 81 -12.77 30.17 37.40
N GLU C 82 -13.96 30.40 37.95
CA GLU C 82 -14.54 29.56 39.02
C GLU C 82 -14.77 28.14 38.53
N TYR C 83 -15.20 28.04 37.28
CA TYR C 83 -15.57 26.77 36.67
C TYR C 83 -14.41 25.81 36.63
N ASN C 84 -13.26 26.24 37.14
CA ASN C 84 -12.04 25.47 37.02
C ASN C 84 -11.54 24.78 38.28
N ASN C 85 -12.21 24.98 39.41
CA ASN C 85 -11.78 24.38 40.68
C ASN C 85 -11.50 22.87 40.58
N SER C 86 -10.24 22.49 40.93
CA SER C 86 -9.68 21.15 40.60
C SER C 86 -10.30 19.91 41.29
N THR C 87 -10.07 19.78 42.60
CA THR C 87 -10.34 18.54 43.39
C THR C 87 -9.43 17.36 42.95
N GLU C 88 -9.20 16.41 43.87
CA GLU C 88 -8.23 15.30 43.70
C GLU C 88 -8.58 14.28 42.58
N ASN C 89 -8.37 14.72 41.32
CA ASN C 89 -8.85 14.04 40.08
C ASN C 89 -10.39 13.82 40.03
N ASN C 90 -11.05 14.16 41.14
CA ASN C 90 -12.52 14.03 41.38
C ASN C 90 -13.34 12.99 40.60
N ARG C 91 -12.75 11.86 40.21
CA ARG C 91 -13.48 10.78 39.51
C ARG C 91 -14.24 11.24 38.24
N TYR C 92 -14.89 12.39 38.33
CA TYR C 92 -15.69 12.93 37.23
C TYR C 92 -14.92 14.02 36.47
N SER C 93 -13.60 13.99 36.52
CA SER C 93 -12.77 14.94 35.76
C SER C 93 -12.91 14.77 34.25
N ARG C 94 -13.00 13.52 33.81
CA ARG C 94 -13.06 13.23 32.39
C ARG C 94 -14.39 13.73 31.80
N ASN C 95 -15.30 14.14 32.69
CA ASN C 95 -16.59 14.70 32.30
C ASN C 95 -16.71 16.20 32.50
N PHE C 96 -15.75 16.78 33.18
CA PHE C 96 -15.81 18.19 33.53
C PHE C 96 -15.53 19.13 32.35
N LEU C 97 -14.55 18.75 31.52
CA LEU C 97 -14.22 19.54 30.35
C LEU C 97 -15.39 19.58 29.40
N HIS C 98 -16.08 18.45 29.27
CA HIS C 98 -17.31 18.36 28.50
C HIS C 98 -18.37 19.39 28.95
N TYR C 99 -18.69 19.43 30.24
CA TYR C 99 -19.66 20.39 30.73
C TYR C 99 -19.17 21.82 30.51
N GLN C 100 -17.88 22.06 30.76
CA GLN C 100 -17.33 23.42 30.56
C GLN C 100 -17.54 23.88 29.13
N SER C 101 -17.33 22.97 28.18
CA SER C 101 -17.31 23.32 26.78
C SER C 101 -18.70 23.65 26.28
N TYR C 102 -19.71 23.33 27.09
CA TYR C 102 -21.09 23.66 26.76
C TYR C 102 -21.57 24.84 27.56
N GLY C 103 -20.71 25.39 28.39
CA GLY C 103 -21.00 26.63 29.09
C GLY C 103 -21.60 26.47 30.47
N ALA C 104 -21.41 25.30 31.08
CA ALA C 104 -21.95 25.06 32.40
C ALA C 104 -20.84 25.01 33.44
N ASN C 105 -21.19 25.42 34.65
CA ASN C 105 -20.34 25.20 35.80
C ASN C 105 -20.38 23.71 36.09
N PRO C 106 -19.24 23.01 35.90
CA PRO C 106 -19.25 21.56 36.09
C PRO C 106 -19.66 21.12 37.49
N VAL C 107 -19.41 21.97 38.48
CA VAL C 107 -19.78 21.67 39.85
C VAL C 107 -21.31 21.72 40.04
N LEU C 108 -21.96 22.74 39.51
CA LEU C 108 -23.41 22.76 39.51
C LEU C 108 -23.95 21.47 38.91
N VAL C 109 -23.53 21.18 37.68
CA VAL C 109 -23.95 19.99 36.95
C VAL C 109 -23.84 18.70 37.78
N GLN C 110 -22.66 18.39 38.34
CA GLN C 110 -22.54 17.18 39.18
C GLN C 110 -23.50 17.19 40.37
N ASP C 111 -23.70 18.35 41.00
CA ASP C 111 -24.57 18.40 42.17
C ASP C 111 -25.98 17.93 41.75
N LYS C 112 -26.50 18.48 40.64
CA LYS C 112 -27.81 18.07 40.12
C LYS C 112 -27.95 16.58 39.87
N LEU C 113 -26.92 15.99 39.24
CA LEU C 113 -26.88 14.55 39.02
C LEU C 113 -26.93 13.78 40.33
N LYS C 114 -26.15 14.24 41.30
CA LYS C 114 -26.10 13.61 42.63
C LYS C 114 -27.44 13.70 43.34
N ASN C 115 -28.20 14.74 43.04
CA ASN C 115 -29.50 14.96 43.65
C ASN C 115 -30.67 14.46 42.84
N ALA C 116 -30.43 13.65 41.81
CA ALA C 116 -31.52 13.16 40.98
C ALA C 116 -31.94 11.73 41.30
N LYS C 117 -33.22 11.48 41.05
CA LYS C 117 -33.84 10.16 41.16
C LYS C 117 -34.29 9.80 39.73
N VAL C 118 -33.97 8.60 39.29
CA VAL C 118 -34.26 8.17 37.92
C VAL C 118 -34.81 6.76 37.99
N VAL C 119 -35.96 6.54 37.36
CA VAL C 119 -36.61 5.24 37.34
C VAL C 119 -36.26 4.52 36.06
N ILE C 120 -35.80 3.28 36.17
CA ILE C 120 -35.59 2.45 34.99
C ILE C 120 -36.83 1.55 34.86
N LEU C 121 -37.74 1.91 33.97
CA LEU C 121 -38.94 1.14 33.81
C LEU C 121 -38.72 -0.04 32.85
N GLY C 122 -38.24 -1.16 33.36
CA GLY C 122 -37.89 -2.30 32.48
C GLY C 122 -36.39 -2.44 32.34
N CYS C 123 -35.88 -3.64 32.60
CA CYS C 123 -34.44 -3.86 32.75
C CYS C 123 -33.87 -4.89 31.79
N GLY C 124 -34.43 -4.98 30.59
CA GLY C 124 -33.80 -5.78 29.53
C GLY C 124 -32.49 -5.10 29.11
N GLY C 125 -31.93 -5.54 27.98
CA GLY C 125 -30.71 -4.93 27.46
C GLY C 125 -30.59 -3.42 27.61
N ILE C 126 -31.62 -2.68 27.22
CA ILE C 126 -31.51 -1.22 27.16
C ILE C 126 -31.48 -0.54 28.54
N GLY C 127 -32.44 -0.87 29.40
CA GLY C 127 -32.49 -0.27 30.72
C GLY C 127 -31.26 -0.66 31.51
N ASN C 128 -30.89 -1.91 31.36
CA ASN C 128 -29.64 -2.44 31.88
C ASN C 128 -28.49 -1.47 31.64
N HIS C 129 -28.28 -1.23 30.34
CA HIS C 129 -27.20 -0.40 29.86
C HIS C 129 -27.32 1.07 30.21
N VAL C 130 -28.54 1.61 30.27
CA VAL C 130 -28.70 3.00 30.61
C VAL C 130 -28.29 3.21 32.07
N SER C 131 -28.66 2.26 32.91
CA SER C 131 -28.43 2.42 34.33
C SER C 131 -26.94 2.41 34.65
N VAL C 132 -26.17 1.61 33.91
CA VAL C 132 -24.72 1.62 34.12
C VAL C 132 -24.18 2.99 33.79
N ILE C 133 -24.48 3.46 32.59
CA ILE C 133 -23.99 4.77 32.17
C ILE C 133 -24.38 5.87 33.19
N LEU C 134 -25.63 5.83 33.66
CA LEU C 134 -26.10 6.83 34.61
C LEU C 134 -25.41 6.74 35.95
N ALA C 135 -25.21 5.52 36.46
CA ALA C 135 -24.54 5.30 37.75
C ALA C 135 -23.12 5.82 37.63
N THR C 136 -22.48 5.35 36.58
CA THR C 136 -21.13 5.66 36.27
C THR C 136 -20.89 7.15 36.09
N SER C 137 -21.92 7.91 35.78
CA SER C 137 -21.76 9.35 35.61
C SER C 137 -22.16 10.19 36.82
N GLY C 138 -22.69 9.53 37.85
CA GLY C 138 -22.99 10.22 39.09
C GLY C 138 -24.46 10.44 39.45
N ILE C 139 -25.39 9.78 38.77
CA ILE C 139 -26.78 9.87 39.18
C ILE C 139 -26.88 9.34 40.61
N GLY C 140 -27.42 10.16 41.50
CA GLY C 140 -27.50 9.86 42.93
C GLY C 140 -28.34 8.66 43.29
N GLU C 141 -29.57 8.62 42.78
CA GLU C 141 -30.50 7.54 43.10
C GLU C 141 -31.09 6.89 41.85
N ILE C 142 -31.19 5.57 41.86
CA ILE C 142 -31.75 4.85 40.72
C ILE C 142 -32.76 3.82 41.19
N ILE C 143 -33.96 3.83 40.61
CA ILE C 143 -34.97 2.83 40.97
C ILE C 143 -35.16 1.81 39.86
N LEU C 144 -34.81 0.55 40.13
CA LEU C 144 -34.90 -0.50 39.12
C LEU C 144 -36.21 -1.23 39.18
N ILE C 145 -37.02 -1.15 38.12
CA ILE C 145 -38.31 -1.80 38.13
C ILE C 145 -38.42 -2.91 37.11
N ASP C 146 -38.57 -4.13 37.61
CA ASP C 146 -38.67 -5.32 36.78
C ASP C 146 -39.03 -6.50 37.64
N ASN C 147 -39.55 -7.56 37.02
CA ASN C 147 -39.95 -8.76 37.74
C ASN C 147 -39.51 -10.05 37.09
N ASP C 148 -38.72 -9.96 36.01
CA ASP C 148 -38.14 -11.13 35.36
C ASP C 148 -36.86 -11.66 36.02
N GLN C 149 -36.51 -12.90 35.70
CA GLN C 149 -35.24 -13.48 36.13
C GLN C 149 -34.30 -13.58 34.94
N ILE C 150 -33.00 -13.59 35.21
CA ILE C 150 -31.99 -13.72 34.16
C ILE C 150 -32.05 -15.08 33.48
N GLU C 151 -32.41 -15.05 32.20
CA GLU C 151 -32.44 -16.25 31.38
C GLU C 151 -31.12 -16.46 30.66
N ASN C 152 -31.02 -17.59 29.99
CA ASN C 152 -29.83 -17.97 29.22
C ASN C 152 -29.47 -17.02 28.06
N THR C 153 -30.47 -16.73 27.24
CA THR C 153 -30.30 -15.92 26.04
C THR C 153 -30.06 -14.43 26.34
N ASN C 154 -30.26 -14.02 27.59
CA ASN C 154 -30.10 -12.62 27.99
C ASN C 154 -28.66 -12.15 27.96
N LEU C 155 -27.74 -13.11 27.95
CA LEU C 155 -26.32 -12.82 28.14
C LEU C 155 -25.68 -12.21 26.91
N THR C 156 -26.38 -12.26 25.79
CA THR C 156 -25.93 -11.62 24.56
C THR C 156 -26.23 -10.12 24.52
N ARG C 157 -27.31 -9.72 25.16
CA ARG C 157 -27.77 -8.34 25.13
C ARG C 157 -27.29 -7.56 26.34
N GLN C 158 -27.32 -8.19 27.51
CA GLN C 158 -27.28 -7.46 28.76
C GLN C 158 -25.90 -7.62 29.35
N VAL C 159 -25.05 -6.69 28.90
CA VAL C 159 -23.62 -6.53 29.22
C VAL C 159 -23.13 -6.58 30.69
N LEU C 160 -24.05 -6.68 31.65
CA LEU C 160 -23.71 -6.77 33.08
C LEU C 160 -23.81 -8.16 33.73
N PHE C 161 -24.24 -9.17 33.00
CA PHE C 161 -24.61 -10.43 33.64
C PHE C 161 -23.56 -11.51 33.41
N SER C 162 -23.30 -12.33 34.43
CA SER C 162 -22.38 -13.45 34.28
C SER C 162 -23.17 -14.69 33.99
N GLU C 163 -22.51 -15.76 33.57
CA GLU C 163 -23.14 -17.09 33.47
C GLU C 163 -23.66 -17.53 34.83
N ASP C 164 -22.98 -17.04 35.87
CA ASP C 164 -23.27 -17.28 37.27
C ASP C 164 -24.64 -16.74 37.70
N ASP C 165 -25.24 -15.88 36.88
CA ASP C 165 -26.40 -15.11 37.29
C ASP C 165 -27.73 -15.59 36.77
N VAL C 166 -27.70 -16.57 35.85
CA VAL C 166 -28.93 -17.20 35.37
C VAL C 166 -29.79 -17.69 36.55
N GLY C 167 -31.09 -17.45 36.48
CA GLY C 167 -31.97 -17.77 37.60
C GLY C 167 -32.27 -16.63 38.56
N LYS C 168 -31.29 -15.77 38.86
CA LYS C 168 -31.51 -14.65 39.79
C LYS C 168 -32.35 -13.54 39.18
N ASN C 169 -32.90 -12.67 40.02
CA ASN C 169 -33.68 -11.54 39.52
C ASN C 169 -32.78 -10.53 38.84
N LYS C 170 -33.28 -9.98 37.72
CA LYS C 170 -32.59 -8.90 37.04
C LYS C 170 -32.25 -7.73 37.94
N THR C 171 -33.20 -7.18 38.68
CA THR C 171 -32.89 -5.99 39.49
C THR C 171 -31.83 -6.28 40.56
N GLU C 172 -31.84 -7.49 41.12
CA GLU C 172 -30.88 -7.92 42.13
C GLU C 172 -29.43 -7.78 41.66
N VAL C 173 -29.15 -8.39 40.51
CA VAL C 173 -27.83 -8.37 39.89
C VAL C 173 -27.40 -6.99 39.41
N ILE C 174 -28.31 -6.26 38.76
CA ILE C 174 -28.02 -4.90 38.29
C ILE C 174 -27.67 -4.05 39.50
N LYS C 175 -28.44 -4.24 40.58
CA LYS C 175 -28.23 -3.55 41.84
C LYS C 175 -26.83 -3.81 42.43
N ARG C 176 -26.39 -5.07 42.46
CA ARG C 176 -25.06 -5.32 43.00
C ARG C 176 -24.00 -4.74 42.07
N GLU C 177 -24.20 -4.93 40.76
CA GLU C 177 -23.21 -4.46 39.81
C GLU C 177 -23.09 -2.93 39.76
N LEU C 178 -24.17 -2.22 40.07
CA LEU C 178 -24.10 -0.75 40.11
C LEU C 178 -23.42 -0.30 41.38
N LEU C 179 -23.52 -1.12 42.43
CA LEU C 179 -22.90 -0.78 43.71
C LEU C 179 -21.40 -0.98 43.69
N LYS C 180 -20.95 -2.03 43.00
CA LYS C 180 -19.53 -2.24 42.69
C LYS C 180 -18.95 -1.04 41.95
N ARG C 181 -19.73 -0.45 41.05
CA ARG C 181 -19.23 0.60 40.18
C ARG C 181 -19.23 1.97 40.83
N ASN C 182 -20.13 2.18 41.77
CA ASN C 182 -20.22 3.46 42.47
C ASN C 182 -20.97 3.24 43.76
N SER C 183 -20.25 3.17 44.87
CA SER C 183 -20.88 2.85 46.12
C SER C 183 -21.43 4.10 46.81
N GLU C 184 -21.21 5.26 46.20
CA GLU C 184 -21.76 6.50 46.75
C GLU C 184 -23.23 6.72 46.30
N ILE C 185 -23.77 5.81 45.51
CA ILE C 185 -25.14 6.00 45.01
C ILE C 185 -26.10 5.02 45.62
N SER C 186 -27.36 5.41 45.70
CA SER C 186 -28.38 4.57 46.30
C SER C 186 -29.31 4.03 45.21
N VAL C 187 -29.75 2.80 45.39
CA VAL C 187 -30.48 2.05 44.38
C VAL C 187 -31.58 1.25 45.05
N SER C 188 -32.81 1.31 44.55
CA SER C 188 -33.89 0.50 45.08
C SER C 188 -34.42 -0.46 44.00
N GLU C 189 -35.20 -1.45 44.41
CA GLU C 189 -35.83 -2.39 43.48
C GLU C 189 -37.35 -2.45 43.65
N ILE C 190 -38.09 -2.73 42.58
CA ILE C 190 -39.53 -2.92 42.71
C ILE C 190 -39.92 -4.08 41.81
N ALA C 191 -40.46 -5.14 42.42
CA ALA C 191 -40.73 -6.38 41.70
C ALA C 191 -42.05 -6.23 40.97
N LEU C 192 -42.00 -5.69 39.77
CA LEU C 192 -43.21 -5.31 39.06
C LEU C 192 -42.97 -5.26 37.57
N ASN C 193 -43.89 -5.83 36.80
CA ASN C 193 -43.97 -5.59 35.35
C ASN C 193 -45.24 -4.88 34.98
N ILE C 194 -45.16 -3.94 34.05
CA ILE C 194 -46.37 -3.29 33.62
C ILE C 194 -47.11 -4.28 32.73
N ASN C 195 -48.12 -4.94 33.29
CA ASN C 195 -48.98 -5.82 32.51
C ASN C 195 -50.28 -5.16 32.06
N ASP C 196 -50.82 -4.29 32.91
CA ASP C 196 -52.01 -3.50 32.57
C ASP C 196 -51.64 -2.05 32.72
N TYR C 197 -52.36 -1.18 32.00
CA TYR C 197 -52.16 0.26 32.12
C TYR C 197 -52.14 0.73 33.60
N THR C 198 -53.01 0.16 34.44
CA THR C 198 -53.18 0.66 35.79
C THR C 198 -51.98 0.39 36.66
N ASP C 199 -51.11 -0.52 36.23
CA ASP C 199 -49.88 -0.85 36.99
C ASP C 199 -48.99 0.37 37.14
N LEU C 200 -49.15 1.34 36.24
CA LEU C 200 -48.32 2.52 36.24
C LEU C 200 -48.49 3.38 37.49
N HIS C 201 -49.68 3.31 38.12
CA HIS C 201 -49.91 4.02 39.39
C HIS C 201 -48.90 3.62 40.44
N LYS C 202 -48.38 2.40 40.33
CA LYS C 202 -47.44 1.89 41.31
C LYS C 202 -46.00 2.36 41.11
N VAL C 203 -45.71 3.09 40.04
CA VAL C 203 -44.36 3.54 39.79
C VAL C 203 -44.18 4.90 40.45
N PRO C 204 -43.10 5.07 41.23
CA PRO C 204 -42.84 6.33 41.95
C PRO C 204 -42.49 7.54 41.07
N GLU C 205 -42.61 8.74 41.64
CA GLU C 205 -42.18 9.99 41.01
C GLU C 205 -40.69 9.99 40.95
N ALA C 206 -40.16 10.57 39.88
CA ALA C 206 -38.73 10.79 39.74
C ALA C 206 -38.50 11.98 38.82
N ASP C 207 -37.24 12.39 38.69
CA ASP C 207 -36.90 13.47 37.76
C ASP C 207 -37.24 13.05 36.36
N ILE C 208 -37.14 11.74 36.09
CA ILE C 208 -37.44 11.20 34.76
C ILE C 208 -37.59 9.69 34.83
N TRP C 209 -38.40 9.12 33.94
CA TRP C 209 -38.51 7.67 33.76
C TRP C 209 -37.80 7.26 32.48
N VAL C 210 -36.99 6.21 32.57
CA VAL C 210 -36.40 5.62 31.36
C VAL C 210 -37.28 4.47 30.96
N VAL C 211 -37.90 4.56 29.80
CA VAL C 211 -38.94 3.62 29.45
C VAL C 211 -38.51 2.79 28.26
N SER C 212 -38.05 1.58 28.53
CA SER C 212 -37.63 0.71 27.44
C SER C 212 -37.84 -0.73 27.77
N ALA C 213 -39.05 -1.23 27.60
CA ALA C 213 -39.25 -2.66 27.57
C ALA C 213 -40.01 -2.96 26.28
N ASP C 214 -39.35 -3.61 25.34
CA ASP C 214 -39.94 -3.83 23.98
C ASP C 214 -41.37 -4.46 23.93
N HIS C 215 -41.76 -5.11 25.04
CA HIS C 215 -43.08 -5.75 25.24
C HIS C 215 -43.78 -5.25 26.53
N PRO C 216 -45.12 -4.98 26.48
CA PRO C 216 -46.01 -4.96 25.30
C PRO C 216 -45.64 -3.88 24.26
N PHE C 217 -45.89 -4.18 22.99
CA PHE C 217 -45.59 -3.26 21.87
C PHE C 217 -46.16 -1.88 22.15
N ASN C 218 -47.22 -1.84 22.96
CA ASN C 218 -47.98 -0.62 23.23
C ASN C 218 -47.77 -0.04 24.63
N LEU C 219 -46.63 -0.41 25.25
CA LEU C 219 -46.27 0.12 26.56
C LEU C 219 -46.14 1.64 26.51
N ILE C 220 -45.65 2.14 25.40
CA ILE C 220 -45.40 3.56 25.26
C ILE C 220 -46.69 4.36 25.26
N ASN C 221 -47.73 3.82 24.62
CA ASN C 221 -49.02 4.50 24.66
C ASN C 221 -49.51 4.71 26.09
N TRP C 222 -49.45 3.62 26.88
CA TRP C 222 -49.74 3.65 28.30
C TRP C 222 -48.90 4.70 29.01
N VAL C 223 -47.60 4.45 29.05
CA VAL C 223 -46.65 5.35 29.68
C VAL C 223 -46.90 6.81 29.28
N ASN C 224 -47.25 7.05 28.03
CA ASN C 224 -47.44 8.41 27.55
C ASN C 224 -48.65 9.06 28.17
N LYS C 225 -49.79 8.36 28.11
CA LYS C 225 -51.04 8.82 28.72
C LYS C 225 -50.76 9.10 30.18
N TYR C 226 -50.29 8.09 30.90
CA TYR C 226 -50.03 8.21 32.30
C TYR C 226 -49.14 9.41 32.63
N CYS C 227 -48.08 9.60 31.87
CA CYS C 227 -47.11 10.61 32.21
C CYS C 227 -47.61 12.01 31.98
N VAL C 228 -48.35 12.17 30.89
CA VAL C 228 -49.03 13.41 30.57
C VAL C 228 -49.97 13.80 31.72
N ARG C 229 -50.79 12.82 32.13
CA ARG C 229 -51.76 13.00 33.19
C ARG C 229 -51.09 13.26 34.53
N ALA C 230 -49.96 12.58 34.76
CA ALA C 230 -49.33 12.59 36.07
C ALA C 230 -48.23 13.64 36.16
N ASN C 231 -48.13 14.48 35.14
CA ASN C 231 -47.07 15.48 35.11
C ASN C 231 -45.63 14.89 35.26
N GLN C 232 -45.34 13.76 34.60
CA GLN C 232 -44.08 13.04 34.80
C GLN C 232 -43.17 12.93 33.54
N PRO C 233 -42.00 13.57 33.55
CA PRO C 233 -41.11 13.46 32.41
C PRO C 233 -40.62 12.03 32.17
N TYR C 234 -40.61 11.60 30.92
CA TYR C 234 -40.05 10.31 30.59
C TYR C 234 -39.25 10.40 29.28
N ILE C 235 -38.45 9.38 29.01
CA ILE C 235 -37.82 9.24 27.71
C ILE C 235 -37.92 7.78 27.34
N ASN C 236 -38.09 7.54 26.06
CA ASN C 236 -38.38 6.22 25.55
C ASN C 236 -37.20 5.75 24.67
N ALA C 237 -36.97 4.45 24.65
CA ALA C 237 -35.86 3.88 23.91
C ALA C 237 -36.29 2.48 23.56
N GLY C 238 -35.70 1.90 22.51
CA GLY C 238 -36.07 0.55 22.09
C GLY C 238 -35.51 0.26 20.73
N TYR C 239 -36.01 -0.80 20.12
CA TYR C 239 -35.55 -1.20 18.82
C TYR C 239 -36.68 -1.77 17.96
N VAL C 240 -36.53 -1.72 16.64
CA VAL C 240 -37.46 -2.40 15.76
C VAL C 240 -36.61 -3.28 14.87
N ASN C 241 -36.70 -4.58 15.10
CA ASN C 241 -35.71 -5.51 14.56
C ASN C 241 -34.33 -4.85 14.60
N ASP C 242 -33.75 -4.44 13.48
CA ASP C 242 -32.35 -3.96 13.55
C ASP C 242 -32.14 -2.42 13.53
N ILE C 243 -33.20 -1.66 13.82
CA ILE C 243 -33.10 -0.21 13.94
C ILE C 243 -33.20 0.17 15.41
N ALA C 244 -32.28 0.97 15.89
CA ALA C 244 -32.34 1.45 17.25
C ALA C 244 -33.16 2.74 17.31
N VAL C 245 -34.10 2.77 18.25
CA VAL C 245 -34.99 3.91 18.42
C VAL C 245 -34.76 4.54 19.77
N PHE C 246 -34.74 5.86 19.81
CA PHE C 246 -34.85 6.58 21.09
C PHE C 246 -35.53 7.93 20.90
N GLY C 247 -36.11 8.43 21.98
CA GLY C 247 -36.96 9.61 21.98
C GLY C 247 -38.41 9.20 21.84
N PRO C 248 -39.35 10.09 22.11
CA PRO C 248 -39.21 11.45 22.63
C PRO C 248 -38.72 11.47 24.05
N LEU C 249 -38.14 12.59 24.45
CA LEU C 249 -38.03 12.89 25.85
C LEU C 249 -39.19 13.85 26.08
N TYR C 250 -40.14 13.45 26.91
CA TYR C 250 -41.31 14.27 27.21
C TYR C 250 -41.12 15.16 28.44
N VAL C 251 -41.26 16.46 28.29
CA VAL C 251 -41.22 17.40 29.41
C VAL C 251 -42.57 18.12 29.51
N PRO C 252 -43.34 17.87 30.60
CA PRO C 252 -44.67 18.43 30.83
C PRO C 252 -44.74 19.90 30.56
N GLY C 253 -45.66 20.29 29.69
CA GLY C 253 -45.90 21.69 29.39
C GLY C 253 -44.84 22.38 28.55
N LYS C 254 -43.67 21.77 28.40
CA LYS C 254 -42.61 22.37 27.60
C LYS C 254 -42.29 21.61 26.30
N THR C 255 -42.90 20.46 26.05
CA THR C 255 -42.65 19.74 24.79
C THR C 255 -43.86 18.95 24.34
N GLY C 256 -43.75 18.35 23.16
CA GLY C 256 -44.79 17.49 22.66
C GLY C 256 -44.76 16.14 23.34
N CYS C 257 -45.83 15.37 23.16
CA CYS C 257 -45.90 14.05 23.74
C CYS C 257 -45.96 13.03 22.62
N TYR C 258 -45.98 11.76 22.97
CA TYR C 258 -45.91 10.71 21.97
C TYR C 258 -47.10 10.69 20.97
N GLU C 259 -48.15 11.42 21.27
CA GLU C 259 -49.35 11.36 20.45
C GLU C 259 -49.54 12.67 19.71
N CYS C 260 -48.85 13.70 20.14
CA CYS C 260 -48.99 15.04 19.57
C CYS C 260 -49.12 15.07 18.05
N GLN C 261 -48.12 14.55 17.36
CA GLN C 261 -48.11 14.64 15.90
C GLN C 261 -48.73 13.41 15.25
N LYS C 262 -49.36 12.57 16.09
CA LYS C 262 -49.89 11.25 15.69
C LYS C 262 -49.01 10.60 14.62
N VAL C 263 -47.74 10.40 14.97
CA VAL C 263 -46.69 9.96 14.03
C VAL C 263 -46.73 8.45 13.68
N VAL C 264 -46.45 7.58 14.66
CA VAL C 264 -46.29 6.13 14.40
C VAL C 264 -47.57 5.41 13.93
N ALA C 265 -47.38 4.55 12.93
CA ALA C 265 -48.36 3.59 12.39
C ALA C 265 -49.43 2.99 13.37
N ASP C 266 -50.71 3.15 13.01
CA ASP C 266 -51.81 2.44 13.66
C ASP C 266 -51.92 0.96 13.21
N LEU C 267 -52.07 0.05 14.17
CA LEU C 267 -52.09 -1.37 13.84
C LEU C 267 -53.51 -1.83 13.53
N TYR C 268 -53.69 -2.50 12.39
CA TYR C 268 -54.98 -3.12 12.03
C TYR C 268 -54.80 -4.53 11.50
N GLY C 269 -55.82 -5.36 11.74
CA GLY C 269 -55.92 -6.66 11.11
C GLY C 269 -56.76 -6.51 9.86
N SER C 270 -57.26 -7.61 9.32
CA SER C 270 -58.08 -7.56 8.13
C SER C 270 -59.57 -7.54 8.41
N GLU C 271 -60.26 -6.84 7.52
CA GLU C 271 -61.71 -6.81 7.36
C GLU C 271 -62.31 -8.16 6.92
N LYS C 272 -61.52 -8.98 6.23
CA LYS C 272 -61.96 -10.31 5.84
C LYS C 272 -61.56 -11.32 6.90
N GLU C 273 -62.53 -12.13 7.32
CA GLU C 273 -62.34 -12.99 8.47
C GLU C 273 -61.31 -14.05 8.22
N ASN C 274 -61.38 -14.63 7.03
CA ASN C 274 -60.53 -15.76 6.73
C ASN C 274 -59.05 -15.35 6.55
N ILE C 275 -58.79 -14.12 6.14
CA ILE C 275 -57.41 -13.70 6.14
C ILE C 275 -56.97 -13.10 7.50
N ASP C 276 -57.91 -12.63 8.32
CA ASP C 276 -57.53 -12.17 9.64
C ASP C 276 -57.00 -13.32 10.53
N HIS C 277 -57.63 -14.49 10.49
CA HIS C 277 -57.13 -15.62 11.30
C HIS C 277 -55.69 -15.93 10.93
N LYS C 278 -55.40 -15.91 9.64
CA LYS C 278 -54.03 -16.06 9.18
C LYS C 278 -53.10 -14.97 9.75
N ILE C 279 -53.43 -13.70 9.60
CA ILE C 279 -52.63 -12.68 10.25
C ILE C 279 -52.48 -12.88 11.76
N LYS C 280 -53.57 -13.17 12.48
CA LYS C 280 -53.47 -13.34 13.95
C LYS C 280 -52.45 -14.42 14.25
N LEU C 281 -52.44 -15.50 13.45
CA LEU C 281 -51.55 -16.60 13.71
C LEU C 281 -50.09 -16.19 13.46
N ILE C 282 -49.81 -15.72 12.26
CA ILE C 282 -48.49 -15.21 11.94
C ILE C 282 -47.96 -14.24 13.00
N ASN C 283 -48.77 -13.29 13.43
CA ASN C 283 -48.27 -12.34 14.45
C ASN C 283 -48.10 -12.94 15.83
N SER C 284 -48.74 -14.07 16.11
CA SER C 284 -48.60 -14.67 17.43
C SER C 284 -47.25 -15.35 17.57
N ARG C 285 -46.68 -15.73 16.44
CA ARG C 285 -45.48 -16.49 16.37
C ARG C 285 -44.26 -15.59 16.40
N PHE C 286 -44.49 -14.29 16.38
CA PHE C 286 -43.44 -13.30 16.22
C PHE C 286 -42.43 -13.23 17.35
N LYS C 287 -41.16 -13.20 16.97
CA LYS C 287 -40.05 -12.83 17.87
C LYS C 287 -39.16 -11.86 17.12
N PRO C 288 -38.68 -10.79 17.81
CA PRO C 288 -37.79 -9.80 17.20
C PRO C 288 -36.41 -10.36 16.80
N ALA C 289 -35.96 -9.95 15.63
CA ALA C 289 -34.60 -10.22 15.16
C ALA C 289 -33.70 -9.09 15.64
N THR C 290 -33.12 -9.25 16.83
CA THR C 290 -32.29 -8.19 17.38
C THR C 290 -30.81 -8.42 17.24
N PHE C 291 -30.05 -7.41 17.63
CA PHE C 291 -28.64 -7.32 17.38
C PHE C 291 -28.10 -6.39 18.46
N ALA C 292 -27.47 -6.99 19.48
CA ALA C 292 -26.86 -6.26 20.63
C ALA C 292 -26.19 -4.91 20.35
N PRO C 293 -25.37 -4.80 19.29
CA PRO C 293 -24.81 -3.46 19.04
C PRO C 293 -25.85 -2.33 18.84
N VAL C 294 -27.06 -2.68 18.37
CA VAL C 294 -28.13 -1.69 18.23
C VAL C 294 -28.77 -1.31 19.59
N ASN C 295 -29.22 -2.33 20.30
CA ASN C 295 -29.41 -2.23 21.73
C ASN C 295 -28.54 -1.11 22.36
N ASN C 296 -27.21 -1.28 22.30
CA ASN C 296 -26.23 -0.38 22.90
C ASN C 296 -26.29 1.06 22.43
N VAL C 297 -26.49 1.25 21.13
CA VAL C 297 -26.50 2.59 20.54
C VAL C 297 -27.68 3.41 21.04
N ALA C 298 -28.86 2.80 21.07
CA ALA C 298 -30.06 3.45 21.60
C ALA C 298 -29.85 3.79 23.05
N ALA C 299 -29.41 2.80 23.83
CA ALA C 299 -29.17 2.97 25.24
C ALA C 299 -28.22 4.13 25.58
N ALA C 300 -27.11 4.26 24.86
CA ALA C 300 -26.11 5.30 25.16
C ALA C 300 -26.61 6.68 24.81
N LEU C 301 -27.21 6.83 23.63
CA LEU C 301 -27.82 8.10 23.25
C LEU C 301 -28.94 8.48 24.23
N CYS C 302 -29.69 7.47 24.67
CA CYS C 302 -30.72 7.67 25.64
C CYS C 302 -30.16 8.20 26.97
N ALA C 303 -29.09 7.56 27.45
CA ALA C 303 -28.47 7.94 28.71
C ALA C 303 -27.90 9.33 28.58
N ALA C 304 -27.41 9.65 27.39
CA ALA C 304 -26.82 10.96 27.12
C ALA C 304 -27.86 12.07 27.29
N ASP C 305 -29.04 11.83 26.73
CA ASP C 305 -30.16 12.75 26.86
C ASP C 305 -30.64 12.96 28.30
N VAL C 306 -30.65 11.89 29.10
CA VAL C 306 -30.98 11.98 30.53
C VAL C 306 -29.98 12.88 31.28
N ILE C 307 -28.70 12.73 30.98
CA ILE C 307 -27.66 13.50 31.66
C ILE C 307 -27.82 14.99 31.38
N LYS C 308 -28.07 15.32 30.12
CA LYS C 308 -28.35 16.69 29.74
C LYS C 308 -29.65 17.17 30.38
N PHE C 309 -30.67 16.33 30.40
CA PHE C 309 -31.95 16.76 30.92
C PHE C 309 -31.84 17.16 32.37
N ILE C 310 -31.27 16.29 33.18
CA ILE C 310 -31.24 16.61 34.59
C ILE C 310 -30.12 17.60 34.94
N GLY C 311 -28.98 17.50 34.25
CA GLY C 311 -27.89 18.46 34.39
C GLY C 311 -28.13 19.87 33.86
N LYS C 312 -29.19 20.05 33.07
CA LYS C 312 -29.63 21.36 32.59
C LYS C 312 -28.55 22.18 31.90
N TYR C 313 -27.59 21.53 31.25
CA TYR C 313 -26.51 22.24 30.56
C TYR C 313 -26.61 22.29 29.04
N SER C 314 -27.45 21.48 28.44
CA SER C 314 -27.53 21.48 27.00
C SER C 314 -28.90 20.96 26.57
N GLU C 315 -29.34 21.28 25.36
CA GLU C 315 -30.65 20.82 24.89
C GLU C 315 -30.64 19.31 24.52
N PRO C 316 -31.42 18.47 25.23
CA PRO C 316 -31.37 17.06 24.85
C PRO C 316 -31.80 16.82 23.40
N LEU C 317 -31.16 15.86 22.76
CA LEU C 317 -31.38 15.58 21.36
C LEU C 317 -32.78 15.16 21.02
N SER C 318 -33.45 14.44 21.93
CA SER C 318 -34.76 13.86 21.61
C SER C 318 -36.00 14.60 22.11
N LEU C 319 -35.86 15.86 22.53
CA LEU C 319 -37.04 16.74 22.62
C LEU C 319 -37.85 16.64 21.32
N ASN C 320 -39.16 16.41 21.41
CA ASN C 320 -40.00 16.54 20.21
C ASN C 320 -39.57 15.64 19.04
N LYS C 321 -38.87 14.54 19.32
CA LYS C 321 -38.32 13.69 18.25
C LYS C 321 -38.30 12.20 18.58
N ARG C 322 -38.77 11.37 17.66
CA ARG C 322 -38.47 9.96 17.71
C ARG C 322 -37.39 9.69 16.66
N ILE C 323 -36.28 9.11 17.12
CA ILE C 323 -35.06 9.01 16.33
C ILE C 323 -34.66 7.56 16.05
N GLY C 324 -34.47 7.22 14.77
CA GLY C 324 -34.05 5.88 14.39
C GLY C 324 -32.64 5.86 13.81
N ILE C 325 -31.78 5.00 14.37
CA ILE C 325 -30.43 4.78 13.84
C ILE C 325 -30.41 3.41 13.21
N TRP C 326 -30.13 3.38 11.91
CA TRP C 326 -30.06 2.14 11.14
C TRP C 326 -28.72 1.44 11.43
N SER C 327 -28.71 0.11 11.41
CA SER C 327 -27.45 -0.60 11.59
C SER C 327 -26.86 -1.23 10.30
N ASP C 328 -27.70 -1.51 9.31
CA ASP C 328 -27.21 -1.96 8.00
C ASP C 328 -27.03 -0.85 6.98
N GLU C 329 -27.00 0.39 7.45
CA GLU C 329 -26.57 1.53 6.61
C GLU C 329 -26.41 2.79 7.43
N ILE C 330 -25.70 3.77 6.87
CA ILE C 330 -25.49 5.07 7.52
C ILE C 330 -26.79 5.80 7.28
N LYS C 331 -27.63 5.84 8.31
CA LYS C 331 -28.96 6.44 8.18
C LYS C 331 -29.52 6.79 9.54
N ILE C 332 -29.83 8.06 9.73
CA ILE C 332 -30.56 8.49 10.91
C ILE C 332 -31.82 9.26 10.52
N HIS C 333 -32.98 8.76 10.92
CA HIS C 333 -34.23 9.49 10.70
C HIS C 333 -34.76 10.09 11.98
N SER C 334 -35.40 11.23 11.83
CA SER C 334 -36.02 11.88 12.95
C SER C 334 -37.48 12.16 12.60
N GLN C 335 -38.39 11.66 13.44
CA GLN C 335 -39.83 11.94 13.32
C GLN C 335 -40.21 13.12 14.19
N ASN C 336 -40.94 14.08 13.64
CA ASN C 336 -41.35 15.24 14.42
C ASN C 336 -42.46 14.91 15.36
N MET C 337 -42.26 15.25 16.63
CA MET C 337 -43.26 15.04 17.68
C MET C 337 -43.35 16.30 18.53
N GLY C 338 -43.30 17.46 17.86
CA GLY C 338 -43.48 18.75 18.50
C GLY C 338 -44.90 18.91 19.05
N ARG C 339 -45.05 19.77 20.05
CA ARG C 339 -46.33 19.99 20.74
C ARG C 339 -47.41 20.37 19.72
N SER C 340 -48.57 19.73 19.82
CA SER C 340 -49.73 20.04 19.02
C SER C 340 -50.86 20.55 19.95
N PRO C 341 -51.39 21.78 19.72
CA PRO C 341 -52.48 22.29 20.58
C PRO C 341 -53.73 21.39 20.56
N VAL C 342 -53.83 20.54 19.55
CA VAL C 342 -55.03 19.76 19.28
C VAL C 342 -54.89 18.26 19.63
N CYS C 343 -53.80 17.92 20.29
CA CYS C 343 -53.52 16.54 20.69
C CYS C 343 -54.64 15.97 21.57
N SER C 344 -54.99 14.72 21.32
CA SER C 344 -56.03 14.07 22.10
C SER C 344 -55.55 13.56 23.47
N VAL C 345 -54.26 13.71 23.77
CA VAL C 345 -53.74 13.33 25.10
C VAL C 345 -53.36 14.57 25.94
N CYS C 346 -52.55 15.47 25.40
CA CYS C 346 -52.31 16.72 26.10
C CYS C 346 -52.98 17.92 25.41
N GLY C 347 -52.98 19.08 26.06
CA GLY C 347 -53.70 20.27 25.54
C GLY C 347 -55.20 20.15 25.17
N ASN C 348 -56.02 21.04 25.72
CA ASN C 348 -57.45 21.08 25.38
C ASN C 348 -57.78 22.13 24.29
N ARG C 349 -58.05 21.66 23.06
CA ARG C 349 -58.37 22.51 21.87
C ARG C 349 -58.70 21.69 20.61
N MET C 350 -59.58 22.21 19.75
CA MET C 350 -60.01 21.47 18.53
C MET C 350 -59.58 22.13 17.20
N LEU C 351 -59.43 21.32 16.13
CA LEU C 351 -59.04 21.83 14.80
C LEU C 351 -60.22 22.10 13.86
N GLU C 352 -60.22 23.29 13.25
CA GLU C 352 -61.37 23.85 12.54
C GLU C 352 -61.02 24.62 11.24
N HIS C 353 -61.91 24.58 10.25
CA HIS C 353 -61.83 25.51 9.11
C HIS C 353 -62.38 26.87 9.48
N HIS C 354 -61.88 27.93 8.83
CA HIS C 354 -62.47 29.26 8.99
C HIS C 354 -63.93 29.18 8.52
N HIS C 355 -64.83 29.84 9.24
CA HIS C 355 -66.15 30.05 8.72
C HIS C 355 -66.26 31.54 8.36
N HIS C 356 -66.32 31.84 7.06
CA HIS C 356 -66.43 33.22 6.62
C HIS C 356 -67.91 33.58 6.49
N HIS C 357 -68.32 34.58 7.27
CA HIS C 357 -69.74 34.89 7.44
C HIS C 357 -70.39 35.56 6.22
N HIS C 358 -69.73 36.54 5.63
CA HIS C 358 -70.20 37.09 4.36
C HIS C 358 -69.80 36.14 3.20
N MET D 1 -36.70 -29.35 -1.30
CA MET D 1 -36.10 -28.55 -0.20
C MET D 1 -37.18 -27.79 0.56
N ASP D 2 -37.06 -27.79 1.89
CA ASP D 2 -38.05 -27.15 2.76
C ASP D 2 -37.77 -25.70 3.07
N TYR D 3 -38.83 -24.89 3.06
CA TYR D 3 -38.78 -23.53 3.52
C TYR D 3 -39.64 -23.32 4.76
N ILE D 4 -39.27 -22.34 5.56
CA ILE D 4 -40.01 -22.01 6.77
C ILE D 4 -40.07 -20.49 6.94
N LEU D 5 -41.17 -20.04 7.51
CA LEU D 5 -41.39 -18.63 7.73
C LEU D 5 -40.54 -18.20 8.92
N GLY D 6 -39.81 -17.10 8.76
CA GLY D 6 -38.94 -16.57 9.81
C GLY D 6 -39.79 -16.06 10.96
N ARG D 7 -39.34 -16.20 12.19
CA ARG D 7 -40.22 -15.80 13.31
C ARG D 7 -40.20 -14.31 13.52
N TYR D 8 -39.44 -13.61 12.68
CA TYR D 8 -39.25 -12.17 12.76
C TYR D 8 -40.13 -11.41 11.76
N VAL D 9 -41.11 -12.07 11.13
CA VAL D 9 -41.97 -11.37 10.20
C VAL D 9 -43.32 -11.01 10.85
N LYS D 10 -43.65 -9.71 10.81
CA LYS D 10 -44.92 -9.15 11.26
C LYS D 10 -45.76 -8.73 10.04
N ILE D 11 -47.08 -8.64 10.23
CA ILE D 11 -48.00 -8.18 9.18
C ILE D 11 -49.03 -7.24 9.80
N ALA D 12 -49.37 -6.18 9.07
CA ALA D 12 -50.38 -5.22 9.51
C ALA D 12 -51.10 -4.59 8.31
N ARG D 13 -52.42 -4.43 8.41
CA ARG D 13 -53.19 -3.73 7.39
C ARG D 13 -52.81 -2.27 7.43
N TYR D 14 -52.52 -1.71 6.27
CA TYR D 14 -52.15 -0.29 6.18
C TYR D 14 -52.46 0.30 4.82
N GLY D 15 -53.07 1.49 4.84
CA GLY D 15 -53.36 2.23 3.61
C GLY D 15 -54.08 1.35 2.63
N SER D 16 -53.66 1.38 1.37
CA SER D 16 -54.37 0.65 0.31
C SER D 16 -54.17 -0.86 0.37
N GLY D 17 -53.35 -1.33 1.33
CA GLY D 17 -52.98 -2.73 1.44
C GLY D 17 -52.42 -3.06 2.80
N GLY D 18 -51.09 -3.23 2.88
CA GLY D 18 -50.45 -3.41 4.18
C GLY D 18 -48.97 -3.72 4.23
N LEU D 19 -48.48 -3.97 5.43
CA LEU D 19 -47.06 -4.19 5.70
C LEU D 19 -46.68 -5.67 5.90
N VAL D 20 -45.49 -6.02 5.41
CA VAL D 20 -44.86 -7.30 5.65
C VAL D 20 -43.42 -6.98 6.03
N GLY D 21 -42.93 -7.43 7.20
CA GLY D 21 -41.50 -7.22 7.50
C GLY D 21 -40.99 -6.93 8.91
N GLY D 22 -41.01 -5.67 9.33
CA GLY D 22 -40.49 -5.32 10.67
C GLY D 22 -39.47 -4.20 10.77
N GLY D 23 -38.19 -4.54 10.57
CA GLY D 23 -37.10 -3.58 10.79
C GLY D 23 -36.63 -2.84 9.54
N GLY D 24 -35.32 -2.87 9.29
CA GLY D 24 -34.72 -2.27 8.09
C GLY D 24 -35.23 -2.91 6.80
N LYS D 25 -36.21 -3.81 6.94
CA LYS D 25 -36.68 -4.66 5.84
C LYS D 25 -38.19 -4.60 5.62
N GLU D 26 -38.90 -3.79 6.43
CA GLU D 26 -40.34 -3.61 6.29
C GLU D 26 -40.72 -3.24 4.85
N GLN D 27 -41.86 -3.74 4.36
CA GLN D 27 -42.30 -3.46 2.99
C GLN D 27 -43.77 -3.14 2.97
N TYR D 28 -44.12 -2.02 2.36
CA TYR D 28 -45.51 -1.67 2.06
C TYR D 28 -45.89 -2.34 0.74
N VAL D 29 -46.99 -3.08 0.75
CA VAL D 29 -47.55 -3.68 -0.46
C VAL D 29 -48.84 -2.92 -0.74
N GLU D 30 -48.85 -2.13 -1.80
CA GLU D 30 -49.96 -1.21 -2.07
C GLU D 30 -51.21 -1.91 -2.59
N ASN D 31 -51.01 -2.94 -3.40
CA ASN D 31 -52.11 -3.72 -3.91
C ASN D 31 -52.67 -4.72 -2.88
N LEU D 32 -53.77 -4.35 -2.24
CA LEU D 32 -54.48 -5.23 -1.31
C LEU D 32 -54.52 -6.70 -1.75
N VAL D 33 -54.88 -6.96 -3.01
CA VAL D 33 -55.03 -8.35 -3.45
C VAL D 33 -53.72 -9.10 -3.35
N LEU D 34 -52.62 -8.40 -3.58
CA LEU D 34 -51.31 -9.03 -3.58
C LEU D 34 -50.84 -9.28 -2.15
N TRP D 35 -51.09 -8.33 -1.26
CA TRP D 35 -50.83 -8.48 0.17
C TRP D 35 -51.55 -9.69 0.74
N GLU D 36 -52.85 -9.76 0.53
CA GLU D 36 -53.64 -10.91 0.94
C GLU D 36 -53.04 -12.19 0.38
N ASN D 37 -52.68 -12.15 -0.90
CA ASN D 37 -52.05 -13.29 -1.52
C ASN D 37 -50.72 -13.67 -0.87
N ILE D 38 -49.99 -12.68 -0.34
CA ILE D 38 -48.72 -12.92 0.34
C ILE D 38 -48.90 -13.61 1.70
N ILE D 39 -49.86 -13.12 2.48
CA ILE D 39 -50.30 -13.78 3.71
C ILE D 39 -50.73 -15.19 3.40
N LYS D 40 -51.61 -15.36 2.42
CA LYS D 40 -52.07 -16.71 2.09
C LYS D 40 -50.89 -17.61 1.84
N THR D 41 -49.88 -17.13 1.12
CA THR D 41 -48.76 -18.01 0.82
C THR D 41 -47.81 -18.17 2.03
N ALA D 42 -47.55 -17.07 2.74
CA ALA D 42 -46.73 -17.12 3.97
C ALA D 42 -47.25 -18.14 4.97
N TYR D 43 -48.57 -18.29 5.00
CA TYR D 43 -49.26 -19.18 5.92
C TYR D 43 -48.91 -20.64 5.69
N CYS D 44 -48.64 -21.04 4.45
CA CYS D 44 -48.19 -22.40 4.18
C CYS D 44 -46.89 -22.78 4.91
N PHE D 45 -46.06 -21.79 5.22
CA PHE D 45 -44.71 -22.03 5.70
C PHE D 45 -44.46 -21.90 7.18
N ILE D 46 -45.49 -21.56 7.96
CA ILE D 46 -45.33 -21.50 9.41
C ILE D 46 -44.78 -22.85 9.82
N THR D 47 -45.22 -23.82 9.06
CA THR D 47 -44.89 -25.19 9.18
C THR D 47 -44.04 -25.53 7.92
N PRO D 48 -42.85 -26.13 8.10
CA PRO D 48 -41.96 -26.30 6.92
C PRO D 48 -42.59 -27.07 5.77
N SER D 49 -42.27 -26.64 4.55
CA SER D 49 -42.90 -27.13 3.35
C SER D 49 -42.03 -26.87 2.12
N SER D 50 -42.08 -27.77 1.15
CA SER D 50 -41.47 -27.51 -0.15
C SER D 50 -42.32 -26.51 -0.96
N TYR D 51 -41.82 -26.09 -2.11
CA TYR D 51 -42.55 -25.15 -2.94
C TYR D 51 -43.81 -25.83 -3.49
N THR D 52 -43.65 -27.06 -3.97
CA THR D 52 -44.76 -27.73 -4.65
C THR D 52 -45.87 -28.12 -3.67
N ALA D 53 -45.49 -28.56 -2.46
CA ALA D 53 -46.50 -28.88 -1.46
C ALA D 53 -47.30 -27.63 -1.06
N ALA D 54 -46.59 -26.51 -0.96
CA ALA D 54 -47.23 -25.25 -0.56
C ALA D 54 -48.18 -24.76 -1.64
N LEU D 55 -47.83 -24.98 -2.90
CA LEU D 55 -48.71 -24.62 -4.03
C LEU D 55 -50.04 -25.37 -3.96
N GLU D 56 -49.97 -26.67 -3.66
CA GLU D 56 -51.16 -27.48 -3.39
C GLU D 56 -52.00 -26.86 -2.30
N THR D 57 -51.37 -26.65 -1.14
CA THR D 57 -52.08 -26.20 0.03
C THR D 57 -52.76 -24.85 -0.18
N ALA D 58 -52.06 -23.86 -0.69
CA ALA D 58 -52.69 -22.57 -0.96
C ALA D 58 -53.68 -22.75 -2.08
N ASN D 59 -54.71 -21.92 -2.09
CA ASN D 59 -55.70 -22.01 -3.15
C ASN D 59 -55.73 -20.76 -4.01
N ILE D 60 -54.58 -20.44 -4.58
CA ILE D 60 -54.47 -19.28 -5.47
C ILE D 60 -53.75 -19.75 -6.72
N PRO D 61 -54.04 -19.12 -7.88
CA PRO D 61 -53.45 -19.65 -9.12
C PRO D 61 -51.91 -19.61 -9.13
N GLU D 62 -51.27 -20.67 -9.59
CA GLU D 62 -49.79 -20.74 -9.69
C GLU D 62 -49.11 -19.45 -10.13
N LYS D 63 -49.69 -18.77 -11.11
CA LYS D 63 -49.21 -17.45 -11.54
C LYS D 63 -48.90 -16.55 -10.32
N ASP D 64 -49.90 -16.33 -9.45
CA ASP D 64 -49.75 -15.45 -8.28
C ASP D 64 -48.85 -16.04 -7.21
N PHE D 65 -49.06 -17.31 -6.89
CA PHE D 65 -48.24 -17.99 -5.89
C PHE D 65 -46.77 -17.76 -6.16
N SER D 66 -46.35 -17.95 -7.40
CA SER D 66 -44.94 -17.85 -7.76
C SER D 66 -44.33 -16.48 -7.43
N ASN D 67 -45.09 -15.41 -7.63
CA ASN D 67 -44.62 -14.06 -7.25
C ASN D 67 -44.45 -13.95 -5.76
N CYS D 68 -45.49 -14.34 -5.02
CA CYS D 68 -45.49 -14.25 -3.58
C CYS D 68 -44.36 -15.05 -2.96
N PHE D 69 -44.11 -16.24 -3.50
CA PHE D 69 -42.98 -17.03 -3.08
C PHE D 69 -41.63 -16.32 -3.27
N ARG D 70 -41.39 -15.76 -4.46
CA ARG D 70 -40.15 -15.02 -4.72
C ARG D 70 -40.03 -13.82 -3.81
N PHE D 71 -41.16 -13.16 -3.58
CA PHE D 71 -41.19 -12.02 -2.68
C PHE D 71 -40.73 -12.43 -1.29
N LEU D 72 -41.22 -13.58 -0.83
CA LEU D 72 -40.89 -14.06 0.49
C LEU D 72 -39.45 -14.55 0.58
N LYS D 73 -39.02 -15.33 -0.40
CA LYS D 73 -37.64 -15.81 -0.47
C LYS D 73 -36.63 -14.65 -0.55
N GLU D 74 -36.88 -13.73 -1.46
CA GLU D 74 -35.95 -12.64 -1.75
C GLU D 74 -35.70 -11.68 -0.60
N ASN D 75 -36.67 -11.56 0.29
CA ASN D 75 -36.54 -10.70 1.45
C ASN D 75 -36.14 -11.49 2.67
N PHE D 76 -35.99 -12.81 2.52
CA PHE D 76 -35.63 -13.73 3.61
C PHE D 76 -36.73 -13.82 4.66
N PHE D 77 -37.96 -13.61 4.20
CA PHE D 77 -39.13 -13.77 5.05
C PHE D 77 -39.43 -15.25 5.28
N ILE D 78 -39.30 -16.03 4.22
CA ILE D 78 -39.14 -17.48 4.31
C ILE D 78 -37.68 -17.85 3.97
N ILE D 79 -37.18 -18.89 4.63
CA ILE D 79 -35.78 -19.26 4.60
C ILE D 79 -35.72 -20.78 4.57
N PRO D 80 -34.61 -21.35 4.07
CA PRO D 80 -34.49 -22.81 4.10
C PRO D 80 -34.82 -23.38 5.47
N GLY D 81 -35.51 -24.52 5.51
CA GLY D 81 -35.82 -25.22 6.76
C GLY D 81 -34.56 -25.59 7.53
N GLU D 82 -33.48 -25.90 6.82
CA GLU D 82 -32.20 -26.31 7.42
C GLU D 82 -31.72 -25.25 8.42
N TYR D 83 -31.90 -23.98 8.06
CA TYR D 83 -31.42 -22.85 8.85
C TYR D 83 -32.09 -22.69 10.21
N ASN D 84 -33.01 -23.57 10.57
CA ASN D 84 -33.77 -23.36 11.78
C ASN D 84 -33.37 -24.20 13.00
N ASN D 85 -32.59 -25.26 12.80
CA ASN D 85 -32.14 -26.11 13.94
C ASN D 85 -30.63 -26.07 14.13
N GLU D 88 -29.58 -27.40 20.06
CA GLU D 88 -30.54 -26.40 20.52
C GLU D 88 -30.58 -26.14 22.04
N ASN D 89 -31.62 -25.43 22.49
CA ASN D 89 -31.60 -24.64 23.75
C ASN D 89 -30.33 -23.77 23.81
N ASN D 90 -30.23 -22.86 22.86
CA ASN D 90 -28.96 -22.17 22.53
C ASN D 90 -28.97 -20.72 22.96
N ARG D 91 -27.87 -20.24 23.50
CA ARG D 91 -27.84 -18.90 24.06
C ARG D 91 -27.64 -17.81 23.02
N TYR D 92 -27.26 -18.22 21.81
CA TYR D 92 -27.05 -17.28 20.73
C TYR D 92 -28.28 -17.20 19.84
N SER D 93 -29.37 -17.83 20.28
CA SER D 93 -30.53 -18.03 19.41
C SER D 93 -31.33 -16.75 19.14
N ARG D 94 -31.08 -15.69 19.91
CA ARG D 94 -31.66 -14.40 19.57
C ARG D 94 -30.95 -13.74 18.40
N ASN D 95 -29.63 -13.93 18.35
CA ASN D 95 -28.81 -13.52 17.21
C ASN D 95 -29.13 -14.32 15.96
N PHE D 96 -29.47 -15.58 16.15
CA PHE D 96 -29.81 -16.45 15.05
C PHE D 96 -30.88 -15.85 14.18
N LEU D 97 -31.87 -15.22 14.79
CA LEU D 97 -32.95 -14.57 14.04
C LEU D 97 -32.39 -13.44 13.18
N HIS D 98 -31.53 -12.64 13.79
CA HIS D 98 -30.83 -11.58 13.09
C HIS D 98 -30.08 -12.12 11.86
N TYR D 99 -29.26 -13.15 12.05
CA TYR D 99 -28.56 -13.72 10.91
C TYR D 99 -29.57 -14.24 9.86
N GLN D 100 -30.64 -14.87 10.33
CA GLN D 100 -31.64 -15.41 9.41
C GLN D 100 -32.22 -14.32 8.59
N SER D 101 -32.56 -13.23 9.24
CA SER D 101 -33.22 -12.16 8.56
C SER D 101 -32.31 -11.54 7.51
N TYR D 102 -31.00 -11.78 7.61
CA TYR D 102 -30.07 -11.31 6.57
C TYR D 102 -29.82 -12.32 5.46
N GLY D 103 -30.40 -13.50 5.61
CA GLY D 103 -30.39 -14.51 4.57
C GLY D 103 -29.21 -15.44 4.77
N ALA D 104 -28.55 -15.35 5.91
CA ALA D 104 -27.44 -16.23 6.21
C ALA D 104 -27.92 -17.52 6.85
N ASN D 105 -26.98 -18.40 7.18
CA ASN D 105 -27.25 -19.62 7.90
C ASN D 105 -26.63 -19.42 9.27
N PRO D 106 -27.48 -19.21 10.28
CA PRO D 106 -26.97 -18.85 11.61
C PRO D 106 -25.90 -19.81 12.15
N VAL D 107 -25.97 -21.09 11.83
CA VAL D 107 -24.98 -22.04 12.32
C VAL D 107 -23.59 -21.71 11.77
N LEU D 108 -23.50 -21.35 10.49
CA LEU D 108 -22.24 -20.99 9.84
C LEU D 108 -21.70 -19.68 10.35
N VAL D 109 -22.60 -18.75 10.66
CA VAL D 109 -22.17 -17.47 11.19
C VAL D 109 -21.56 -17.69 12.59
N GLN D 110 -22.20 -18.51 13.42
CA GLN D 110 -21.66 -18.78 14.78
C GLN D 110 -20.30 -19.42 14.71
N ASP D 111 -20.20 -20.45 13.86
CA ASP D 111 -18.93 -21.09 13.53
C ASP D 111 -17.87 -20.09 13.22
N LYS D 112 -18.09 -19.29 12.19
CA LYS D 112 -17.09 -18.31 11.79
C LYS D 112 -16.63 -17.43 12.97
N LEU D 113 -17.56 -17.10 13.85
CA LEU D 113 -17.22 -16.32 15.03
C LEU D 113 -16.40 -17.16 16.01
N LYS D 114 -16.81 -18.42 16.20
CA LYS D 114 -16.12 -19.36 17.08
C LYS D 114 -14.64 -19.56 16.67
N ASN D 115 -14.39 -19.72 15.37
CA ASN D 115 -13.06 -20.00 14.84
C ASN D 115 -12.25 -18.76 14.52
N ALA D 116 -12.69 -17.61 15.02
CA ALA D 116 -11.96 -16.36 14.76
C ALA D 116 -11.13 -15.88 15.95
N LYS D 117 -10.25 -14.93 15.70
CA LYS D 117 -9.30 -14.45 16.66
C LYS D 117 -9.25 -12.97 16.41
N VAL D 118 -9.49 -12.18 17.45
CA VAL D 118 -9.54 -10.73 17.28
C VAL D 118 -8.57 -10.16 18.26
N VAL D 119 -7.81 -9.17 17.82
CA VAL D 119 -6.84 -8.50 18.66
C VAL D 119 -7.45 -7.19 19.02
N ILE D 120 -7.47 -6.87 20.31
CA ILE D 120 -7.84 -5.51 20.72
C ILE D 120 -6.55 -4.78 21.04
N LEU D 121 -6.25 -3.75 20.27
CA LEU D 121 -5.01 -3.02 20.43
C LEU D 121 -5.33 -1.70 21.06
N GLY D 122 -5.34 -1.68 22.39
CA GLY D 122 -5.78 -0.52 23.16
C GLY D 122 -7.02 -0.94 23.94
N CYS D 123 -6.82 -1.28 25.21
CA CYS D 123 -7.91 -1.72 26.06
C CYS D 123 -8.39 -0.57 26.92
N GLY D 124 -8.40 0.65 26.38
CA GLY D 124 -8.82 1.81 27.16
C GLY D 124 -10.16 2.45 26.76
N GLY D 125 -11.27 1.89 27.23
CA GLY D 125 -12.58 2.52 26.97
C GLY D 125 -13.32 1.94 25.76
N ILE D 126 -12.96 2.41 24.56
CA ILE D 126 -13.58 1.90 23.34
C ILE D 126 -13.25 0.41 23.13
N GLY D 127 -11.99 0.05 23.19
CA GLY D 127 -11.60 -1.35 23.06
C GLY D 127 -12.21 -2.18 24.17
N ASN D 128 -12.18 -1.61 25.37
CA ASN D 128 -12.85 -2.17 26.55
C ASN D 128 -14.25 -2.65 26.16
N HIS D 129 -15.07 -1.66 25.80
CA HIS D 129 -16.44 -1.91 25.44
C HIS D 129 -16.56 -2.86 24.26
N VAL D 130 -15.73 -2.69 23.22
CA VAL D 130 -15.80 -3.54 22.02
C VAL D 130 -15.59 -4.99 22.39
N SER D 131 -14.69 -5.23 23.32
CA SER D 131 -14.35 -6.59 23.70
C SER D 131 -15.55 -7.32 24.32
N VAL D 132 -16.31 -6.64 25.18
CA VAL D 132 -17.50 -7.23 25.82
C VAL D 132 -18.53 -7.69 24.79
N ILE D 133 -18.88 -6.77 23.88
CA ILE D 133 -19.81 -7.07 22.82
C ILE D 133 -19.34 -8.31 22.06
N LEU D 134 -18.04 -8.34 21.71
CA LEU D 134 -17.49 -9.46 20.93
C LEU D 134 -17.47 -10.76 21.72
N ALA D 135 -17.10 -10.66 22.99
CA ALA D 135 -17.09 -11.82 23.85
C ALA D 135 -18.48 -12.45 23.96
N THR D 136 -19.50 -11.61 24.18
CA THR D 136 -20.88 -12.09 24.37
C THR D 136 -21.62 -12.49 23.11
N SER D 137 -21.13 -12.09 21.93
CA SER D 137 -21.68 -12.61 20.66
C SER D 137 -21.07 -13.93 20.24
N GLY D 138 -20.00 -14.35 20.95
CA GLY D 138 -19.36 -15.66 20.72
C GLY D 138 -18.07 -15.70 19.91
N ILE D 139 -17.40 -14.56 19.78
CA ILE D 139 -16.04 -14.53 19.22
C ILE D 139 -15.19 -15.51 20.03
N GLY D 140 -14.54 -16.45 19.32
CA GLY D 140 -13.79 -17.55 19.94
C GLY D 140 -12.53 -17.22 20.74
N GLU D 141 -11.85 -16.12 20.39
CA GLU D 141 -10.61 -15.73 21.06
C GLU D 141 -10.28 -14.26 20.89
N ILE D 142 -10.02 -13.59 22.01
CA ILE D 142 -9.65 -12.17 22.00
C ILE D 142 -8.27 -12.06 22.63
N ILE D 143 -7.47 -11.13 22.11
CA ILE D 143 -6.14 -10.87 22.61
C ILE D 143 -6.06 -9.42 23.03
N LEU D 144 -5.81 -9.22 24.32
CA LEU D 144 -5.84 -7.90 24.90
C LEU D 144 -4.45 -7.32 24.97
N ILE D 145 -4.30 -6.10 24.47
CA ILE D 145 -3.01 -5.51 24.31
C ILE D 145 -3.02 -4.10 24.87
N ASP D 146 -2.68 -4.05 26.14
CA ASP D 146 -2.46 -2.80 26.84
C ASP D 146 -1.44 -3.02 27.96
N ASN D 147 -0.76 -1.94 28.30
CA ASN D 147 0.20 -1.96 29.39
C ASN D 147 -0.06 -0.85 30.46
N ASP D 148 -1.32 -0.42 30.56
CA ASP D 148 -1.70 0.63 31.50
C ASP D 148 -2.44 0.06 32.71
N GLN D 149 -2.54 0.89 33.75
CA GLN D 149 -3.20 0.50 34.98
C GLN D 149 -4.54 1.22 35.14
N ILE D 150 -5.53 0.55 35.73
CA ILE D 150 -6.85 1.16 35.96
C ILE D 150 -6.78 2.34 36.95
N GLU D 151 -6.99 3.55 36.44
CA GLU D 151 -7.04 4.75 37.26
C GLU D 151 -8.44 4.95 37.83
N ASN D 152 -8.52 5.74 38.91
CA ASN D 152 -9.80 6.10 39.52
C ASN D 152 -10.67 6.86 38.51
N THR D 153 -10.02 7.70 37.73
CA THR D 153 -10.71 8.57 36.80
C THR D 153 -11.22 7.84 35.55
N ASN D 154 -10.76 6.61 35.33
CA ASN D 154 -11.22 5.84 34.16
C ASN D 154 -12.57 5.22 34.36
N LEU D 155 -13.11 5.34 35.56
CA LEU D 155 -14.34 4.60 35.90
C LEU D 155 -15.57 5.13 35.18
N THR D 156 -15.47 6.38 34.73
CA THR D 156 -16.49 7.05 33.97
C THR D 156 -16.76 6.48 32.58
N ARG D 157 -15.74 6.03 31.87
CA ARG D 157 -15.91 5.57 30.48
C ARG D 157 -15.82 4.06 30.30
N GLN D 158 -15.14 3.41 31.24
CA GLN D 158 -14.73 2.04 31.06
C GLN D 158 -15.67 1.16 31.89
N VAL D 159 -16.90 1.06 31.33
CA VAL D 159 -18.04 0.28 31.84
C VAL D 159 -17.83 -1.15 32.40
N LEU D 160 -16.61 -1.67 32.41
CA LEU D 160 -16.41 -3.01 32.96
C LEU D 160 -15.86 -3.04 34.37
N PHE D 161 -15.43 -1.89 34.88
CA PHE D 161 -14.60 -1.84 36.08
C PHE D 161 -15.32 -1.44 37.36
N SER D 162 -15.04 -2.16 38.44
CA SER D 162 -15.48 -1.81 39.81
C SER D 162 -14.54 -0.81 40.46
N GLU D 163 -14.99 -0.13 41.51
CA GLU D 163 -14.11 0.76 42.29
C GLU D 163 -12.93 -0.02 42.84
N ASP D 164 -13.21 -1.27 43.21
CA ASP D 164 -12.22 -2.21 43.69
C ASP D 164 -11.00 -2.29 42.79
N ASP D 165 -11.25 -2.24 41.47
CA ASP D 165 -10.27 -2.53 40.44
C ASP D 165 -9.18 -1.50 40.20
N VAL D 166 -9.34 -0.29 40.74
CA VAL D 166 -8.31 0.76 40.60
C VAL D 166 -6.95 0.25 41.08
N GLY D 167 -5.90 0.57 40.33
CA GLY D 167 -4.59 0.00 40.62
C GLY D 167 -4.22 -1.15 39.71
N LYS D 168 -5.11 -2.15 39.56
CA LYS D 168 -4.79 -3.32 38.71
C LYS D 168 -4.59 -3.06 37.21
N ASN D 169 -4.13 -4.10 36.52
CA ASN D 169 -3.89 -4.01 35.10
C ASN D 169 -5.18 -4.07 34.28
N LYS D 170 -5.43 -3.02 33.49
CA LYS D 170 -6.53 -3.00 32.52
C LYS D 170 -6.71 -4.36 31.88
N THR D 171 -5.69 -4.81 31.19
CA THR D 171 -5.70 -6.12 30.52
C THR D 171 -6.28 -7.25 31.37
N GLU D 172 -5.85 -7.34 32.63
CA GLU D 172 -6.11 -8.51 33.50
C GLU D 172 -7.54 -8.56 34.02
N VAL D 173 -8.08 -7.40 34.39
CA VAL D 173 -9.45 -7.29 34.86
C VAL D 173 -10.41 -7.74 33.76
N ILE D 174 -10.22 -7.19 32.57
CA ILE D 174 -11.20 -7.43 31.50
C ILE D 174 -11.17 -8.89 31.06
N LYS D 175 -10.03 -9.55 31.20
CA LYS D 175 -9.98 -11.00 31.02
C LYS D 175 -10.88 -11.76 32.03
N ARG D 176 -10.89 -11.37 33.31
CA ARG D 176 -11.73 -12.14 34.25
C ARG D 176 -13.21 -11.86 34.00
N GLU D 177 -13.50 -10.66 33.52
CA GLU D 177 -14.85 -10.27 33.15
C GLU D 177 -15.34 -10.99 31.89
N LEU D 178 -14.50 -11.10 30.86
CA LEU D 178 -14.90 -11.83 29.67
C LEU D 178 -15.10 -13.32 29.97
N LEU D 179 -14.43 -13.82 31.00
CA LEU D 179 -14.51 -15.24 31.32
C LEU D 179 -15.73 -15.56 32.16
N LYS D 180 -16.13 -14.59 32.98
CA LYS D 180 -17.35 -14.62 33.76
C LYS D 180 -18.54 -14.62 32.82
N ARG D 181 -18.41 -13.83 31.75
CA ARG D 181 -19.46 -13.71 30.77
C ARG D 181 -19.45 -14.85 29.77
N ASN D 182 -18.28 -15.32 29.39
CA ASN D 182 -18.22 -16.48 28.52
C ASN D 182 -17.03 -17.41 28.76
N SER D 183 -17.24 -18.44 29.57
CA SER D 183 -16.15 -19.30 29.98
C SER D 183 -15.66 -20.19 28.83
N GLU D 184 -16.44 -20.28 27.76
CA GLU D 184 -16.08 -21.09 26.60
C GLU D 184 -14.93 -20.48 25.79
N ILE D 185 -14.80 -19.15 25.81
CA ILE D 185 -13.80 -18.47 24.98
C ILE D 185 -12.45 -18.34 25.66
N SER D 186 -11.39 -18.21 24.87
CA SER D 186 -10.03 -18.00 25.40
C SER D 186 -9.50 -16.59 25.14
N VAL D 187 -8.85 -16.04 26.16
CA VAL D 187 -8.35 -14.66 26.14
C VAL D 187 -6.85 -14.62 26.51
N SER D 188 -6.11 -13.71 25.91
CA SER D 188 -4.68 -13.62 26.14
C SER D 188 -4.30 -12.18 26.37
N GLU D 189 -3.24 -11.98 27.13
CA GLU D 189 -2.78 -10.63 27.43
C GLU D 189 -1.37 -10.40 26.91
N ILE D 190 -1.12 -9.18 26.48
CA ILE D 190 0.19 -8.80 26.00
C ILE D 190 0.48 -7.42 26.59
N ALA D 191 1.43 -7.41 27.53
CA ALA D 191 1.68 -6.25 28.34
C ALA D 191 2.37 -5.14 27.54
N LEU D 192 1.70 -4.59 26.54
CA LEU D 192 2.42 -3.78 25.56
C LEU D 192 1.69 -2.55 25.12
N ASN D 193 2.39 -1.43 25.08
CA ASN D 193 1.88 -0.23 24.44
C ASN D 193 2.71 0.01 23.20
N ILE D 194 2.14 0.69 22.21
CA ILE D 194 2.83 0.91 20.96
C ILE D 194 3.48 2.26 20.99
N ASN D 195 4.80 2.25 21.20
CA ASN D 195 5.61 3.46 21.26
C ASN D 195 6.48 3.71 20.03
N ASP D 196 6.82 2.66 19.29
CA ASP D 196 7.59 2.80 18.05
C ASP D 196 6.92 1.95 17.02
N TYR D 197 7.01 2.38 15.75
CA TYR D 197 6.48 1.56 14.66
C TYR D 197 6.81 0.11 14.97
N THR D 198 8.04 -0.09 15.40
CA THR D 198 8.62 -1.41 15.54
C THR D 198 7.88 -2.36 16.50
N ASP D 199 7.06 -1.76 17.38
CA ASP D 199 6.35 -2.51 18.43
C ASP D 199 5.34 -3.49 17.84
N LEU D 200 4.79 -3.13 16.69
CA LEU D 200 3.76 -3.92 16.02
C LEU D 200 4.20 -5.33 15.64
N HIS D 201 5.51 -5.58 15.61
CA HIS D 201 6.00 -6.92 15.30
C HIS D 201 5.65 -7.89 16.40
N LYS D 202 5.32 -7.36 17.57
CA LYS D 202 5.00 -8.19 18.73
C LYS D 202 3.52 -8.60 18.74
N VAL D 203 2.72 -7.85 18.00
CA VAL D 203 1.28 -8.07 17.93
C VAL D 203 0.96 -9.22 16.97
N PRO D 204 0.26 -10.28 17.44
CA PRO D 204 0.07 -11.47 16.58
C PRO D 204 -0.88 -11.26 15.39
N GLU D 205 -0.84 -12.24 14.50
CA GLU D 205 -1.66 -12.28 13.31
C GLU D 205 -3.06 -12.68 13.78
N ALA D 206 -4.09 -12.06 13.20
CA ALA D 206 -5.50 -12.29 13.59
C ALA D 206 -6.45 -11.98 12.44
N ASP D 207 -7.65 -12.55 12.50
CA ASP D 207 -8.77 -12.21 11.59
C ASP D 207 -8.99 -10.70 11.45
N ILE D 208 -8.93 -9.94 12.55
CA ILE D 208 -8.94 -8.47 12.46
C ILE D 208 -8.27 -7.83 13.68
N TRP D 209 -7.87 -6.57 13.57
CA TRP D 209 -7.34 -5.81 14.70
C TRP D 209 -8.24 -4.64 15.00
N VAL D 210 -8.62 -4.48 16.26
CA VAL D 210 -9.37 -3.30 16.68
C VAL D 210 -8.44 -2.23 17.22
N VAL D 211 -8.34 -1.10 16.55
CA VAL D 211 -7.38 -0.09 16.92
C VAL D 211 -8.07 1.13 17.49
N SER D 212 -8.10 1.23 18.82
CA SER D 212 -8.85 2.30 19.49
C SER D 212 -7.99 3.38 20.11
N ALA D 213 -7.02 2.97 20.94
CA ALA D 213 -6.18 3.89 21.75
C ALA D 213 -5.91 5.27 21.13
N ASP D 214 -6.03 6.31 21.95
CA ASP D 214 -5.83 7.72 21.51
C ASP D 214 -4.36 8.22 21.42
N HIS D 215 -3.43 7.56 22.11
CA HIS D 215 -1.99 7.90 22.07
C HIS D 215 -1.13 6.76 21.49
N PRO D 216 -0.09 7.09 20.68
CA PRO D 216 0.24 8.41 20.04
C PRO D 216 -0.77 8.86 18.96
N PHE D 217 -0.78 10.17 18.69
CA PHE D 217 -1.72 10.76 17.72
C PHE D 217 -1.68 10.11 16.34
N ASN D 218 -0.50 9.65 15.94
CA ASN D 218 -0.33 8.96 14.66
C ASN D 218 -0.12 7.43 14.82
N LEU D 219 -0.93 6.82 15.69
CA LEU D 219 -0.91 5.36 15.84
C LEU D 219 -1.45 4.67 14.57
N ILE D 220 -2.56 5.17 14.03
CA ILE D 220 -3.20 4.58 12.85
C ILE D 220 -2.19 4.48 11.71
N ASN D 221 -1.46 5.57 11.49
CA ASN D 221 -0.41 5.61 10.49
C ASN D 221 0.50 4.37 10.52
N TRP D 222 1.00 4.01 11.70
CA TRP D 222 1.87 2.84 11.77
C TRP D 222 1.13 1.55 11.53
N VAL D 223 -0.08 1.46 12.08
CA VAL D 223 -0.89 0.24 12.01
C VAL D 223 -1.21 -0.03 10.55
N ASN D 224 -1.33 1.08 9.83
CA ASN D 224 -1.70 1.06 8.46
C ASN D 224 -0.54 0.57 7.62
N LYS D 225 0.55 1.35 7.61
CA LYS D 225 1.83 0.92 7.07
C LYS D 225 2.02 -0.56 7.38
N TYR D 226 1.98 -0.94 8.65
CA TYR D 226 2.24 -2.33 8.99
C TYR D 226 1.29 -3.31 8.29
N CYS D 227 0.00 -2.98 8.32
CA CYS D 227 -1.09 -3.90 7.95
C CYS D 227 -1.24 -4.08 6.45
N VAL D 228 -1.00 -3.00 5.70
CA VAL D 228 -0.90 -3.06 4.23
C VAL D 228 0.12 -4.12 3.80
N ARG D 229 1.34 -4.04 4.34
CA ARG D 229 2.38 -5.05 4.07
C ARG D 229 2.32 -6.33 4.89
N ALA D 230 1.49 -6.37 5.94
CA ALA D 230 1.32 -7.62 6.66
C ALA D 230 0.11 -8.38 6.14
N ASN D 231 -0.64 -7.76 5.23
CA ASN D 231 -1.95 -8.31 4.83
C ASN D 231 -2.90 -8.58 6.00
N GLN D 232 -3.01 -7.59 6.89
CA GLN D 232 -3.74 -7.68 8.15
C GLN D 232 -4.97 -6.77 8.10
N PRO D 233 -6.19 -7.35 8.14
CA PRO D 233 -7.32 -6.44 8.14
C PRO D 233 -7.45 -5.77 9.51
N TYR D 234 -7.78 -4.48 9.54
CA TYR D 234 -7.96 -3.76 10.79
C TYR D 234 -9.09 -2.71 10.78
N ILE D 235 -9.60 -2.37 11.97
CA ILE D 235 -10.61 -1.34 12.10
C ILE D 235 -10.24 -0.29 13.16
N ASN D 236 -10.35 0.96 12.76
CA ASN D 236 -10.05 2.11 13.57
C ASN D 236 -11.33 2.56 14.29
N ALA D 237 -11.17 3.20 15.45
CA ALA D 237 -12.27 3.68 16.28
C ALA D 237 -11.69 4.72 17.22
N GLY D 238 -12.51 5.61 17.76
CA GLY D 238 -12.00 6.68 18.61
C GLY D 238 -12.96 7.84 18.63
N TYR D 239 -12.55 8.98 19.18
CA TYR D 239 -13.43 10.13 19.34
C TYR D 239 -12.66 11.37 18.96
N VAL D 240 -13.36 12.46 18.74
CA VAL D 240 -12.73 13.76 18.57
C VAL D 240 -13.64 14.63 19.42
N ASN D 241 -13.15 15.03 20.59
CA ASN D 241 -14.00 15.62 21.62
C ASN D 241 -15.32 14.83 21.84
N ASP D 242 -16.47 15.45 21.60
CA ASP D 242 -17.78 14.83 21.79
C ASP D 242 -18.31 14.14 20.53
N ILE D 243 -17.44 13.85 19.56
CA ILE D 243 -17.85 13.15 18.32
C ILE D 243 -17.23 11.77 18.27
N ALA D 244 -18.08 10.74 18.23
CA ALA D 244 -17.60 9.37 18.14
C ALA D 244 -17.25 9.11 16.69
N VAL D 245 -16.19 8.32 16.47
CA VAL D 245 -15.64 8.07 15.15
C VAL D 245 -15.35 6.59 15.00
N PHE D 246 -15.82 5.96 13.93
CA PHE D 246 -15.30 4.62 13.65
C PHE D 246 -14.72 4.53 12.24
N GLY D 247 -13.38 4.51 12.22
CA GLY D 247 -12.56 4.89 11.06
C GLY D 247 -12.81 3.74 10.14
N PRO D 248 -12.05 3.69 9.03
CA PRO D 248 -12.25 2.72 7.96
C PRO D 248 -11.96 1.34 8.43
N LEU D 249 -12.71 0.37 7.97
CA LEU D 249 -12.28 -0.99 8.05
C LEU D 249 -11.47 -1.23 6.78
N TYR D 250 -10.22 -1.66 6.98
CA TYR D 250 -9.29 -1.94 5.90
C TYR D 250 -9.22 -3.43 5.64
N VAL D 251 -9.47 -3.82 4.41
CA VAL D 251 -9.22 -5.22 4.00
C VAL D 251 -8.26 -5.30 2.80
N PRO D 252 -7.12 -6.04 2.96
CA PRO D 252 -6.04 -6.27 2.00
C PRO D 252 -6.48 -6.22 0.56
N GLY D 253 -6.01 -5.19 -0.13
CA GLY D 253 -6.26 -5.03 -1.56
C GLY D 253 -7.71 -5.25 -1.95
N LYS D 254 -8.61 -4.54 -1.26
CA LYS D 254 -10.03 -4.53 -1.59
C LYS D 254 -10.63 -3.20 -1.28
N THR D 255 -10.01 -2.45 -0.36
CA THR D 255 -10.67 -1.25 0.16
C THR D 255 -9.82 0.01 0.18
N GLY D 256 -8.52 -0.14 0.07
CA GLY D 256 -7.73 1.07 0.23
C GLY D 256 -7.60 1.46 1.69
N CYS D 257 -6.53 2.16 1.97
CA CYS D 257 -5.95 2.19 3.28
C CYS D 257 -6.14 3.57 3.82
N TYR D 258 -5.68 3.78 5.05
CA TYR D 258 -5.87 5.03 5.77
C TYR D 258 -5.19 6.20 5.06
N GLU D 259 -4.33 5.89 4.10
CA GLU D 259 -3.59 6.92 3.40
C GLU D 259 -4.20 7.41 2.08
N CYS D 260 -4.77 6.47 1.30
CA CYS D 260 -5.31 6.75 -0.03
C CYS D 260 -5.93 8.13 -0.25
N GLN D 261 -6.70 8.61 0.71
CA GLN D 261 -7.48 9.84 0.49
C GLN D 261 -6.85 11.08 1.05
N LYS D 262 -5.66 10.93 1.64
CA LYS D 262 -4.98 12.07 2.24
C LYS D 262 -4.60 13.09 1.17
N VAL D 263 -4.37 14.32 1.59
CA VAL D 263 -4.16 15.43 0.65
C VAL D 263 -2.97 16.32 1.07
N VAL D 264 -2.35 16.99 0.08
CA VAL D 264 -1.10 17.73 0.28
C VAL D 264 -1.14 18.70 1.47
N ALA D 265 -2.18 19.51 1.59
CA ALA D 265 -2.41 20.29 2.84
C ALA D 265 -1.67 21.62 3.03
N ASP D 266 -2.43 22.72 2.87
CA ASP D 266 -2.04 24.12 3.25
C ASP D 266 -0.62 24.51 2.86
N LYS D 272 2.60 35.10 9.15
CA LYS D 272 3.01 35.75 10.38
C LYS D 272 3.48 34.69 11.41
N GLU D 273 4.80 34.57 11.58
CA GLU D 273 5.40 33.59 12.48
C GLU D 273 5.26 33.96 13.96
N ASN D 274 4.77 35.18 14.24
CA ASN D 274 4.47 35.59 15.61
C ASN D 274 3.18 34.92 16.12
N ILE D 275 2.14 34.89 15.28
CA ILE D 275 0.94 34.15 15.63
C ILE D 275 1.15 32.62 15.51
N ASP D 276 1.98 32.17 14.57
CA ASP D 276 2.23 30.74 14.44
C ASP D 276 2.85 30.17 15.73
N HIS D 277 3.53 31.02 16.47
CA HIS D 277 4.12 30.64 17.74
C HIS D 277 3.01 30.43 18.79
N LYS D 278 2.00 31.30 18.75
CA LYS D 278 0.88 31.20 19.69
C LYS D 278 -0.03 30.01 19.44
N ILE D 279 -0.30 29.68 18.18
CA ILE D 279 -1.15 28.53 17.89
C ILE D 279 -0.53 27.22 18.43
N LYS D 280 0.77 27.03 18.19
CA LYS D 280 1.49 25.88 18.72
C LYS D 280 1.29 25.75 20.22
N LEU D 281 1.50 26.86 20.92
CA LEU D 281 1.46 26.86 22.37
C LEU D 281 0.09 26.48 22.87
N ILE D 282 -0.95 27.12 22.35
CA ILE D 282 -2.32 26.83 22.72
C ILE D 282 -2.64 25.36 22.48
N ASN D 283 -2.33 24.87 21.28
CA ASN D 283 -2.56 23.47 20.94
C ASN D 283 -1.76 22.54 21.81
N SER D 284 -0.61 23.02 22.31
CA SER D 284 0.24 22.16 23.13
C SER D 284 -0.45 21.85 24.45
N ARG D 285 -1.44 22.68 24.77
CA ARG D 285 -2.15 22.62 26.03
C ARG D 285 -3.46 21.83 25.95
N PHE D 286 -3.79 21.33 24.76
CA PHE D 286 -5.03 20.62 24.51
C PHE D 286 -5.30 19.38 25.36
N LYS D 287 -6.46 19.38 26.01
CA LYS D 287 -7.03 18.24 26.73
C LYS D 287 -8.40 17.95 26.09
N PRO D 288 -8.66 16.70 25.66
CA PRO D 288 -9.95 16.39 24.95
C PRO D 288 -11.19 16.50 25.85
N ALA D 289 -12.17 17.30 25.43
CA ALA D 289 -13.46 17.40 26.15
C ALA D 289 -14.36 16.24 25.76
N THR D 290 -14.27 15.19 26.55
CA THR D 290 -14.75 13.90 26.13
C THR D 290 -16.03 13.50 26.92
N PHE D 291 -16.85 12.63 26.33
CA PHE D 291 -18.20 12.37 26.84
C PHE D 291 -18.54 10.87 26.80
N ALA D 292 -18.60 10.24 27.98
CA ALA D 292 -18.83 8.77 28.11
C ALA D 292 -19.77 8.10 27.11
N PRO D 293 -21.04 8.59 26.97
CA PRO D 293 -21.94 7.90 26.06
C PRO D 293 -21.46 7.87 24.63
N VAL D 294 -20.44 8.67 24.30
CA VAL D 294 -19.83 8.66 22.98
C VAL D 294 -18.97 7.43 22.74
N ASN D 295 -18.04 7.15 23.64
CA ASN D 295 -17.29 5.89 23.59
C ASN D 295 -18.19 4.73 23.24
N ASN D 296 -19.35 4.68 23.90
CA ASN D 296 -20.27 3.57 23.75
C ASN D 296 -20.82 3.47 22.35
N VAL D 297 -21.21 4.61 21.79
CA VAL D 297 -21.75 4.63 20.44
C VAL D 297 -20.72 4.12 19.38
N ALA D 298 -19.50 4.66 19.46
CA ALA D 298 -18.40 4.27 18.57
C ALA D 298 -18.03 2.83 18.80
N ALA D 299 -17.86 2.44 20.06
CA ALA D 299 -17.51 1.05 20.37
C ALA D 299 -18.52 0.08 19.78
N ALA D 300 -19.78 0.48 19.80
CA ALA D 300 -20.88 -0.44 19.45
C ALA D 300 -20.97 -0.64 17.97
N LEU D 301 -20.83 0.44 17.23
CA LEU D 301 -20.83 0.38 15.78
C LEU D 301 -19.57 -0.29 15.23
N CYS D 302 -18.43 0.04 15.86
CA CYS D 302 -17.20 -0.63 15.56
C CYS D 302 -17.33 -2.15 15.82
N ALA D 303 -17.91 -2.54 16.94
CA ALA D 303 -18.07 -3.96 17.26
C ALA D 303 -19.00 -4.64 16.26
N ALA D 304 -19.97 -3.87 15.75
CA ALA D 304 -20.95 -4.37 14.80
C ALA D 304 -20.29 -4.67 13.48
N ASP D 305 -19.43 -3.78 13.00
CA ASP D 305 -18.70 -4.06 11.79
C ASP D 305 -17.80 -5.28 11.91
N VAL D 306 -17.25 -5.51 13.09
CA VAL D 306 -16.39 -6.67 13.28
C VAL D 306 -17.16 -8.00 13.10
N ILE D 307 -18.35 -8.08 13.69
CA ILE D 307 -19.16 -9.28 13.63
C ILE D 307 -19.59 -9.54 12.19
N LYS D 308 -19.86 -8.46 11.46
CA LYS D 308 -20.25 -8.56 10.08
C LYS D 308 -19.09 -9.03 9.24
N PHE D 309 -17.92 -8.43 9.48
CA PHE D 309 -16.68 -8.84 8.82
C PHE D 309 -16.34 -10.31 9.07
N ILE D 310 -16.33 -10.75 10.33
CA ILE D 310 -16.08 -12.17 10.56
C ILE D 310 -17.23 -13.09 10.11
N GLY D 311 -18.47 -12.63 10.27
CA GLY D 311 -19.64 -13.48 10.01
C GLY D 311 -19.95 -13.61 8.53
N LYS D 312 -19.45 -12.63 7.78
CA LYS D 312 -19.60 -12.59 6.32
C LYS D 312 -21.07 -12.65 5.92
N TYR D 313 -21.95 -11.95 6.62
CA TYR D 313 -23.38 -12.06 6.32
C TYR D 313 -24.02 -10.79 5.76
N SER D 314 -23.41 -9.63 6.05
CA SER D 314 -23.71 -8.39 5.32
C SER D 314 -22.52 -7.42 5.35
N GLU D 315 -22.47 -6.49 4.40
CA GLU D 315 -21.39 -5.50 4.30
C GLU D 315 -21.18 -4.71 5.58
N PRO D 316 -19.95 -4.69 6.11
CA PRO D 316 -19.68 -3.68 7.13
C PRO D 316 -19.89 -2.25 6.62
N LEU D 317 -20.41 -1.38 7.47
CA LEU D 317 -20.65 0.03 7.13
C LEU D 317 -19.36 0.78 6.92
N SER D 318 -18.30 0.19 7.45
CA SER D 318 -17.05 0.90 7.62
C SER D 318 -16.14 0.84 6.38
N LEU D 319 -16.34 -0.17 5.52
CA LEU D 319 -15.63 -0.28 4.25
C LEU D 319 -15.54 1.08 3.55
N ASN D 320 -14.31 1.53 3.35
CA ASN D 320 -14.00 2.72 2.55
C ASN D 320 -14.51 4.02 3.14
N LYS D 321 -14.84 4.00 4.44
CA LYS D 321 -15.49 5.14 5.08
C LYS D 321 -15.00 5.38 6.48
N ARG D 322 -14.76 6.64 6.81
CA ARG D 322 -14.66 7.01 8.19
C ARG D 322 -15.93 7.72 8.65
N ILE D 323 -16.57 7.16 9.66
CA ILE D 323 -17.87 7.62 10.10
C ILE D 323 -17.80 8.43 11.39
N GLY D 324 -18.43 9.59 11.40
CA GLY D 324 -18.56 10.37 12.63
C GLY D 324 -20.01 10.57 13.07
N ILE D 325 -20.33 10.21 14.33
CA ILE D 325 -21.67 10.44 14.95
C ILE D 325 -21.61 11.61 15.93
N TRP D 326 -22.38 12.65 15.71
CA TRP D 326 -22.38 13.77 16.64
C TRP D 326 -23.13 13.46 17.92
N SER D 327 -22.93 14.26 18.96
CA SER D 327 -23.66 14.07 20.21
C SER D 327 -24.48 15.30 20.69
N ASP D 328 -24.12 16.49 20.27
CA ASP D 328 -24.93 17.68 20.60
C ASP D 328 -25.88 18.06 19.45
N GLU D 329 -26.05 17.13 18.53
CA GLU D 329 -26.76 17.33 17.29
C GLU D 329 -27.01 15.94 16.75
N ILE D 330 -28.07 15.78 15.98
CA ILE D 330 -28.30 14.49 15.36
C ILE D 330 -27.70 14.61 13.98
N LYS D 331 -26.66 13.82 13.74
CA LYS D 331 -25.81 14.00 12.59
C LYS D 331 -24.85 12.85 12.52
N ILE D 332 -24.81 12.25 11.35
CA ILE D 332 -23.87 11.20 11.11
C ILE D 332 -23.24 11.48 9.74
N HIS D 333 -21.98 11.90 9.72
CA HIS D 333 -21.32 12.12 8.44
C HIS D 333 -20.35 11.00 8.12
N SER D 334 -20.23 10.73 6.83
CA SER D 334 -19.36 9.70 6.31
C SER D 334 -18.29 10.35 5.46
N GLN D 335 -17.03 9.94 5.69
CA GLN D 335 -15.90 10.46 4.92
C GLN D 335 -15.27 9.39 4.03
N ASN D 336 -14.98 9.75 2.79
CA ASN D 336 -14.34 8.84 1.82
C ASN D 336 -12.93 8.34 2.22
N MET D 337 -12.78 7.01 2.23
CA MET D 337 -11.50 6.37 2.46
C MET D 337 -11.35 5.24 1.48
N GLY D 338 -11.91 5.40 0.28
CA GLY D 338 -11.80 4.39 -0.78
C GLY D 338 -10.42 4.42 -1.41
N ARG D 339 -10.07 3.37 -2.14
CA ARG D 339 -8.75 3.24 -2.79
C ARG D 339 -8.34 4.36 -3.76
N SER D 340 -7.06 4.71 -3.71
CA SER D 340 -6.46 5.63 -4.65
C SER D 340 -5.36 4.88 -5.43
N PRO D 341 -5.33 5.07 -6.76
CA PRO D 341 -4.33 4.30 -7.53
C PRO D 341 -2.92 4.84 -7.26
N VAL D 342 -2.81 6.15 -7.06
CA VAL D 342 -1.52 6.83 -6.91
C VAL D 342 -1.05 6.97 -5.44
N CYS D 343 -1.50 6.05 -4.60
CA CYS D 343 -1.24 6.10 -3.15
C CYS D 343 0.07 5.39 -2.78
N SER D 344 0.93 6.13 -2.08
CA SER D 344 2.26 5.64 -1.72
C SER D 344 2.27 4.37 -0.87
N VAL D 345 1.22 4.12 -0.09
CA VAL D 345 1.25 2.99 0.85
C VAL D 345 0.78 1.66 0.24
N CYS D 346 -0.37 1.68 -0.44
CA CYS D 346 -0.93 0.45 -1.03
C CYS D 346 -0.90 0.41 -2.57
N GLY D 347 -0.34 1.46 -3.19
CA GLY D 347 -0.27 1.57 -4.64
C GLY D 347 0.92 0.84 -5.24
N ASN D 348 0.74 0.36 -6.48
CA ASN D 348 1.78 -0.33 -7.25
C ASN D 348 2.90 0.65 -7.66
N ARG D 349 3.99 0.66 -6.88
CA ARG D 349 5.18 1.49 -7.15
C ARG D 349 6.08 0.95 -8.29
N MET D 350 5.86 -0.34 -8.64
CA MET D 350 6.61 -1.06 -9.69
C MET D 350 6.12 -0.75 -11.11
N LEU D 351 7.03 -0.88 -12.08
CA LEU D 351 6.70 -0.92 -13.50
C LEU D 351 7.51 -2.03 -14.18
N GLU D 352 6.97 -2.59 -15.26
CA GLU D 352 7.64 -3.67 -15.97
C GLU D 352 8.03 -3.23 -17.37
N HIS D 353 9.27 -3.47 -17.72
CA HIS D 353 9.81 -2.94 -18.98
C HIS D 353 10.21 -4.03 -19.98
N HIS D 354 10.03 -5.29 -19.60
CA HIS D 354 10.38 -6.46 -20.42
C HIS D 354 9.20 -6.95 -21.26
N HIS D 355 9.49 -7.63 -22.37
CA HIS D 355 8.46 -8.36 -23.17
C HIS D 355 8.99 -9.26 -24.29
N HIS D 356 8.28 -10.37 -24.55
CA HIS D 356 8.59 -11.28 -25.65
C HIS D 356 7.79 -10.96 -26.91
N HIS D 357 8.50 -11.11 -28.03
CA HIS D 357 8.26 -10.56 -29.43
C HIS D 357 7.21 -9.45 -29.58
#